data_1WGM
#
_entry.id   1WGM
#
_entity_poly.entity_id   1
_entity_poly.type   'polypeptide(L)'
_entity_poly.pdbx_seq_one_letter_code
;GSSGSSGLQQQEEETYADACDEFLDPIMSTLMCDPVVLPSSRVTVDRSTIARHLLSDQTDPFNRSPLTMDQIRPNTELKE
KIQRWLAERKQQSGPSSG
;
_entity_poly.pdbx_strand_id   A
#
# COMPACT_ATOMS: atom_id res chain seq x y z
N GLY A 1 17.87 30.54 -1.72
CA GLY A 1 18.18 30.04 -3.09
C GLY A 1 19.30 29.03 -3.10
N SER A 2 19.70 28.61 -4.30
CA SER A 2 20.79 27.64 -4.45
C SER A 2 22.15 28.31 -4.28
N SER A 3 23.21 27.51 -4.38
CA SER A 3 24.57 28.03 -4.24
C SER A 3 25.51 27.36 -5.23
N GLY A 4 25.43 26.04 -5.31
CA GLY A 4 26.29 25.29 -6.22
C GLY A 4 25.97 23.81 -6.22
N SER A 5 25.46 23.31 -7.35
CA SER A 5 25.12 21.91 -7.47
C SER A 5 24.06 21.50 -6.45
N SER A 6 23.08 22.38 -6.24
CA SER A 6 22.00 22.11 -5.28
C SER A 6 20.66 22.04 -5.98
N GLY A 7 19.64 21.62 -5.26
CA GLY A 7 18.31 21.51 -5.83
C GLY A 7 17.28 21.03 -4.82
N LEU A 8 16.02 21.37 -5.05
CA LEU A 8 14.94 20.97 -4.17
C LEU A 8 14.64 19.48 -4.30
N GLN A 9 14.40 19.05 -5.54
CA GLN A 9 14.11 17.64 -5.80
C GLN A 9 14.41 17.30 -7.27
N GLN A 10 15.16 16.22 -7.47
CA GLN A 10 15.52 15.78 -8.81
C GLN A 10 14.74 14.52 -9.20
N GLN A 11 13.45 14.70 -9.49
CA GLN A 11 12.60 13.58 -9.88
C GLN A 11 12.54 12.53 -8.77
N GLU A 12 11.66 11.55 -8.95
CA GLU A 12 11.52 10.48 -7.97
C GLU A 12 11.09 11.04 -6.62
N GLU A 13 10.60 10.17 -5.74
CA GLU A 13 10.17 10.58 -4.40
C GLU A 13 10.66 9.60 -3.34
N GLU A 14 10.36 8.32 -3.54
CA GLU A 14 10.77 7.29 -2.60
C GLU A 14 11.41 6.11 -3.33
N THR A 15 11.72 5.06 -2.58
CA THR A 15 12.34 3.86 -3.17
C THR A 15 12.31 2.71 -2.18
N TYR A 16 11.19 2.00 -2.13
CA TYR A 16 11.04 0.87 -1.22
C TYR A 16 11.48 -0.43 -1.90
N ALA A 17 12.74 -0.80 -1.68
CA ALA A 17 13.29 -2.01 -2.27
C ALA A 17 13.64 -3.04 -1.19
N ASP A 18 12.86 -3.02 -0.11
CA ASP A 18 13.08 -3.96 0.99
C ASP A 18 11.78 -4.27 1.70
N ALA A 19 10.68 -4.22 0.97
CA ALA A 19 9.36 -4.51 1.53
C ALA A 19 8.81 -5.83 1.00
N CYS A 20 8.21 -6.61 1.89
CA CYS A 20 7.65 -7.90 1.51
C CYS A 20 6.33 -7.72 0.75
N ASP A 21 5.88 -8.79 0.11
CA ASP A 21 4.63 -8.75 -0.65
C ASP A 21 3.45 -8.36 0.23
N GLU A 22 3.56 -8.69 1.52
CA GLU A 22 2.50 -8.38 2.48
C GLU A 22 2.21 -6.88 2.50
N PHE A 23 3.24 -6.08 2.24
CA PHE A 23 3.10 -4.62 2.24
C PHE A 23 2.94 -4.10 0.82
N LEU A 24 3.59 -4.77 -0.13
CA LEU A 24 3.52 -4.37 -1.53
C LEU A 24 2.16 -4.69 -2.12
N ASP A 25 1.64 -3.77 -2.92
CA ASP A 25 0.33 -3.95 -3.56
C ASP A 25 0.40 -5.05 -4.62
N PRO A 26 -0.66 -5.86 -4.75
CA PRO A 26 -0.71 -6.95 -5.74
C PRO A 26 -0.82 -6.43 -7.17
N ILE A 27 -1.37 -5.23 -7.32
CA ILE A 27 -1.54 -4.63 -8.64
C ILE A 27 -0.56 -3.48 -8.84
N MET A 28 -0.52 -2.56 -7.88
CA MET A 28 0.37 -1.41 -7.96
C MET A 28 1.82 -1.82 -7.75
N SER A 29 2.02 -2.92 -7.01
CA SER A 29 3.37 -3.41 -6.75
C SER A 29 4.19 -2.38 -5.98
N THR A 30 3.52 -1.58 -5.17
CA THR A 30 4.18 -0.55 -4.38
C THR A 30 3.77 -0.62 -2.92
N LEU A 31 4.37 0.23 -2.09
CA LEU A 31 4.06 0.27 -0.67
C LEU A 31 2.57 0.56 -0.44
N MET A 32 1.99 -0.08 0.56
CA MET A 32 0.58 0.12 0.89
C MET A 32 0.43 0.88 2.20
N CYS A 33 -0.26 2.01 2.14
CA CYS A 33 -0.49 2.83 3.33
C CYS A 33 -1.80 2.46 4.01
N ASP A 34 -2.82 2.19 3.20
CA ASP A 34 -4.14 1.82 3.72
C ASP A 34 -4.64 0.55 3.04
N PRO A 35 -4.10 -0.61 3.41
CA PRO A 35 -4.51 -1.90 2.83
C PRO A 35 -5.90 -2.31 3.26
N VAL A 36 -6.80 -2.46 2.29
CA VAL A 36 -8.18 -2.86 2.57
C VAL A 36 -8.41 -4.31 2.19
N VAL A 37 -9.09 -5.05 3.07
CA VAL A 37 -9.39 -6.46 2.82
C VAL A 37 -10.67 -6.62 2.01
N LEU A 38 -10.54 -7.15 0.80
CA LEU A 38 -11.69 -7.36 -0.07
C LEU A 38 -12.52 -8.56 0.40
N PRO A 39 -13.81 -8.33 0.73
CA PRO A 39 -14.70 -9.40 1.21
C PRO A 39 -15.14 -10.34 0.09
N SER A 40 -14.75 -10.03 -1.14
CA SER A 40 -15.12 -10.84 -2.30
C SER A 40 -13.95 -11.72 -2.74
N SER A 41 -12.89 -11.09 -3.23
CA SER A 41 -11.71 -11.81 -3.70
C SER A 41 -10.80 -12.21 -2.54
N ARG A 42 -11.05 -11.65 -1.36
CA ARG A 42 -10.24 -11.94 -0.18
C ARG A 42 -8.79 -11.53 -0.40
N VAL A 43 -8.59 -10.49 -1.20
CA VAL A 43 -7.24 -10.01 -1.50
C VAL A 43 -6.99 -8.66 -0.81
N THR A 44 -5.73 -8.41 -0.47
CA THR A 44 -5.35 -7.17 0.19
C THR A 44 -4.86 -6.14 -0.81
N VAL A 45 -5.57 -5.02 -0.89
CA VAL A 45 -5.21 -3.95 -1.83
C VAL A 45 -5.36 -2.59 -1.17
N ASP A 46 -4.60 -1.61 -1.67
CA ASP A 46 -4.65 -0.25 -1.14
C ASP A 46 -6.07 0.32 -1.25
N ARG A 47 -6.45 1.12 -0.26
CA ARG A 47 -7.77 1.74 -0.24
C ARG A 47 -8.00 2.59 -1.49
N SER A 48 -6.90 3.13 -2.03
CA SER A 48 -6.99 3.96 -3.23
C SER A 48 -6.90 3.11 -4.49
N THR A 49 -6.18 1.99 -4.40
CA THR A 49 -6.02 1.09 -5.53
C THR A 49 -7.36 0.50 -5.96
N ILE A 50 -8.23 0.25 -4.97
CA ILE A 50 -9.54 -0.31 -5.25
C ILE A 50 -10.50 0.76 -5.76
N ALA A 51 -10.35 1.97 -5.25
CA ALA A 51 -11.20 3.09 -5.66
C ALA A 51 -11.12 3.32 -7.17
N ARG A 52 -9.91 3.20 -7.72
CA ARG A 52 -9.71 3.39 -9.14
C ARG A 52 -10.47 2.35 -9.95
N HIS A 53 -10.62 1.16 -9.37
CA HIS A 53 -11.34 0.07 -10.03
C HIS A 53 -12.85 0.20 -9.83
N LEU A 54 -13.24 0.91 -8.78
CA LEU A 54 -14.65 1.11 -8.48
C LEU A 54 -15.16 2.44 -9.04
N LEU A 55 -14.57 2.88 -10.14
CA LEU A 55 -14.95 4.14 -10.77
C LEU A 55 -16.05 3.91 -11.81
N SER A 56 -15.77 3.01 -12.76
CA SER A 56 -16.73 2.70 -13.81
C SER A 56 -17.45 1.38 -13.53
N ASP A 57 -16.70 0.43 -12.98
CA ASP A 57 -17.27 -0.88 -12.66
C ASP A 57 -17.10 -1.20 -11.17
N GLN A 58 -18.13 -0.89 -10.39
CA GLN A 58 -18.11 -1.13 -8.96
C GLN A 58 -18.07 -2.63 -8.65
N THR A 59 -16.90 -3.22 -8.82
CA THR A 59 -16.72 -4.65 -8.56
C THR A 59 -15.27 -4.97 -8.19
N ASP A 60 -14.98 -6.25 -8.04
CA ASP A 60 -13.63 -6.68 -7.70
C ASP A 60 -12.79 -6.93 -8.95
N PRO A 61 -11.49 -6.61 -8.90
CA PRO A 61 -10.58 -6.79 -10.04
C PRO A 61 -10.26 -8.26 -10.29
N PHE A 62 -10.47 -9.10 -9.28
CA PHE A 62 -10.19 -10.53 -9.41
C PHE A 62 -11.48 -11.33 -9.46
N ASN A 63 -12.34 -11.13 -8.46
CA ASN A 63 -13.62 -11.85 -8.40
C ASN A 63 -14.60 -11.32 -9.44
N ARG A 64 -14.51 -10.02 -9.73
CA ARG A 64 -15.40 -9.40 -10.71
C ARG A 64 -16.86 -9.48 -10.26
N SER A 65 -17.07 -9.36 -8.96
CA SER A 65 -18.42 -9.42 -8.40
C SER A 65 -18.79 -8.11 -7.71
N PRO A 66 -20.03 -7.99 -7.23
CA PRO A 66 -20.50 -6.78 -6.55
C PRO A 66 -19.58 -6.36 -5.41
N LEU A 67 -19.00 -5.16 -5.54
CA LEU A 67 -18.10 -4.64 -4.53
C LEU A 67 -18.10 -3.11 -4.54
N THR A 68 -17.94 -2.53 -3.35
CA THR A 68 -17.93 -1.07 -3.22
C THR A 68 -17.01 -0.64 -2.09
N MET A 69 -16.92 0.67 -1.87
CA MET A 69 -16.07 1.22 -0.82
C MET A 69 -16.61 0.86 0.57
N ASP A 70 -17.93 0.71 0.65
CA ASP A 70 -18.58 0.37 1.91
C ASP A 70 -18.32 -1.09 2.28
N GLN A 71 -18.19 -1.94 1.26
CA GLN A 71 -17.95 -3.36 1.48
C GLN A 71 -16.52 -3.59 1.98
N ILE A 72 -15.54 -3.09 1.25
CA ILE A 72 -14.14 -3.24 1.62
C ILE A 72 -13.87 -2.64 2.99
N ARG A 73 -13.08 -3.35 3.80
CA ARG A 73 -12.76 -2.89 5.14
C ARG A 73 -11.24 -2.68 5.29
N PRO A 74 -10.83 -1.77 6.18
CA PRO A 74 -9.41 -1.48 6.42
C PRO A 74 -8.70 -2.62 7.14
N ASN A 75 -7.63 -3.12 6.54
CA ASN A 75 -6.86 -4.21 7.14
C ASN A 75 -6.02 -3.71 8.32
N THR A 76 -6.63 -3.72 9.50
CA THR A 76 -5.95 -3.27 10.71
C THR A 76 -4.80 -4.21 11.08
N GLU A 77 -5.02 -5.51 10.86
CA GLU A 77 -4.01 -6.51 11.17
C GLU A 77 -2.73 -6.25 10.39
N LEU A 78 -2.87 -5.68 9.19
CA LEU A 78 -1.73 -5.38 8.34
C LEU A 78 -1.18 -3.98 8.63
N LYS A 79 -2.09 -3.02 8.77
CA LYS A 79 -1.71 -1.63 9.03
C LYS A 79 -0.81 -1.55 10.27
N GLU A 80 -1.13 -2.33 11.29
CA GLU A 80 -0.36 -2.34 12.52
C GLU A 80 1.06 -2.89 12.27
N LYS A 81 1.18 -3.78 11.30
CA LYS A 81 2.46 -4.37 10.96
C LYS A 81 3.34 -3.37 10.20
N ILE A 82 2.72 -2.55 9.38
CA ILE A 82 3.44 -1.55 8.59
C ILE A 82 4.05 -0.48 9.50
N GLN A 83 3.36 -0.18 10.60
CA GLN A 83 3.83 0.83 11.54
C GLN A 83 5.05 0.33 12.30
N ARG A 84 5.12 -0.99 12.50
CA ARG A 84 6.25 -1.60 13.21
C ARG A 84 7.49 -1.66 12.33
N TRP A 85 7.30 -1.95 11.06
CA TRP A 85 8.40 -2.03 10.11
C TRP A 85 8.90 -0.65 9.71
N LEU A 86 7.96 0.22 9.35
CA LEU A 86 8.30 1.58 8.94
C LEU A 86 9.04 2.31 10.05
N ALA A 87 8.78 1.92 11.29
CA ALA A 87 9.42 2.56 12.44
C ALA A 87 10.71 1.85 12.81
N GLU A 88 10.79 0.55 12.51
CA GLU A 88 11.98 -0.23 12.81
C GLU A 88 13.02 -0.09 11.71
N ARG A 89 12.57 -0.01 10.47
CA ARG A 89 13.47 0.14 9.34
C ARG A 89 14.31 1.40 9.46
N LYS A 90 13.73 2.44 10.05
CA LYS A 90 14.43 3.71 10.22
C LYS A 90 15.42 3.62 11.38
N GLN A 91 16.43 2.78 11.23
CA GLN A 91 17.45 2.59 12.26
C GLN A 91 18.75 3.28 11.86
N GLN A 92 19.19 3.04 10.63
CA GLN A 92 20.43 3.63 10.13
C GLN A 92 21.62 3.22 10.98
N SER A 93 22.81 3.61 10.56
CA SER A 93 24.03 3.27 11.28
C SER A 93 24.25 4.23 12.44
N GLY A 94 23.89 5.48 12.25
CA GLY A 94 24.06 6.48 13.30
C GLY A 94 24.79 7.72 12.82
N PRO A 95 24.11 8.89 12.78
CA PRO A 95 24.74 10.13 12.32
C PRO A 95 26.05 10.42 13.04
N SER A 96 26.78 11.42 12.54
CA SER A 96 28.06 11.79 13.13
C SER A 96 28.40 13.24 12.81
N SER A 97 28.19 14.12 13.79
CA SER A 97 28.48 15.54 13.61
C SER A 97 29.86 15.89 14.16
N GLY A 98 30.25 15.21 15.24
CA GLY A 98 31.54 15.46 15.85
C GLY A 98 32.65 14.61 15.24
N GLY A 1 11.03 3.30 -26.85
CA GLY A 1 10.78 2.04 -26.09
C GLY A 1 9.31 1.79 -25.86
N SER A 2 8.77 2.31 -24.76
CA SER A 2 7.37 2.13 -24.43
C SER A 2 6.97 3.03 -23.26
N SER A 3 5.75 2.86 -22.78
CA SER A 3 5.24 3.65 -21.67
C SER A 3 4.35 2.81 -20.76
N GLY A 4 3.39 2.12 -21.35
CA GLY A 4 2.48 1.28 -20.58
C GLY A 4 1.43 2.09 -19.84
N SER A 5 1.89 2.94 -18.92
CA SER A 5 0.99 3.77 -18.14
C SER A 5 1.18 5.25 -18.46
N SER A 6 0.34 5.78 -19.35
CA SER A 6 0.43 7.17 -19.76
C SER A 6 -0.46 8.05 -18.88
N GLY A 7 0.16 8.85 -18.03
CA GLY A 7 -0.59 9.72 -17.15
C GLY A 7 0.26 10.35 -16.06
N LEU A 8 0.41 9.64 -14.94
CA LEU A 8 1.21 10.13 -13.83
C LEU A 8 0.68 11.47 -13.32
N GLN A 9 1.32 12.00 -12.29
CA GLN A 9 0.92 13.27 -11.71
C GLN A 9 2.03 13.87 -10.85
N GLN A 10 2.63 13.02 -10.01
CA GLN A 10 3.71 13.46 -9.14
C GLN A 10 4.74 12.34 -8.95
N GLN A 11 6.00 12.68 -9.17
CA GLN A 11 7.09 11.72 -9.02
C GLN A 11 7.64 11.72 -7.60
N GLU A 12 7.83 10.53 -7.04
CA GLU A 12 8.36 10.39 -5.69
C GLU A 12 9.74 9.75 -5.69
N GLU A 13 10.36 9.66 -4.52
CA GLU A 13 11.68 9.06 -4.39
C GLU A 13 11.61 7.74 -3.63
N GLU A 14 10.73 7.69 -2.63
CA GLU A 14 10.57 6.49 -1.82
C GLU A 14 10.10 5.32 -2.68
N THR A 15 11.01 4.38 -2.93
CA THR A 15 10.70 3.21 -3.74
C THR A 15 10.26 2.05 -2.86
N TYR A 16 10.87 1.94 -1.68
CA TYR A 16 10.54 0.87 -0.75
C TYR A 16 10.81 -0.51 -1.37
N ALA A 17 12.06 -0.95 -1.29
CA ALA A 17 12.44 -2.24 -1.85
C ALA A 17 12.74 -3.25 -0.74
N ASP A 18 13.23 -2.75 0.39
CA ASP A 18 13.55 -3.61 1.53
C ASP A 18 12.31 -4.35 2.01
N ALA A 19 11.16 -3.72 1.87
CA ALA A 19 9.90 -4.32 2.30
C ALA A 19 9.64 -5.63 1.57
N CYS A 20 8.65 -6.38 2.04
CA CYS A 20 8.30 -7.65 1.42
C CYS A 20 6.97 -7.56 0.68
N ASP A 21 6.60 -8.64 0.00
CA ASP A 21 5.35 -8.68 -0.76
C ASP A 21 4.16 -8.45 0.15
N GLU A 22 4.30 -8.81 1.42
CA GLU A 22 3.23 -8.64 2.39
C GLU A 22 2.79 -7.18 2.48
N PHE A 23 3.75 -6.26 2.35
CA PHE A 23 3.45 -4.84 2.41
C PHE A 23 3.21 -4.26 1.02
N LEU A 24 3.93 -4.80 0.03
CA LEU A 24 3.80 -4.34 -1.34
C LEU A 24 2.41 -4.66 -1.89
N ASP A 25 1.88 -3.76 -2.71
CA ASP A 25 0.57 -3.94 -3.31
C ASP A 25 0.63 -4.94 -4.46
N PRO A 26 -0.39 -5.81 -4.60
CA PRO A 26 -0.44 -6.81 -5.67
C PRO A 26 -0.54 -6.17 -7.05
N ILE A 27 -1.11 -4.98 -7.11
CA ILE A 27 -1.28 -4.26 -8.36
C ILE A 27 -0.30 -3.10 -8.47
N MET A 28 -0.39 -2.17 -7.51
CA MET A 28 0.49 -1.01 -7.50
C MET A 28 1.94 -1.41 -7.35
N SER A 29 2.17 -2.56 -6.71
CA SER A 29 3.52 -3.06 -6.50
C SER A 29 4.35 -2.08 -5.66
N THR A 30 3.67 -1.38 -4.76
CA THR A 30 4.33 -0.41 -3.90
C THR A 30 3.87 -0.58 -2.45
N LEU A 31 4.48 0.19 -1.54
CA LEU A 31 4.12 0.13 -0.13
C LEU A 31 2.65 0.45 0.08
N MET A 32 2.04 -0.22 1.06
CA MET A 32 0.64 -0.01 1.37
C MET A 32 0.46 0.66 2.73
N CYS A 33 -0.29 1.76 2.75
CA CYS A 33 -0.53 2.49 3.99
C CYS A 33 -1.85 2.06 4.62
N ASP A 34 -2.91 2.03 3.81
CA ASP A 34 -4.22 1.64 4.29
C ASP A 34 -4.77 0.48 3.48
N PRO A 35 -4.23 -0.73 3.68
CA PRO A 35 -4.67 -1.94 2.95
C PRO A 35 -6.08 -2.38 3.37
N VAL A 36 -7.00 -2.34 2.42
CA VAL A 36 -8.38 -2.74 2.68
C VAL A 36 -8.61 -4.20 2.28
N VAL A 37 -9.24 -4.95 3.18
CA VAL A 37 -9.52 -6.36 2.92
C VAL A 37 -10.79 -6.52 2.07
N LEU A 38 -10.63 -7.15 0.91
CA LEU A 38 -11.76 -7.37 0.00
C LEU A 38 -12.60 -8.56 0.47
N PRO A 39 -13.91 -8.34 0.72
CA PRO A 39 -14.81 -9.40 1.17
C PRO A 39 -15.09 -10.45 0.10
N SER A 40 -14.66 -10.17 -1.13
CA SER A 40 -14.86 -11.10 -2.23
C SER A 40 -13.56 -11.76 -2.65
N SER A 41 -12.74 -11.05 -3.41
CA SER A 41 -11.46 -11.57 -3.88
C SER A 41 -10.56 -11.96 -2.71
N ARG A 42 -10.81 -11.39 -1.55
CA ARG A 42 -10.03 -11.68 -0.36
C ARG A 42 -8.57 -11.29 -0.58
N VAL A 43 -8.35 -10.26 -1.38
CA VAL A 43 -6.99 -9.78 -1.67
C VAL A 43 -6.78 -8.39 -1.09
N THR A 44 -6.04 -8.31 0.00
CA THR A 44 -5.75 -7.03 0.65
C THR A 44 -5.04 -6.09 -0.30
N VAL A 45 -5.62 -4.91 -0.51
CA VAL A 45 -5.04 -3.91 -1.40
C VAL A 45 -5.26 -2.50 -0.86
N ASP A 46 -4.45 -1.56 -1.34
CA ASP A 46 -4.56 -0.17 -0.91
C ASP A 46 -5.95 0.38 -1.20
N ARG A 47 -6.44 1.23 -0.30
CA ARG A 47 -7.76 1.83 -0.45
C ARG A 47 -7.85 2.63 -1.75
N SER A 48 -6.72 3.18 -2.18
CA SER A 48 -6.67 3.95 -3.42
C SER A 48 -6.56 3.05 -4.63
N THR A 49 -5.90 1.91 -4.46
CA THR A 49 -5.71 0.94 -5.54
C THR A 49 -7.05 0.32 -5.93
N ILE A 50 -7.92 0.12 -4.95
CA ILE A 50 -9.23 -0.47 -5.20
C ILE A 50 -10.24 0.60 -5.60
N ALA A 51 -10.08 1.79 -5.06
CA ALA A 51 -10.97 2.90 -5.36
C ALA A 51 -10.98 3.22 -6.85
N ARG A 52 -9.80 3.18 -7.46
CA ARG A 52 -9.66 3.46 -8.89
C ARG A 52 -10.41 2.43 -9.71
N HIS A 53 -10.40 1.18 -9.24
CA HIS A 53 -11.08 0.10 -9.95
C HIS A 53 -12.59 0.14 -9.69
N LEU A 54 -12.99 0.77 -8.59
CA LEU A 54 -14.40 0.89 -8.24
C LEU A 54 -14.97 2.24 -8.69
N LEU A 55 -14.44 2.75 -9.80
CA LEU A 55 -14.90 4.02 -10.33
C LEU A 55 -16.04 3.82 -11.33
N SER A 56 -15.74 3.14 -12.43
CA SER A 56 -16.75 2.89 -13.46
C SER A 56 -17.35 1.50 -13.28
N ASP A 57 -16.54 0.55 -12.82
CA ASP A 57 -17.00 -0.82 -12.61
C ASP A 57 -16.84 -1.21 -11.14
N GLN A 58 -17.91 -1.04 -10.37
CA GLN A 58 -17.89 -1.38 -8.95
C GLN A 58 -17.75 -2.88 -8.76
N THR A 59 -16.54 -3.39 -8.93
CA THR A 59 -16.27 -4.82 -8.77
C THR A 59 -14.82 -5.06 -8.37
N ASP A 60 -14.48 -6.32 -8.15
CA ASP A 60 -13.12 -6.69 -7.76
C ASP A 60 -12.25 -6.88 -8.99
N PRO A 61 -10.97 -6.44 -8.91
CA PRO A 61 -10.02 -6.57 -10.03
C PRO A 61 -9.50 -8.00 -10.20
N PHE A 62 -9.88 -8.88 -9.27
CA PHE A 62 -9.43 -10.27 -9.32
C PHE A 62 -10.62 -11.22 -9.44
N ASN A 63 -11.62 -11.04 -8.59
CA ASN A 63 -12.81 -11.89 -8.60
C ASN A 63 -13.83 -11.36 -9.60
N ARG A 64 -13.81 -10.06 -9.85
CA ARG A 64 -14.74 -9.45 -10.79
C ARG A 64 -16.18 -9.57 -10.30
N SER A 65 -16.34 -9.57 -8.97
CA SER A 65 -17.66 -9.69 -8.37
C SER A 65 -18.16 -8.32 -7.88
N PRO A 66 -19.46 -8.21 -7.56
CA PRO A 66 -20.04 -6.96 -7.08
C PRO A 66 -19.40 -6.48 -5.78
N LEU A 67 -18.61 -5.41 -5.88
CA LEU A 67 -17.94 -4.85 -4.72
C LEU A 67 -18.06 -3.34 -4.70
N THR A 68 -18.06 -2.76 -3.50
CA THR A 68 -18.18 -1.32 -3.34
C THR A 68 -17.13 -0.79 -2.38
N MET A 69 -17.16 0.52 -2.14
CA MET A 69 -16.20 1.15 -1.22
C MET A 69 -16.62 0.92 0.23
N ASP A 70 -17.91 0.77 0.46
CA ASP A 70 -18.42 0.55 1.81
C ASP A 70 -18.15 -0.87 2.28
N GLN A 71 -18.21 -1.82 1.34
CA GLN A 71 -17.96 -3.21 1.66
C GLN A 71 -16.54 -3.43 2.14
N ILE A 72 -15.57 -3.01 1.32
CA ILE A 72 -14.16 -3.16 1.66
C ILE A 72 -13.84 -2.44 2.97
N ARG A 73 -13.15 -3.15 3.87
CA ARG A 73 -12.78 -2.58 5.16
C ARG A 73 -11.27 -2.52 5.31
N PRO A 74 -10.77 -1.59 6.15
CA PRO A 74 -9.32 -1.44 6.37
C PRO A 74 -8.75 -2.58 7.21
N ASN A 75 -7.72 -3.25 6.67
CA ASN A 75 -7.09 -4.36 7.37
C ASN A 75 -6.24 -3.86 8.52
N THR A 76 -6.83 -3.83 9.72
CA THR A 76 -6.12 -3.38 10.91
C THR A 76 -4.96 -4.31 11.25
N GLU A 77 -5.12 -5.59 10.93
CA GLU A 77 -4.09 -6.58 11.20
C GLU A 77 -2.85 -6.31 10.36
N LEU A 78 -3.06 -5.80 9.14
CA LEU A 78 -1.96 -5.50 8.25
C LEU A 78 -1.46 -4.07 8.45
N LYS A 79 -2.39 -3.15 8.69
CA LYS A 79 -2.05 -1.75 8.90
C LYS A 79 -1.09 -1.59 10.07
N GLU A 80 -1.27 -2.44 11.09
CA GLU A 80 -0.42 -2.40 12.28
C GLU A 80 0.96 -2.97 11.97
N LYS A 81 1.01 -3.93 11.06
CA LYS A 81 2.27 -4.56 10.67
C LYS A 81 3.15 -3.59 9.89
N ILE A 82 2.52 -2.79 9.04
CA ILE A 82 3.24 -1.82 8.23
C ILE A 82 3.84 -0.71 9.11
N GLN A 83 3.05 -0.24 10.07
CA GLN A 83 3.50 0.81 10.97
C GLN A 83 4.72 0.36 11.77
N ARG A 84 4.79 -0.94 12.05
CA ARG A 84 5.91 -1.49 12.80
C ARG A 84 7.18 -1.51 11.95
N TRP A 85 7.02 -1.81 10.67
CA TRP A 85 8.15 -1.86 9.74
C TRP A 85 8.61 -0.46 9.37
N LEU A 86 7.65 0.44 9.14
CA LEU A 86 7.96 1.82 8.76
C LEU A 86 8.78 2.50 9.84
N ALA A 87 8.55 2.11 11.09
CA ALA A 87 9.28 2.69 12.22
C ALA A 87 10.54 1.88 12.53
N GLU A 88 10.50 0.59 12.24
CA GLU A 88 11.63 -0.29 12.50
C GLU A 88 12.71 -0.09 11.45
N ARG A 89 12.30 0.16 10.20
CA ARG A 89 13.23 0.38 9.11
C ARG A 89 13.99 1.69 9.29
N LYS A 90 13.34 2.67 9.89
CA LYS A 90 13.95 3.97 10.13
C LYS A 90 14.71 3.99 11.46
N GLN A 91 15.61 3.03 11.63
CA GLN A 91 16.40 2.94 12.85
C GLN A 91 17.43 4.06 12.92
N GLN A 92 17.89 4.51 11.76
CA GLN A 92 18.88 5.58 11.69
C GLN A 92 20.18 5.17 12.37
N SER A 93 20.76 4.07 11.91
CA SER A 93 22.01 3.56 12.47
C SER A 93 23.19 3.88 11.55
N GLY A 94 23.10 5.01 10.87
CA GLY A 94 24.16 5.42 9.98
C GLY A 94 23.64 5.93 8.65
N PRO A 95 24.41 5.78 7.55
CA PRO A 95 24.01 6.24 6.22
C PRO A 95 22.86 5.40 5.66
N SER A 96 22.79 4.14 6.05
CA SER A 96 21.75 3.24 5.58
C SER A 96 21.80 3.09 4.07
N SER A 97 20.79 2.44 3.51
CA SER A 97 20.72 2.23 2.06
C SER A 97 20.44 3.54 1.33
N GLY A 98 19.26 4.10 1.57
CA GLY A 98 18.88 5.35 0.94
C GLY A 98 18.79 5.22 -0.57
N GLY A 1 3.06 12.07 -23.89
CA GLY A 1 4.46 11.77 -24.32
C GLY A 1 4.98 10.47 -23.73
N SER A 2 4.76 10.28 -22.44
CA SER A 2 5.21 9.08 -21.76
C SER A 2 4.32 8.76 -20.56
N SER A 3 4.08 7.46 -20.33
CA SER A 3 3.24 7.03 -19.22
C SER A 3 4.06 6.86 -17.95
N GLY A 4 3.49 7.28 -16.82
CA GLY A 4 4.18 7.16 -15.55
C GLY A 4 3.31 7.56 -14.38
N SER A 5 3.46 8.79 -13.91
CA SER A 5 2.68 9.29 -12.78
C SER A 5 2.55 10.80 -12.85
N SER A 6 1.36 11.30 -12.54
CA SER A 6 1.10 12.74 -12.57
C SER A 6 -0.26 13.06 -11.94
N GLY A 7 -1.33 12.72 -12.65
CA GLY A 7 -2.67 12.98 -12.14
C GLY A 7 -3.25 11.78 -11.43
N LEU A 8 -3.72 12.00 -10.21
CA LEU A 8 -4.32 10.93 -9.41
C LEU A 8 -3.31 9.82 -9.16
N GLN A 9 -2.51 9.97 -8.11
CA GLN A 9 -1.51 8.97 -7.77
C GLN A 9 -0.79 9.35 -6.47
N GLN A 10 -0.59 8.36 -5.61
CA GLN A 10 0.09 8.58 -4.33
C GLN A 10 1.54 8.15 -4.41
N GLN A 11 2.17 8.38 -5.55
CA GLN A 11 3.57 8.03 -5.76
C GLN A 11 4.44 9.26 -5.75
N GLU A 12 4.93 9.63 -4.56
CA GLU A 12 5.78 10.81 -4.41
C GLU A 12 7.06 10.44 -3.66
N GLU A 13 8.16 10.32 -4.40
CA GLU A 13 9.45 9.97 -3.80
C GLU A 13 9.39 8.62 -3.11
N GLU A 14 8.70 7.67 -3.72
CA GLU A 14 8.57 6.33 -3.17
C GLU A 14 9.78 5.47 -3.51
N THR A 15 10.49 5.00 -2.48
CA THR A 15 11.67 4.17 -2.67
C THR A 15 11.73 3.07 -1.61
N TYR A 16 10.96 2.02 -1.82
CA TYR A 16 10.93 0.89 -0.89
C TYR A 16 11.46 -0.37 -1.54
N ALA A 17 12.77 -0.54 -1.53
CA ALA A 17 13.41 -1.71 -2.11
C ALA A 17 13.89 -2.68 -1.04
N ASP A 18 13.16 -2.72 0.08
CA ASP A 18 13.51 -3.60 1.18
C ASP A 18 12.28 -3.93 2.03
N ALA A 19 11.12 -3.97 1.37
CA ALA A 19 9.87 -4.27 2.07
C ALA A 19 9.43 -5.70 1.79
N CYS A 20 8.45 -6.17 2.57
CA CYS A 20 7.93 -7.52 2.40
C CYS A 20 6.84 -7.56 1.32
N ASP A 21 6.37 -8.77 1.02
CA ASP A 21 5.32 -8.94 0.02
C ASP A 21 3.97 -8.56 0.58
N GLU A 22 3.77 -8.78 1.87
CA GLU A 22 2.52 -8.46 2.53
C GLU A 22 2.24 -6.96 2.49
N PHE A 23 3.31 -6.17 2.43
CA PHE A 23 3.18 -4.71 2.39
C PHE A 23 3.03 -4.23 0.95
N LEU A 24 3.63 -4.94 0.02
CA LEU A 24 3.57 -4.59 -1.39
C LEU A 24 2.17 -4.84 -1.95
N ASP A 25 1.74 -3.97 -2.86
CA ASP A 25 0.42 -4.09 -3.47
C ASP A 25 0.46 -5.07 -4.64
N PRO A 26 -0.60 -5.88 -4.82
CA PRO A 26 -0.67 -6.86 -5.90
C PRO A 26 -0.84 -6.20 -7.26
N ILE A 27 -1.43 -5.01 -7.27
CA ILE A 27 -1.65 -4.28 -8.51
C ILE A 27 -0.66 -3.13 -8.66
N MET A 28 -0.65 -2.24 -7.66
CA MET A 28 0.24 -1.09 -7.67
C MET A 28 1.71 -1.54 -7.59
N SER A 29 1.94 -2.68 -6.96
CA SER A 29 3.30 -3.21 -6.83
C SER A 29 4.16 -2.26 -6.01
N THR A 30 3.55 -1.54 -5.08
CA THR A 30 4.28 -0.60 -4.25
C THR A 30 3.91 -0.78 -2.77
N LEU A 31 4.53 0.02 -1.91
CA LEU A 31 4.26 -0.05 -0.48
C LEU A 31 2.82 0.33 -0.17
N MET A 32 2.17 -0.47 0.67
CA MET A 32 0.78 -0.22 1.05
C MET A 32 0.71 0.56 2.35
N CYS A 33 -0.20 1.53 2.40
CA CYS A 33 -0.37 2.35 3.60
C CYS A 33 -1.69 2.02 4.29
N ASP A 34 -2.73 1.80 3.51
CA ASP A 34 -4.04 1.47 4.05
C ASP A 34 -4.66 0.28 3.31
N PRO A 35 -4.17 -0.93 3.58
CA PRO A 35 -4.68 -2.15 2.93
C PRO A 35 -6.09 -2.50 3.39
N VAL A 36 -6.98 -2.71 2.42
CA VAL A 36 -8.37 -3.06 2.71
C VAL A 36 -8.69 -4.47 2.24
N VAL A 37 -9.28 -5.27 3.13
CA VAL A 37 -9.65 -6.64 2.80
C VAL A 37 -10.92 -6.68 1.96
N LEU A 38 -10.84 -7.32 0.80
CA LEU A 38 -11.99 -7.44 -0.09
C LEU A 38 -12.86 -8.63 0.30
N PRO A 39 -14.17 -8.40 0.50
CA PRO A 39 -15.10 -9.47 0.88
C PRO A 39 -15.41 -10.41 -0.27
N SER A 40 -14.92 -10.09 -1.46
CA SER A 40 -15.17 -10.92 -2.64
C SER A 40 -13.88 -11.65 -3.06
N SER A 41 -13.01 -10.93 -3.75
CA SER A 41 -11.74 -11.51 -4.21
C SER A 41 -10.88 -11.99 -3.04
N ARG A 42 -11.11 -11.41 -1.87
CA ARG A 42 -10.34 -11.78 -0.69
C ARG A 42 -8.86 -11.49 -0.89
N VAL A 43 -8.57 -10.41 -1.60
CA VAL A 43 -7.20 -10.02 -1.87
C VAL A 43 -6.87 -8.67 -1.21
N THR A 44 -5.99 -8.69 -0.22
CA THR A 44 -5.60 -7.49 0.48
C THR A 44 -4.97 -6.48 -0.47
N VAL A 45 -5.69 -5.38 -0.73
CA VAL A 45 -5.20 -4.34 -1.62
C VAL A 45 -5.37 -2.96 -0.99
N ASP A 46 -4.56 -2.01 -1.44
CA ASP A 46 -4.63 -0.64 -0.92
C ASP A 46 -6.02 -0.05 -1.14
N ARG A 47 -6.47 0.75 -0.17
CA ARG A 47 -7.78 1.37 -0.25
C ARG A 47 -7.88 2.27 -1.48
N SER A 48 -6.75 2.82 -1.91
CA SER A 48 -6.70 3.68 -3.07
C SER A 48 -6.64 2.87 -4.35
N THR A 49 -6.00 1.70 -4.28
CA THR A 49 -5.88 0.83 -5.44
C THR A 49 -7.23 0.34 -5.91
N ILE A 50 -8.09 0.02 -4.95
CA ILE A 50 -9.44 -0.46 -5.26
C ILE A 50 -10.36 0.70 -5.64
N ALA A 51 -10.08 1.88 -5.09
CA ALA A 51 -10.89 3.06 -5.37
C ALA A 51 -10.86 3.41 -6.86
N ARG A 52 -9.65 3.39 -7.44
CA ARG A 52 -9.49 3.69 -8.85
C ARG A 52 -10.26 2.70 -9.71
N HIS A 53 -10.32 1.46 -9.26
CA HIS A 53 -11.03 0.41 -9.99
C HIS A 53 -12.54 0.54 -9.80
N LEU A 54 -12.94 1.15 -8.69
CA LEU A 54 -14.36 1.35 -8.40
C LEU A 54 -14.84 2.72 -8.86
N LEU A 55 -14.22 3.22 -9.93
CA LEU A 55 -14.59 4.53 -10.47
C LEU A 55 -15.57 4.38 -11.63
N SER A 56 -15.17 3.62 -12.64
CA SER A 56 -16.01 3.39 -13.82
C SER A 56 -16.86 2.14 -13.63
N ASP A 57 -16.30 1.13 -12.97
CA ASP A 57 -17.02 -0.11 -12.74
C ASP A 57 -16.93 -0.51 -11.27
N GLN A 58 -18.03 -0.39 -10.55
CA GLN A 58 -18.07 -0.74 -9.14
C GLN A 58 -18.02 -2.25 -8.95
N THR A 59 -16.83 -2.81 -9.11
CA THR A 59 -16.63 -4.26 -8.96
C THR A 59 -15.20 -4.56 -8.54
N ASP A 60 -14.90 -5.85 -8.39
CA ASP A 60 -13.57 -6.29 -7.99
C ASP A 60 -12.67 -6.49 -9.21
N PRO A 61 -11.38 -6.17 -9.07
CA PRO A 61 -10.41 -6.32 -10.17
C PRO A 61 -10.00 -7.76 -10.40
N PHE A 62 -10.34 -8.64 -9.46
CA PHE A 62 -10.01 -10.06 -9.58
C PHE A 62 -11.26 -10.91 -9.76
N ASN A 63 -12.25 -10.69 -8.90
CA ASN A 63 -13.49 -11.45 -8.96
C ASN A 63 -14.45 -10.86 -9.99
N ARG A 64 -14.35 -9.55 -10.21
CA ARG A 64 -15.21 -8.86 -11.17
C ARG A 64 -16.67 -8.92 -10.73
N SER A 65 -16.88 -8.94 -9.41
CA SER A 65 -18.22 -8.99 -8.85
C SER A 65 -18.61 -7.64 -8.25
N PRO A 66 -19.90 -7.44 -7.97
CA PRO A 66 -20.40 -6.19 -7.39
C PRO A 66 -19.72 -5.86 -6.06
N LEU A 67 -18.91 -4.79 -6.06
CA LEU A 67 -18.20 -4.37 -4.86
C LEU A 67 -18.22 -2.86 -4.72
N THR A 68 -18.25 -2.38 -3.49
CA THR A 68 -18.27 -0.94 -3.21
C THR A 68 -17.17 -0.57 -2.21
N MET A 69 -17.13 0.71 -1.85
CA MET A 69 -16.13 1.20 -0.90
C MET A 69 -16.55 0.87 0.54
N ASP A 70 -17.86 0.76 0.76
CA ASP A 70 -18.37 0.46 2.09
C ASP A 70 -18.27 -1.03 2.38
N GLN A 71 -18.43 -1.85 1.35
CA GLN A 71 -18.35 -3.30 1.50
C GLN A 71 -16.97 -3.73 1.99
N ILE A 72 -15.94 -3.07 1.48
CA ILE A 72 -14.57 -3.39 1.86
C ILE A 72 -14.26 -2.90 3.27
N ARG A 73 -13.32 -3.56 3.93
CA ARG A 73 -12.93 -3.19 5.29
C ARG A 73 -11.42 -3.00 5.39
N PRO A 74 -10.98 -2.08 6.27
CA PRO A 74 -9.55 -1.81 6.47
C PRO A 74 -8.84 -2.92 7.24
N ASN A 75 -7.76 -3.44 6.67
CA ASN A 75 -6.99 -4.50 7.31
C ASN A 75 -6.16 -3.95 8.47
N THR A 76 -6.76 -3.94 9.66
CA THR A 76 -6.07 -3.44 10.85
C THR A 76 -4.84 -4.29 11.16
N GLU A 77 -4.97 -5.59 10.97
CA GLU A 77 -3.87 -6.52 11.23
C GLU A 77 -2.66 -6.18 10.37
N LEU A 78 -2.91 -5.67 9.18
CA LEU A 78 -1.85 -5.31 8.25
C LEU A 78 -1.40 -3.86 8.47
N LYS A 79 -2.37 -2.99 8.73
CA LYS A 79 -2.10 -1.57 8.95
C LYS A 79 -1.11 -1.38 10.09
N GLU A 80 -1.16 -2.28 11.07
CA GLU A 80 -0.26 -2.21 12.22
C GLU A 80 1.14 -2.71 11.86
N LYS A 81 1.20 -3.64 10.91
CA LYS A 81 2.48 -4.20 10.47
C LYS A 81 3.28 -3.18 9.68
N ILE A 82 2.57 -2.31 8.97
CA ILE A 82 3.23 -1.27 8.17
C ILE A 82 3.80 -0.17 9.06
N GLN A 83 3.14 0.07 10.19
CA GLN A 83 3.59 1.09 11.12
C GLN A 83 4.83 0.63 11.89
N ARG A 84 4.93 -0.68 12.10
CA ARG A 84 6.07 -1.25 12.83
C ARG A 84 7.30 -1.31 11.93
N TRP A 85 7.09 -1.58 10.66
CA TRP A 85 8.19 -1.67 9.70
C TRP A 85 8.70 -0.28 9.32
N LEU A 86 7.76 0.64 9.07
CA LEU A 86 8.12 2.00 8.71
C LEU A 86 8.99 2.65 9.76
N ALA A 87 8.81 2.25 11.01
CA ALA A 87 9.59 2.78 12.12
C ALA A 87 10.83 1.93 12.40
N GLU A 88 10.74 0.65 12.09
CA GLU A 88 11.86 -0.26 12.30
C GLU A 88 12.87 -0.18 11.16
N ARG A 89 12.38 0.14 9.97
CA ARG A 89 13.25 0.25 8.80
C ARG A 89 14.22 1.41 8.95
N LYS A 90 13.81 2.43 9.70
CA LYS A 90 14.66 3.60 9.92
C LYS A 90 15.52 3.43 11.16
N GLN A 91 16.24 2.31 11.22
CA GLN A 91 17.12 2.02 12.35
C GLN A 91 18.57 2.28 11.99
N GLN A 92 19.16 3.30 12.59
CA GLN A 92 20.55 3.66 12.33
C GLN A 92 21.41 3.41 13.56
N SER A 93 22.10 2.27 13.59
CA SER A 93 22.96 1.92 14.71
C SER A 93 24.35 2.50 14.53
N GLY A 94 25.06 2.02 13.52
CA GLY A 94 26.41 2.51 13.25
C GLY A 94 27.48 1.54 13.73
N PRO A 95 28.03 1.75 14.94
CA PRO A 95 29.07 0.88 15.49
C PRO A 95 28.66 -0.59 15.48
N SER A 96 27.40 -0.85 15.84
CA SER A 96 26.88 -2.21 15.88
C SER A 96 26.87 -2.82 14.48
N SER A 97 26.35 -4.05 14.38
CA SER A 97 26.26 -4.74 13.10
C SER A 97 27.66 -4.95 12.51
N GLY A 98 27.75 -5.84 11.53
CA GLY A 98 29.03 -6.12 10.90
C GLY A 98 28.88 -6.98 9.66
N GLY A 1 21.74 2.35 -18.65
CA GLY A 1 21.87 3.11 -19.92
C GLY A 1 23.01 2.60 -20.79
N SER A 2 23.82 3.53 -21.30
CA SER A 2 24.96 3.17 -22.14
C SER A 2 26.21 2.97 -21.29
N SER A 3 26.52 3.95 -20.45
CA SER A 3 27.69 3.87 -19.59
C SER A 3 27.62 4.92 -18.48
N GLY A 4 26.99 4.56 -17.37
CA GLY A 4 26.86 5.48 -16.25
C GLY A 4 25.81 6.55 -16.49
N SER A 5 26.04 7.39 -17.49
CA SER A 5 25.11 8.46 -17.83
C SER A 5 23.78 7.88 -18.32
N SER A 6 22.75 7.99 -17.48
CA SER A 6 21.43 7.49 -17.83
C SER A 6 20.33 8.32 -17.18
N GLY A 7 19.95 9.41 -17.82
CA GLY A 7 18.92 10.27 -17.29
C GLY A 7 19.49 11.53 -16.65
N LEU A 8 18.61 12.50 -16.38
CA LEU A 8 19.04 13.75 -15.77
C LEU A 8 18.77 13.74 -14.27
N GLN A 9 17.50 13.71 -13.89
CA GLN A 9 17.12 13.70 -12.49
C GLN A 9 16.95 12.26 -11.98
N GLN A 10 17.35 12.04 -10.74
CA GLN A 10 17.26 10.71 -10.14
C GLN A 10 17.45 10.79 -8.62
N GLN A 11 16.93 11.84 -8.01
CA GLN A 11 17.05 12.03 -6.57
C GLN A 11 16.25 10.96 -5.82
N GLU A 12 16.85 10.42 -4.77
CA GLU A 12 16.19 9.39 -3.96
C GLU A 12 15.47 10.01 -2.77
N GLU A 13 14.34 9.42 -2.41
CA GLU A 13 13.55 9.92 -1.28
C GLU A 13 12.61 8.84 -0.75
N GLU A 14 11.75 8.33 -1.63
CA GLU A 14 10.81 7.29 -1.26
C GLU A 14 10.77 6.19 -2.31
N THR A 15 11.44 5.07 -2.01
CA THR A 15 11.49 3.94 -2.92
C THR A 15 11.01 2.67 -2.24
N TYR A 16 11.44 2.46 -1.01
CA TYR A 16 11.06 1.27 -0.24
C TYR A 16 11.54 0.00 -0.94
N ALA A 17 12.82 -0.04 -1.27
CA ALA A 17 13.40 -1.19 -1.94
C ALA A 17 13.53 -2.38 -0.99
N ASP A 18 13.60 -2.09 0.30
CA ASP A 18 13.73 -3.14 1.30
C ASP A 18 12.37 -3.47 1.91
N ALA A 19 11.31 -3.29 1.14
CA ALA A 19 9.97 -3.58 1.60
C ALA A 19 9.59 -5.03 1.32
N CYS A 20 8.67 -5.56 2.12
CA CYS A 20 8.22 -6.95 1.97
C CYS A 20 7.02 -7.02 1.04
N ASP A 21 6.82 -8.19 0.44
CA ASP A 21 5.70 -8.39 -0.48
C ASP A 21 4.36 -8.25 0.24
N GLU A 22 4.35 -8.60 1.53
CA GLU A 22 3.14 -8.50 2.34
C GLU A 22 2.63 -7.07 2.38
N PHE A 23 3.54 -6.11 2.31
CA PHE A 23 3.18 -4.70 2.34
C PHE A 23 2.92 -4.17 0.94
N LEU A 24 3.61 -4.74 -0.05
CA LEU A 24 3.46 -4.34 -1.44
C LEU A 24 2.03 -4.58 -1.92
N ASP A 25 1.67 -3.96 -3.04
CA ASP A 25 0.34 -4.11 -3.61
C ASP A 25 0.34 -5.17 -4.72
N PRO A 26 -0.69 -6.03 -4.76
CA PRO A 26 -0.79 -7.08 -5.78
C PRO A 26 -0.98 -6.51 -7.19
N ILE A 27 -1.54 -5.30 -7.26
CA ILE A 27 -1.77 -4.64 -8.54
C ILE A 27 -0.79 -3.50 -8.76
N MET A 28 -0.69 -2.61 -7.77
CA MET A 28 0.20 -1.46 -7.87
C MET A 28 1.66 -1.88 -7.73
N SER A 29 1.89 -3.00 -7.04
CA SER A 29 3.24 -3.50 -6.85
C SER A 29 4.10 -2.48 -6.09
N THR A 30 3.46 -1.71 -5.22
CA THR A 30 4.15 -0.70 -4.43
C THR A 30 3.72 -0.75 -2.97
N LEU A 31 4.34 0.08 -2.14
CA LEU A 31 4.01 0.12 -0.72
C LEU A 31 2.54 0.48 -0.52
N MET A 32 1.90 -0.21 0.42
CA MET A 32 0.49 0.03 0.72
C MET A 32 0.33 0.82 2.01
N CYS A 33 -0.27 2.00 1.91
CA CYS A 33 -0.48 2.85 3.07
C CYS A 33 -1.76 2.45 3.81
N ASP A 34 -2.77 2.04 3.06
CA ASP A 34 -4.05 1.63 3.64
C ASP A 34 -4.59 0.39 2.95
N PRO A 35 -4.06 -0.80 3.31
CA PRO A 35 -4.50 -2.07 2.72
C PRO A 35 -5.90 -2.46 3.15
N VAL A 36 -6.84 -2.44 2.20
CA VAL A 36 -8.22 -2.80 2.49
C VAL A 36 -8.51 -4.23 2.07
N VAL A 37 -9.21 -4.96 2.93
CA VAL A 37 -9.56 -6.35 2.64
C VAL A 37 -10.85 -6.44 1.85
N LEU A 38 -10.79 -7.15 0.73
CA LEU A 38 -11.97 -7.32 -0.13
C LEU A 38 -12.81 -8.51 0.33
N PRO A 39 -14.04 -8.25 0.81
CA PRO A 39 -14.94 -9.31 1.29
C PRO A 39 -15.44 -10.21 0.16
N SER A 40 -15.17 -9.81 -1.08
CA SER A 40 -15.61 -10.59 -2.23
C SER A 40 -14.52 -11.54 -2.71
N SER A 41 -13.38 -10.98 -3.10
CA SER A 41 -12.26 -11.78 -3.58
C SER A 41 -11.33 -12.19 -2.44
N ARG A 42 -11.56 -11.63 -1.25
CA ARG A 42 -10.73 -11.95 -0.09
C ARG A 42 -9.28 -11.59 -0.34
N VAL A 43 -9.06 -10.55 -1.15
CA VAL A 43 -7.71 -10.09 -1.47
C VAL A 43 -7.43 -8.73 -0.85
N THR A 44 -6.20 -8.52 -0.40
CA THR A 44 -5.81 -7.25 0.21
C THR A 44 -5.24 -6.30 -0.84
N VAL A 45 -5.80 -5.10 -0.91
CA VAL A 45 -5.36 -4.09 -1.87
C VAL A 45 -5.41 -2.70 -1.25
N ASP A 46 -4.61 -1.79 -1.81
CA ASP A 46 -4.58 -0.41 -1.32
C ASP A 46 -5.95 0.25 -1.42
N ARG A 47 -6.24 1.13 -0.47
CA ARG A 47 -7.52 1.83 -0.46
C ARG A 47 -7.72 2.62 -1.75
N SER A 48 -6.63 3.06 -2.35
CA SER A 48 -6.69 3.83 -3.60
C SER A 48 -6.73 2.91 -4.81
N THR A 49 -5.99 1.81 -4.73
CA THR A 49 -5.94 0.85 -5.82
C THR A 49 -7.33 0.31 -6.15
N ILE A 50 -8.13 0.12 -5.11
CA ILE A 50 -9.49 -0.39 -5.29
C ILE A 50 -10.43 0.70 -5.78
N ALA A 51 -10.17 1.93 -5.36
CA ALA A 51 -10.99 3.07 -5.78
C ALA A 51 -11.00 3.22 -7.29
N ARG A 52 -9.84 3.05 -7.91
CA ARG A 52 -9.72 3.17 -9.36
C ARG A 52 -10.59 2.13 -10.07
N HIS A 53 -10.68 0.94 -9.48
CA HIS A 53 -11.48 -0.14 -10.05
C HIS A 53 -12.97 0.08 -9.74
N LEU A 54 -13.25 0.81 -8.67
CA LEU A 54 -14.63 1.08 -8.28
C LEU A 54 -15.09 2.44 -8.79
N LEU A 55 -14.54 2.86 -9.93
CA LEU A 55 -14.89 4.13 -10.53
C LEU A 55 -16.19 4.02 -11.32
N SER A 56 -16.16 3.26 -12.41
CA SER A 56 -17.32 3.07 -13.25
C SER A 56 -18.01 1.75 -12.94
N ASP A 57 -17.22 0.73 -12.62
CA ASP A 57 -17.74 -0.59 -12.30
C ASP A 57 -17.42 -0.96 -10.86
N GLN A 58 -18.33 -0.63 -9.95
CA GLN A 58 -18.14 -0.92 -8.52
C GLN A 58 -18.15 -2.43 -8.28
N THR A 59 -17.05 -3.08 -8.60
CA THR A 59 -16.92 -4.53 -8.42
C THR A 59 -15.50 -4.90 -8.03
N ASP A 60 -15.26 -6.21 -7.87
CA ASP A 60 -13.94 -6.71 -7.51
C ASP A 60 -13.12 -7.03 -8.76
N PRO A 61 -11.82 -6.66 -8.75
CA PRO A 61 -10.93 -6.92 -9.90
C PRO A 61 -10.56 -8.39 -10.04
N PHE A 62 -10.84 -9.18 -9.00
CA PHE A 62 -10.53 -10.60 -9.01
C PHE A 62 -11.79 -11.45 -9.05
N ASN A 63 -12.82 -10.99 -8.35
CA ASN A 63 -14.09 -11.71 -8.30
C ASN A 63 -15.08 -11.16 -9.33
N ARG A 64 -14.96 -9.87 -9.63
CA ARG A 64 -15.84 -9.22 -10.59
C ARG A 64 -17.28 -9.23 -10.09
N SER A 65 -17.46 -9.18 -8.78
CA SER A 65 -18.78 -9.19 -8.18
C SER A 65 -19.10 -7.84 -7.53
N PRO A 66 -20.36 -7.64 -7.12
CA PRO A 66 -20.78 -6.38 -6.48
C PRO A 66 -19.88 -6.00 -5.31
N LEU A 67 -19.16 -4.88 -5.46
CA LEU A 67 -18.26 -4.41 -4.42
C LEU A 67 -18.21 -2.88 -4.40
N THR A 68 -18.05 -2.31 -3.22
CA THR A 68 -17.97 -0.87 -3.06
C THR A 68 -16.98 -0.48 -1.98
N MET A 69 -16.86 0.82 -1.73
CA MET A 69 -15.94 1.34 -0.72
C MET A 69 -16.46 1.01 0.68
N ASP A 70 -17.77 0.96 0.83
CA ASP A 70 -18.39 0.66 2.12
C ASP A 70 -18.23 -0.83 2.46
N GLN A 71 -18.29 -1.67 1.43
CA GLN A 71 -18.17 -3.11 1.63
C GLN A 71 -16.78 -3.47 2.13
N ILE A 72 -15.75 -2.94 1.47
CA ILE A 72 -14.37 -3.21 1.85
C ILE A 72 -14.08 -2.67 3.25
N ARG A 73 -13.09 -3.28 3.92
CA ARG A 73 -12.71 -2.85 5.26
C ARG A 73 -11.20 -2.74 5.38
N PRO A 74 -10.71 -1.82 6.23
CA PRO A 74 -9.27 -1.62 6.44
C PRO A 74 -8.62 -2.78 7.19
N ASN A 75 -7.53 -3.29 6.63
CA ASN A 75 -6.81 -4.40 7.24
C ASN A 75 -5.95 -3.91 8.40
N THR A 76 -6.54 -3.85 9.59
CA THR A 76 -5.82 -3.41 10.78
C THR A 76 -4.63 -4.32 11.07
N GLU A 77 -4.82 -5.61 10.88
CA GLU A 77 -3.77 -6.59 11.12
C GLU A 77 -2.54 -6.31 10.23
N LEU A 78 -2.81 -5.75 9.05
CA LEU A 78 -1.74 -5.43 8.11
C LEU A 78 -1.23 -4.00 8.33
N LYS A 79 -2.15 -3.08 8.49
CA LYS A 79 -1.81 -1.68 8.71
C LYS A 79 -0.92 -1.52 9.95
N GLU A 80 -1.12 -2.40 10.92
CA GLU A 80 -0.34 -2.36 12.15
C GLU A 80 1.08 -2.86 11.91
N LYS A 81 1.22 -3.79 10.97
CA LYS A 81 2.53 -4.36 10.64
C LYS A 81 3.39 -3.34 9.90
N ILE A 82 2.75 -2.49 9.11
CA ILE A 82 3.46 -1.48 8.34
C ILE A 82 4.04 -0.41 9.26
N GLN A 83 3.23 0.04 10.22
CA GLN A 83 3.67 1.06 11.17
C GLN A 83 4.77 0.53 12.08
N ARG A 84 4.70 -0.75 12.40
CA ARG A 84 5.70 -1.38 13.26
C ARG A 84 7.03 -1.53 12.55
N TRP A 85 6.97 -1.79 11.25
CA TRP A 85 8.17 -1.95 10.44
C TRP A 85 8.80 -0.59 10.12
N LEU A 86 7.96 0.36 9.70
CA LEU A 86 8.43 1.69 9.36
C LEU A 86 9.16 2.33 10.54
N ALA A 87 8.77 1.95 11.75
CA ALA A 87 9.39 2.48 12.96
C ALA A 87 10.68 1.73 13.29
N GLU A 88 10.72 0.46 12.92
CA GLU A 88 11.90 -0.37 13.19
C GLU A 88 13.03 -0.02 12.22
N ARG A 89 12.70 0.03 10.94
CA ARG A 89 13.70 0.35 9.91
C ARG A 89 14.24 1.76 10.10
N LYS A 90 13.41 2.64 10.63
CA LYS A 90 13.81 4.02 10.86
C LYS A 90 14.49 4.17 12.22
N GLN A 91 15.57 3.42 12.42
CA GLN A 91 16.31 3.46 13.68
C GLN A 91 17.73 3.94 13.45
N GLN A 92 18.27 4.69 14.42
CA GLN A 92 19.63 5.21 14.32
C GLN A 92 20.62 4.25 14.97
N SER A 93 21.89 4.66 15.00
CA SER A 93 22.94 3.84 15.59
C SER A 93 23.06 2.51 14.85
N GLY A 94 24.00 2.45 13.89
CA GLY A 94 24.20 1.23 13.13
C GLY A 94 25.42 0.46 13.60
N PRO A 95 25.91 -0.49 12.78
CA PRO A 95 27.08 -1.30 13.13
C PRO A 95 28.37 -0.49 13.13
N SER A 96 28.49 0.42 12.16
CA SER A 96 29.68 1.25 12.06
C SER A 96 29.48 2.58 12.79
N SER A 97 30.52 3.01 13.52
CA SER A 97 30.46 4.25 14.27
C SER A 97 31.52 5.23 13.78
N GLY A 98 31.07 6.28 13.09
CA GLY A 98 31.99 7.27 12.58
C GLY A 98 31.33 8.22 11.59
N GLY A 1 24.81 -5.58 17.36
CA GLY A 1 25.30 -6.16 16.08
C GLY A 1 26.70 -6.73 16.19
N SER A 2 27.43 -6.70 15.09
CA SER A 2 28.80 -7.22 15.07
C SER A 2 29.80 -6.09 15.28
N SER A 3 29.65 -5.01 14.51
CA SER A 3 30.54 -3.87 14.62
C SER A 3 29.78 -2.56 14.37
N GLY A 4 29.21 -2.01 15.44
CA GLY A 4 28.46 -0.77 15.31
C GLY A 4 27.02 -1.00 14.90
N SER A 5 26.65 -0.49 13.73
CA SER A 5 25.29 -0.63 13.22
C SER A 5 25.31 -0.94 11.72
N SER A 6 25.13 -2.22 11.39
CA SER A 6 25.12 -2.65 9.99
C SER A 6 23.82 -2.23 9.31
N GLY A 7 23.75 -2.45 8.00
CA GLY A 7 22.57 -2.10 7.25
C GLY A 7 22.89 -1.33 5.98
N LEU A 8 22.52 -0.05 5.94
CA LEU A 8 22.77 0.78 4.78
C LEU A 8 23.19 2.19 5.20
N GLN A 9 23.48 3.03 4.23
CA GLN A 9 23.89 4.41 4.50
C GLN A 9 23.53 5.32 3.33
N GLN A 10 23.85 4.88 2.11
CA GLN A 10 23.56 5.66 0.92
C GLN A 10 22.23 5.25 0.31
N GLN A 11 21.27 6.18 0.33
CA GLN A 11 19.94 5.92 -0.21
C GLN A 11 19.77 6.59 -1.57
N GLU A 12 19.21 5.86 -2.52
CA GLU A 12 18.98 6.39 -3.86
C GLU A 12 17.59 6.05 -4.36
N GLU A 13 16.79 7.09 -4.62
CA GLU A 13 15.43 6.89 -5.10
C GLU A 13 14.60 6.08 -4.11
N GLU A 14 13.29 6.05 -4.31
CA GLU A 14 12.39 5.30 -3.45
C GLU A 14 11.74 4.14 -4.20
N THR A 15 11.29 3.14 -3.46
CA THR A 15 10.66 1.97 -4.05
C THR A 15 10.25 0.97 -2.97
N TYR A 16 11.07 0.84 -1.94
CA TYR A 16 10.79 -0.08 -0.85
C TYR A 16 10.77 -1.53 -1.35
N ALA A 17 11.96 -2.06 -1.63
CA ALA A 17 12.08 -3.43 -2.12
C ALA A 17 12.29 -4.40 -0.97
N ASP A 18 12.96 -3.93 0.09
CA ASP A 18 13.22 -4.75 1.26
C ASP A 18 11.92 -5.16 1.96
N ALA A 19 10.89 -4.33 1.79
CA ALA A 19 9.59 -4.60 2.40
C ALA A 19 9.07 -5.98 2.00
N CYS A 20 8.34 -6.62 2.91
CA CYS A 20 7.79 -7.94 2.67
C CYS A 20 6.69 -7.88 1.60
N ASP A 21 6.31 -9.04 1.08
CA ASP A 21 5.27 -9.11 0.06
C ASP A 21 3.93 -8.68 0.62
N GLU A 22 3.72 -8.91 1.91
CA GLU A 22 2.47 -8.56 2.57
C GLU A 22 2.23 -7.05 2.49
N PHE A 23 3.32 -6.28 2.45
CA PHE A 23 3.22 -4.83 2.37
C PHE A 23 3.09 -4.36 0.93
N LEU A 24 3.73 -5.08 0.01
CA LEU A 24 3.69 -4.75 -1.40
C LEU A 24 2.30 -4.99 -1.97
N ASP A 25 1.79 -4.03 -2.72
CA ASP A 25 0.46 -4.14 -3.32
C ASP A 25 0.48 -5.15 -4.48
N PRO A 26 -0.58 -5.96 -4.60
CA PRO A 26 -0.67 -6.97 -5.67
C PRO A 26 -0.87 -6.35 -7.05
N ILE A 27 -1.45 -5.15 -7.07
CA ILE A 27 -1.70 -4.44 -8.32
C ILE A 27 -0.71 -3.30 -8.51
N MET A 28 -0.60 -2.44 -7.50
CA MET A 28 0.31 -1.30 -7.54
C MET A 28 1.77 -1.76 -7.49
N SER A 29 2.01 -2.90 -6.84
CA SER A 29 3.36 -3.44 -6.71
C SER A 29 4.25 -2.48 -5.94
N THR A 30 3.66 -1.73 -5.02
CA THR A 30 4.41 -0.78 -4.21
C THR A 30 4.00 -0.87 -2.74
N LEU A 31 4.55 0.02 -1.92
CA LEU A 31 4.25 0.03 -0.49
C LEU A 31 2.77 0.37 -0.25
N MET A 32 2.16 -0.34 0.69
CA MET A 32 0.76 -0.12 1.01
C MET A 32 0.61 0.64 2.32
N CYS A 33 -0.18 1.71 2.30
CA CYS A 33 -0.40 2.53 3.49
C CYS A 33 -1.68 2.11 4.20
N ASP A 34 -2.78 2.06 3.43
CA ASP A 34 -4.07 1.68 3.98
C ASP A 34 -4.66 0.49 3.23
N PRO A 35 -4.16 -0.73 3.51
CA PRO A 35 -4.63 -1.94 2.84
C PRO A 35 -6.05 -2.33 3.27
N VAL A 36 -6.92 -2.53 2.29
CA VAL A 36 -8.31 -2.89 2.56
C VAL A 36 -8.58 -4.33 2.15
N VAL A 37 -9.19 -5.09 3.05
CA VAL A 37 -9.51 -6.49 2.78
C VAL A 37 -10.76 -6.61 1.93
N LEU A 38 -10.63 -7.26 0.77
CA LEU A 38 -11.75 -7.45 -0.13
C LEU A 38 -12.60 -8.65 0.30
N PRO A 39 -13.91 -8.43 0.55
CA PRO A 39 -14.82 -9.49 0.97
C PRO A 39 -15.20 -10.44 -0.16
N SER A 40 -14.72 -10.14 -1.37
CA SER A 40 -15.01 -10.98 -2.53
C SER A 40 -13.82 -11.84 -2.91
N SER A 41 -12.79 -11.21 -3.46
CA SER A 41 -11.59 -11.93 -3.88
C SER A 41 -10.71 -12.29 -2.67
N ARG A 42 -10.99 -11.70 -1.52
CA ARG A 42 -10.22 -11.96 -0.31
C ARG A 42 -8.76 -11.56 -0.50
N VAL A 43 -8.55 -10.52 -1.32
CA VAL A 43 -7.20 -10.03 -1.58
C VAL A 43 -6.98 -8.66 -0.94
N THR A 44 -5.87 -8.51 -0.23
CA THR A 44 -5.55 -7.25 0.42
C THR A 44 -4.94 -6.26 -0.56
N VAL A 45 -5.69 -5.19 -0.85
CA VAL A 45 -5.23 -4.16 -1.77
C VAL A 45 -5.35 -2.77 -1.15
N ASP A 46 -4.57 -1.83 -1.68
CA ASP A 46 -4.59 -0.46 -1.17
C ASP A 46 -5.99 0.14 -1.30
N ARG A 47 -6.37 0.96 -0.33
CA ARG A 47 -7.68 1.60 -0.33
C ARG A 47 -7.86 2.45 -1.57
N SER A 48 -6.76 3.01 -2.07
CA SER A 48 -6.80 3.86 -3.25
C SER A 48 -6.76 3.02 -4.52
N THR A 49 -6.11 1.86 -4.45
CA THR A 49 -6.01 0.96 -5.60
C THR A 49 -7.38 0.43 -5.99
N ILE A 50 -8.21 0.16 -4.99
CA ILE A 50 -9.56 -0.35 -5.23
C ILE A 50 -10.49 0.76 -5.68
N ALA A 51 -10.32 1.94 -5.09
CA ALA A 51 -11.16 3.10 -5.41
C ALA A 51 -11.08 3.42 -6.90
N ARG A 52 -9.88 3.34 -7.46
CA ARG A 52 -9.67 3.62 -8.87
C ARG A 52 -10.43 2.62 -9.73
N HIS A 53 -10.50 1.38 -9.27
CA HIS A 53 -11.20 0.32 -10.00
C HIS A 53 -12.71 0.44 -9.81
N LEU A 54 -13.13 1.10 -8.74
CA LEU A 54 -14.55 1.28 -8.45
C LEU A 54 -15.03 2.64 -8.94
N LEU A 55 -14.40 3.14 -10.00
CA LEU A 55 -14.77 4.44 -10.56
C LEU A 55 -15.88 4.29 -11.59
N SER A 56 -15.64 3.47 -12.61
CA SER A 56 -16.63 3.23 -13.65
C SER A 56 -17.29 1.86 -13.48
N ASP A 57 -16.53 0.92 -12.94
CA ASP A 57 -17.05 -0.43 -12.72
C ASP A 57 -16.91 -0.82 -11.24
N GLN A 58 -17.98 -0.57 -10.48
CA GLN A 58 -17.97 -0.90 -9.06
C GLN A 58 -17.94 -2.41 -8.84
N THR A 59 -16.78 -3.01 -9.05
CA THR A 59 -16.61 -4.45 -8.88
C THR A 59 -15.18 -4.79 -8.44
N ASP A 60 -14.92 -6.08 -8.27
CA ASP A 60 -13.60 -6.53 -7.85
C ASP A 60 -12.70 -6.77 -9.07
N PRO A 61 -11.42 -6.34 -8.99
CA PRO A 61 -10.46 -6.51 -10.09
C PRO A 61 -10.07 -7.97 -10.31
N PHE A 62 -10.24 -8.78 -9.27
CA PHE A 62 -9.89 -10.19 -9.34
C PHE A 62 -11.15 -11.06 -9.37
N ASN A 63 -12.18 -10.62 -8.66
CA ASN A 63 -13.44 -11.36 -8.61
C ASN A 63 -14.39 -10.90 -9.72
N ARG A 64 -14.29 -9.63 -10.09
CA ARG A 64 -15.14 -9.07 -11.14
C ARG A 64 -16.62 -9.15 -10.75
N SER A 65 -16.88 -9.05 -9.45
CA SER A 65 -18.25 -9.11 -8.95
C SER A 65 -18.61 -7.82 -8.20
N PRO A 66 -19.89 -7.67 -7.80
CA PRO A 66 -20.35 -6.48 -7.08
C PRO A 66 -19.48 -6.15 -5.87
N LEU A 67 -18.90 -4.96 -5.87
CA LEU A 67 -18.04 -4.52 -4.78
C LEU A 67 -18.04 -3.00 -4.65
N THR A 68 -17.91 -2.51 -3.42
CA THR A 68 -17.89 -1.08 -3.17
C THR A 68 -16.98 -0.74 -2.01
N MET A 69 -16.73 0.55 -1.81
CA MET A 69 -15.87 1.00 -0.72
C MET A 69 -16.48 0.67 0.63
N ASP A 70 -17.81 0.66 0.69
CA ASP A 70 -18.52 0.36 1.92
C ASP A 70 -18.35 -1.11 2.31
N GLN A 71 -18.28 -1.98 1.29
CA GLN A 71 -18.12 -3.41 1.53
C GLN A 71 -16.72 -3.72 2.05
N ILE A 72 -15.71 -3.25 1.32
CA ILE A 72 -14.32 -3.47 1.71
C ILE A 72 -14.01 -2.82 3.05
N ARG A 73 -13.21 -3.49 3.86
CA ARG A 73 -12.83 -2.96 5.17
C ARG A 73 -11.30 -2.80 5.28
N PRO A 74 -10.84 -1.82 6.07
CA PRO A 74 -9.42 -1.55 6.25
C PRO A 74 -8.74 -2.63 7.11
N ASN A 75 -7.69 -3.24 6.55
CA ASN A 75 -6.96 -4.27 7.26
C ASN A 75 -6.16 -3.68 8.43
N THR A 76 -6.78 -3.68 9.61
CA THR A 76 -6.12 -3.14 10.80
C THR A 76 -4.96 -4.03 11.24
N GLU A 77 -5.10 -5.33 11.01
CA GLU A 77 -4.07 -6.28 11.38
C GLU A 77 -2.82 -6.09 10.52
N LEU A 78 -3.03 -5.67 9.28
CA LEU A 78 -1.92 -5.45 8.35
C LEU A 78 -1.36 -4.05 8.50
N LYS A 79 -2.24 -3.08 8.69
CA LYS A 79 -1.84 -1.69 8.86
C LYS A 79 -0.86 -1.53 10.01
N GLU A 80 -0.99 -2.39 11.02
CA GLU A 80 -0.11 -2.35 12.18
C GLU A 80 1.27 -2.89 11.84
N LYS A 81 1.31 -3.88 10.94
CA LYS A 81 2.57 -4.48 10.53
C LYS A 81 3.41 -3.50 9.71
N ILE A 82 2.74 -2.60 9.01
CA ILE A 82 3.42 -1.61 8.19
C ILE A 82 4.06 -0.53 9.06
N GLN A 83 3.37 -0.14 10.12
CA GLN A 83 3.87 0.87 11.04
C GLN A 83 5.08 0.36 11.81
N ARG A 84 4.99 -0.88 12.27
CA ARG A 84 6.08 -1.50 13.04
C ARG A 84 7.35 -1.55 12.21
N TRP A 85 7.21 -1.79 10.91
CA TRP A 85 8.36 -1.86 10.02
C TRP A 85 8.86 -0.48 9.65
N LEU A 86 7.95 0.35 9.13
CA LEU A 86 8.30 1.72 8.73
C LEU A 86 8.96 2.47 9.88
N ALA A 87 8.55 2.16 11.11
CA ALA A 87 9.09 2.80 12.29
C ALA A 87 10.39 2.15 12.73
N GLU A 88 10.53 0.85 12.42
CA GLU A 88 11.72 0.11 12.80
C GLU A 88 12.84 0.32 11.79
N ARG A 89 12.46 0.50 10.53
CA ARG A 89 13.44 0.72 9.46
C ARG A 89 13.86 2.19 9.37
N LYS A 90 13.08 3.06 10.00
CA LYS A 90 13.38 4.50 10.00
C LYS A 90 14.16 4.89 11.25
N GLN A 91 15.09 4.04 11.66
CA GLN A 91 15.90 4.31 12.84
C GLN A 91 17.36 4.54 12.45
N GLN A 92 17.80 3.85 11.40
CA GLN A 92 19.17 3.99 10.92
C GLN A 92 19.27 5.05 9.83
N SER A 93 20.12 6.05 10.05
CA SER A 93 20.30 7.12 9.09
C SER A 93 21.72 7.67 9.14
N GLY A 94 22.20 7.93 10.36
CA GLY A 94 23.54 8.45 10.53
C GLY A 94 24.06 8.25 11.94
N PRO A 95 24.13 7.00 12.42
CA PRO A 95 24.62 6.69 13.77
C PRO A 95 26.11 6.94 13.91
N SER A 96 26.52 7.47 15.06
CA SER A 96 27.92 7.75 15.32
C SER A 96 28.74 6.47 15.37
N SER A 97 30.03 6.60 15.66
CA SER A 97 30.92 5.44 15.74
C SER A 97 31.99 5.66 16.80
N GLY A 98 32.55 4.56 17.29
CA GLY A 98 33.58 4.65 18.31
C GLY A 98 33.14 4.05 19.63
N GLY A 1 20.36 24.17 -7.69
CA GLY A 1 20.38 24.99 -8.93
C GLY A 1 21.48 24.56 -9.89
N SER A 2 21.08 23.94 -11.00
CA SER A 2 22.03 23.48 -12.00
C SER A 2 22.13 24.46 -13.16
N SER A 3 21.91 25.74 -12.88
CA SER A 3 21.97 26.78 -13.89
C SER A 3 20.96 26.50 -15.02
N GLY A 4 19.73 26.96 -14.81
CA GLY A 4 18.70 26.75 -15.81
C GLY A 4 17.35 26.45 -15.20
N SER A 5 16.97 25.17 -15.19
CA SER A 5 15.70 24.74 -14.62
C SER A 5 15.78 24.64 -13.10
N SER A 6 15.43 25.73 -12.42
CA SER A 6 15.46 25.76 -10.97
C SER A 6 14.28 25.01 -10.38
N GLY A 7 14.56 23.83 -9.82
CA GLY A 7 13.50 23.03 -9.22
C GLY A 7 14.02 22.07 -8.18
N LEU A 8 13.17 21.13 -7.76
CA LEU A 8 13.55 20.15 -6.76
C LEU A 8 14.64 19.23 -7.29
N GLN A 9 15.36 18.58 -6.38
CA GLN A 9 16.44 17.66 -6.76
C GLN A 9 16.29 16.32 -6.05
N GLN A 10 15.34 15.52 -6.52
CA GLN A 10 15.09 14.20 -5.95
C GLN A 10 14.98 13.13 -7.04
N GLN A 11 16.09 12.48 -7.33
CA GLN A 11 16.12 11.44 -8.35
C GLN A 11 16.00 10.06 -7.73
N GLU A 12 15.17 9.95 -6.69
CA GLU A 12 14.95 8.68 -6.00
C GLU A 12 13.73 8.75 -5.11
N GLU A 13 12.55 8.61 -5.71
CA GLU A 13 11.30 8.65 -4.97
C GLU A 13 10.77 7.24 -4.72
N GLU A 14 10.48 6.93 -3.46
CA GLU A 14 9.97 5.62 -3.09
C GLU A 14 10.96 4.52 -3.47
N THR A 15 11.92 4.27 -2.58
CA THR A 15 12.93 3.24 -2.83
C THR A 15 12.70 2.04 -1.92
N TYR A 16 11.45 1.76 -1.61
CA TYR A 16 11.11 0.64 -0.75
C TYR A 16 11.31 -0.69 -1.48
N ALA A 17 12.51 -1.25 -1.37
CA ALA A 17 12.85 -2.50 -2.01
C ALA A 17 12.88 -3.65 -1.01
N ASP A 18 13.08 -3.32 0.26
CA ASP A 18 13.12 -4.33 1.32
C ASP A 18 11.76 -4.48 1.99
N ALA A 19 10.71 -4.48 1.18
CA ALA A 19 9.35 -4.63 1.69
C ALA A 19 8.73 -5.94 1.23
N CYS A 20 8.24 -6.73 2.18
CA CYS A 20 7.62 -8.01 1.87
C CYS A 20 6.41 -7.82 0.95
N ASP A 21 5.86 -8.92 0.47
CA ASP A 21 4.69 -8.89 -0.41
C ASP A 21 3.46 -8.41 0.34
N GLU A 22 3.40 -8.71 1.63
CA GLU A 22 2.27 -8.32 2.46
C GLU A 22 2.11 -6.79 2.47
N PHE A 23 3.24 -6.09 2.37
CA PHE A 23 3.21 -4.63 2.36
C PHE A 23 3.04 -4.09 0.95
N LEU A 24 3.60 -4.81 -0.03
CA LEU A 24 3.51 -4.40 -1.43
C LEU A 24 2.11 -4.65 -1.97
N ASP A 25 1.73 -3.85 -2.96
CA ASP A 25 0.41 -3.97 -3.58
C ASP A 25 0.43 -5.01 -4.70
N PRO A 26 -0.62 -5.86 -4.78
CA PRO A 26 -0.70 -6.90 -5.81
C PRO A 26 -0.79 -6.32 -7.21
N ILE A 27 -1.30 -5.10 -7.32
CA ILE A 27 -1.45 -4.43 -8.60
C ILE A 27 -0.43 -3.31 -8.77
N MET A 28 -0.39 -2.40 -7.80
CA MET A 28 0.53 -1.28 -7.84
C MET A 28 1.98 -1.75 -7.65
N SER A 29 2.14 -2.87 -6.94
CA SER A 29 3.47 -3.42 -6.70
C SER A 29 4.34 -2.43 -5.93
N THR A 30 3.70 -1.62 -5.09
CA THR A 30 4.41 -0.63 -4.29
C THR A 30 3.98 -0.69 -2.83
N LEU A 31 4.62 0.13 -1.99
CA LEU A 31 4.29 0.18 -0.57
C LEU A 31 2.82 0.53 -0.36
N MET A 32 2.18 -0.15 0.58
CA MET A 32 0.78 0.10 0.88
C MET A 32 0.62 0.90 2.17
N CYS A 33 -0.33 1.83 2.18
CA CYS A 33 -0.58 2.66 3.35
C CYS A 33 -1.86 2.23 4.06
N ASP A 34 -2.96 2.23 3.32
CA ASP A 34 -4.25 1.84 3.88
C ASP A 34 -4.80 0.60 3.15
N PRO A 35 -4.25 -0.58 3.47
CA PRO A 35 -4.69 -1.84 2.85
C PRO A 35 -6.08 -2.26 3.31
N VAL A 36 -6.98 -2.43 2.35
CA VAL A 36 -8.35 -2.84 2.65
C VAL A 36 -8.61 -4.27 2.18
N VAL A 37 -9.37 -5.02 2.98
CA VAL A 37 -9.69 -6.40 2.65
C VAL A 37 -10.92 -6.48 1.75
N LEU A 38 -10.80 -7.24 0.67
CA LEU A 38 -11.90 -7.41 -0.27
C LEU A 38 -12.73 -8.64 0.06
N PRO A 39 -13.99 -8.44 0.51
CA PRO A 39 -14.88 -9.55 0.88
C PRO A 39 -15.29 -10.40 -0.33
N SER A 40 -15.00 -9.90 -1.54
CA SER A 40 -15.35 -10.61 -2.75
C SER A 40 -14.19 -11.45 -3.27
N SER A 41 -13.05 -10.81 -3.51
CA SER A 41 -11.87 -11.50 -4.00
C SER A 41 -11.01 -12.03 -2.86
N ARG A 42 -11.26 -11.54 -1.65
CA ARG A 42 -10.51 -11.97 -0.47
C ARG A 42 -9.03 -11.63 -0.63
N VAL A 43 -8.75 -10.55 -1.34
CA VAL A 43 -7.38 -10.10 -1.57
C VAL A 43 -7.13 -8.74 -0.93
N THR A 44 -6.00 -8.61 -0.26
CA THR A 44 -5.64 -7.35 0.40
C THR A 44 -5.05 -6.36 -0.60
N VAL A 45 -5.72 -5.23 -0.76
CA VAL A 45 -5.27 -4.19 -1.69
C VAL A 45 -5.40 -2.80 -1.07
N ASP A 46 -4.59 -1.86 -1.55
CA ASP A 46 -4.61 -0.50 -1.04
C ASP A 46 -5.99 0.13 -1.21
N ARG A 47 -6.35 1.01 -0.29
CA ARG A 47 -7.65 1.68 -0.32
C ARG A 47 -7.80 2.46 -1.63
N SER A 48 -6.69 2.96 -2.15
CA SER A 48 -6.71 3.73 -3.39
C SER A 48 -6.63 2.81 -4.60
N THR A 49 -5.90 1.70 -4.46
CA THR A 49 -5.74 0.74 -5.55
C THR A 49 -7.10 0.16 -5.96
N ILE A 50 -7.98 0.00 -4.97
CA ILE A 50 -9.31 -0.54 -5.23
C ILE A 50 -10.27 0.56 -5.68
N ALA A 51 -10.13 1.74 -5.09
CA ALA A 51 -10.98 2.87 -5.43
C ALA A 51 -10.87 3.21 -6.92
N ARG A 52 -9.66 3.14 -7.45
CA ARG A 52 -9.43 3.44 -8.85
C ARG A 52 -10.22 2.48 -9.75
N HIS A 53 -10.35 1.24 -9.30
CA HIS A 53 -11.08 0.22 -10.05
C HIS A 53 -12.58 0.36 -9.83
N LEU A 54 -12.97 0.97 -8.71
CA LEU A 54 -14.38 1.16 -8.39
C LEU A 54 -14.85 2.56 -8.80
N LEU A 55 -14.23 3.11 -9.84
CA LEU A 55 -14.58 4.43 -10.33
C LEU A 55 -15.77 4.36 -11.28
N SER A 56 -15.68 3.48 -12.27
CA SER A 56 -16.74 3.30 -13.25
C SER A 56 -17.42 1.94 -13.09
N ASP A 57 -16.64 0.94 -12.71
CA ASP A 57 -17.16 -0.41 -12.52
C ASP A 57 -17.00 -0.85 -11.06
N GLN A 58 -18.12 -0.91 -10.34
CA GLN A 58 -18.10 -1.31 -8.94
C GLN A 58 -17.93 -2.82 -8.82
N THR A 59 -16.70 -3.29 -8.95
CA THR A 59 -16.39 -4.71 -8.84
C THR A 59 -14.93 -4.94 -8.49
N ASP A 60 -14.58 -6.19 -8.23
CA ASP A 60 -13.20 -6.55 -7.89
C ASP A 60 -12.38 -6.82 -9.14
N PRO A 61 -11.10 -6.40 -9.15
CA PRO A 61 -10.22 -6.61 -10.30
C PRO A 61 -9.70 -8.03 -10.41
N PHE A 62 -10.03 -8.87 -9.41
CA PHE A 62 -9.59 -10.26 -9.41
C PHE A 62 -10.78 -11.21 -9.53
N ASN A 63 -11.84 -10.93 -8.78
CA ASN A 63 -13.02 -11.78 -8.80
C ASN A 63 -14.07 -11.23 -9.78
N ARG A 64 -14.05 -9.92 -9.99
CA ARG A 64 -15.00 -9.29 -10.91
C ARG A 64 -16.43 -9.42 -10.38
N SER A 65 -16.56 -9.44 -9.06
CA SER A 65 -17.87 -9.56 -8.43
C SER A 65 -18.33 -8.22 -7.87
N PRO A 66 -19.62 -8.10 -7.52
CA PRO A 66 -20.18 -6.85 -6.97
C PRO A 66 -19.48 -6.42 -5.69
N LEU A 67 -18.68 -5.37 -5.79
CA LEU A 67 -17.95 -4.84 -4.63
C LEU A 67 -18.08 -3.33 -4.54
N THR A 68 -18.15 -2.82 -3.32
CA THR A 68 -18.28 -1.39 -3.10
C THR A 68 -17.32 -0.93 -1.99
N MET A 69 -17.12 0.39 -1.89
CA MET A 69 -16.24 0.95 -0.88
C MET A 69 -16.73 0.60 0.52
N ASP A 70 -18.03 0.40 0.67
CA ASP A 70 -18.62 0.05 1.95
C ASP A 70 -18.33 -1.39 2.32
N GLN A 71 -18.30 -2.26 1.31
CA GLN A 71 -18.04 -3.68 1.52
C GLN A 71 -16.61 -3.90 2.03
N ILE A 72 -15.65 -3.29 1.34
CA ILE A 72 -14.25 -3.41 1.73
C ILE A 72 -13.97 -2.72 3.05
N ARG A 73 -13.13 -3.33 3.88
CA ARG A 73 -12.78 -2.76 5.17
C ARG A 73 -11.26 -2.64 5.33
N PRO A 74 -10.80 -1.71 6.19
CA PRO A 74 -9.36 -1.50 6.42
C PRO A 74 -8.73 -2.65 7.19
N ASN A 75 -7.66 -3.20 6.66
CA ASN A 75 -6.95 -4.31 7.30
C ASN A 75 -6.09 -3.81 8.46
N THR A 76 -6.69 -3.74 9.65
CA THR A 76 -5.98 -3.28 10.82
C THR A 76 -4.79 -4.18 11.13
N GLU A 77 -4.95 -5.48 10.87
CA GLU A 77 -3.89 -6.44 11.12
C GLU A 77 -2.66 -6.14 10.25
N LEU A 78 -2.90 -5.59 9.07
CA LEU A 78 -1.83 -5.26 8.15
C LEU A 78 -1.33 -3.83 8.38
N LYS A 79 -2.26 -2.92 8.63
CA LYS A 79 -1.92 -1.52 8.87
C LYS A 79 -0.95 -1.39 10.05
N GLU A 80 -1.07 -2.31 11.00
CA GLU A 80 -0.21 -2.30 12.19
C GLU A 80 1.20 -2.78 11.83
N LYS A 81 1.29 -3.67 10.86
CA LYS A 81 2.58 -4.21 10.43
C LYS A 81 3.36 -3.17 9.64
N ILE A 82 2.65 -2.30 8.94
CA ILE A 82 3.28 -1.26 8.14
C ILE A 82 3.89 -0.18 9.04
N GLN A 83 3.17 0.17 10.09
CA GLN A 83 3.63 1.18 11.04
C GLN A 83 4.79 0.65 11.88
N ARG A 84 4.78 -0.64 12.14
CA ARG A 84 5.82 -1.28 12.94
C ARG A 84 7.12 -1.40 12.14
N TRP A 85 6.98 -1.62 10.83
CA TRP A 85 8.13 -1.76 9.96
C TRP A 85 8.78 -0.40 9.69
N LEU A 86 7.95 0.61 9.50
CA LEU A 86 8.44 1.96 9.23
C LEU A 86 9.31 2.46 10.37
N ALA A 87 9.01 2.00 11.58
CA ALA A 87 9.78 2.40 12.76
C ALA A 87 11.04 1.57 12.91
N GLU A 88 10.94 0.28 12.61
CA GLU A 88 12.08 -0.62 12.71
C GLU A 88 13.12 -0.33 11.63
N ARG A 89 12.63 -0.07 10.42
CA ARG A 89 13.51 0.23 9.30
C ARG A 89 14.32 1.50 9.56
N LYS A 90 13.78 2.38 10.41
CA LYS A 90 14.45 3.63 10.74
C LYS A 90 15.65 3.37 11.65
N GLN A 91 16.64 2.66 11.14
CA GLN A 91 17.84 2.35 11.90
C GLN A 91 19.06 3.04 11.31
N GLN A 92 19.98 3.47 12.18
CA GLN A 92 21.19 4.15 11.73
C GLN A 92 22.40 3.66 12.52
N SER A 93 22.96 2.54 12.10
CA SER A 93 24.13 1.98 12.77
C SER A 93 25.42 2.35 12.03
N GLY A 94 26.51 2.46 12.77
CA GLY A 94 27.78 2.81 12.15
C GLY A 94 28.91 1.90 12.60
N PRO A 95 28.83 0.60 12.27
CA PRO A 95 29.87 -0.37 12.64
C PRO A 95 31.26 0.07 12.21
N SER A 96 32.08 0.43 13.19
CA SER A 96 33.45 0.88 12.92
C SER A 96 34.30 -0.29 12.42
N SER A 97 34.40 -1.33 13.24
CA SER A 97 35.19 -2.50 12.89
C SER A 97 34.50 -3.30 11.79
N GLY A 98 33.19 -3.48 11.91
CA GLY A 98 32.44 -4.23 10.93
C GLY A 98 32.31 -3.49 9.62
N GLY A 1 33.21 27.94 -8.00
CA GLY A 1 32.96 26.48 -7.87
C GLY A 1 31.55 26.18 -7.37
N SER A 2 30.92 25.18 -7.98
CA SER A 2 29.56 24.80 -7.61
C SER A 2 29.58 23.49 -6.81
N SER A 3 28.40 23.03 -6.42
CA SER A 3 28.28 21.80 -5.65
C SER A 3 29.01 21.92 -4.31
N GLY A 4 28.80 20.94 -3.44
CA GLY A 4 29.46 20.95 -2.14
C GLY A 4 29.30 19.63 -1.41
N SER A 5 28.09 19.36 -0.94
CA SER A 5 27.82 18.12 -0.21
C SER A 5 26.31 17.97 0.05
N SER A 6 25.77 18.85 0.88
CA SER A 6 24.34 18.80 1.20
C SER A 6 23.69 20.16 0.95
N GLY A 7 22.63 20.16 0.14
CA GLY A 7 21.94 21.39 -0.16
C GLY A 7 22.16 21.84 -1.60
N LEU A 8 21.85 20.96 -2.54
CA LEU A 8 22.01 21.26 -3.96
C LEU A 8 21.13 20.37 -4.82
N GLN A 9 21.13 19.08 -4.51
CA GLN A 9 20.32 18.11 -5.26
C GLN A 9 19.06 17.74 -4.48
N GLN A 10 17.96 17.61 -5.21
CA GLN A 10 16.67 17.26 -4.60
C GLN A 10 15.97 16.16 -5.39
N GLN A 11 16.55 14.96 -5.37
CA GLN A 11 15.98 13.83 -6.09
C GLN A 11 16.06 12.56 -5.25
N GLU A 12 14.90 12.05 -4.84
CA GLU A 12 14.84 10.82 -4.06
C GLU A 12 13.48 10.14 -4.19
N GLU A 13 13.38 9.25 -5.17
CA GLU A 13 12.14 8.53 -5.41
C GLU A 13 11.91 7.46 -4.34
N GLU A 14 10.67 7.00 -4.23
CA GLU A 14 10.32 5.97 -3.24
C GLU A 14 10.46 4.58 -3.84
N THR A 15 11.55 3.90 -3.48
CA THR A 15 11.81 2.56 -3.98
C THR A 15 11.90 1.55 -2.83
N TYR A 16 10.76 1.25 -2.24
CA TYR A 16 10.71 0.31 -1.12
C TYR A 16 10.84 -1.13 -1.61
N ALA A 17 12.05 -1.69 -1.49
CA ALA A 17 12.30 -3.05 -1.93
C ALA A 17 12.32 -4.01 -0.75
N ASP A 18 12.80 -3.53 0.40
CA ASP A 18 12.87 -4.35 1.60
C ASP A 18 11.48 -4.81 2.02
N ALA A 19 10.48 -4.00 1.74
CA ALA A 19 9.10 -4.32 2.09
C ALA A 19 8.66 -5.63 1.41
N CYS A 20 8.09 -6.52 2.21
CA CYS A 20 7.61 -7.80 1.70
C CYS A 20 6.33 -7.63 0.89
N ASP A 21 5.86 -8.72 0.30
CA ASP A 21 4.65 -8.70 -0.50
C ASP A 21 3.43 -8.30 0.34
N GLU A 22 3.49 -8.64 1.63
CA GLU A 22 2.40 -8.31 2.55
C GLU A 22 2.14 -6.81 2.58
N PHE A 23 3.20 -6.03 2.41
CA PHE A 23 3.09 -4.58 2.43
C PHE A 23 2.94 -4.03 1.02
N LEU A 24 3.55 -4.71 0.05
CA LEU A 24 3.49 -4.29 -1.35
C LEU A 24 2.12 -4.62 -1.95
N ASP A 25 1.68 -3.77 -2.88
CA ASP A 25 0.39 -3.97 -3.53
C ASP A 25 0.48 -5.06 -4.59
N PRO A 26 -0.57 -5.90 -4.70
CA PRO A 26 -0.60 -7.00 -5.68
C PRO A 26 -0.71 -6.49 -7.12
N ILE A 27 -1.26 -5.29 -7.28
CA ILE A 27 -1.43 -4.70 -8.60
C ILE A 27 -0.45 -3.55 -8.82
N MET A 28 -0.32 -2.69 -7.82
CA MET A 28 0.57 -1.54 -7.91
C MET A 28 2.02 -1.96 -7.66
N SER A 29 2.21 -3.03 -6.90
CA SER A 29 3.55 -3.52 -6.59
C SER A 29 4.36 -2.47 -5.85
N THR A 30 3.67 -1.64 -5.07
CA THR A 30 4.32 -0.58 -4.30
C THR A 30 3.88 -0.60 -2.84
N LEU A 31 4.49 0.25 -2.04
CA LEU A 31 4.15 0.33 -0.62
C LEU A 31 2.68 0.69 -0.43
N MET A 32 2.04 0.04 0.53
CA MET A 32 0.63 0.29 0.82
C MET A 32 0.47 1.07 2.11
N CYS A 33 -0.30 2.16 2.04
CA CYS A 33 -0.54 3.00 3.21
C CYS A 33 -1.82 2.59 3.93
N ASP A 34 -2.89 2.43 3.16
CA ASP A 34 -4.19 2.04 3.71
C ASP A 34 -4.72 0.80 3.01
N PRO A 35 -4.13 -0.38 3.28
CA PRO A 35 -4.56 -1.64 2.67
C PRO A 35 -5.93 -2.10 3.15
N VAL A 36 -6.86 -2.27 2.22
CA VAL A 36 -8.20 -2.71 2.55
C VAL A 36 -8.45 -4.13 2.07
N VAL A 37 -9.01 -4.97 2.95
CA VAL A 37 -9.30 -6.35 2.61
C VAL A 37 -10.59 -6.47 1.82
N LEU A 38 -10.51 -7.08 0.65
CA LEU A 38 -11.69 -7.25 -0.21
C LEU A 38 -12.44 -8.52 0.16
N PRO A 39 -13.70 -8.39 0.61
CA PRO A 39 -14.53 -9.55 1.00
C PRO A 39 -14.85 -10.45 -0.18
N SER A 40 -14.58 -9.97 -1.39
CA SER A 40 -14.85 -10.75 -2.59
C SER A 40 -13.83 -11.87 -2.77
N SER A 41 -12.59 -11.51 -3.06
CA SER A 41 -11.52 -12.49 -3.24
C SER A 41 -10.58 -12.53 -2.04
N ARG A 42 -10.94 -11.84 -0.96
CA ARG A 42 -10.12 -11.82 0.25
C ARG A 42 -8.70 -11.33 -0.08
N VAL A 43 -8.58 -10.49 -1.08
CA VAL A 43 -7.28 -9.95 -1.48
C VAL A 43 -7.05 -8.57 -0.88
N THR A 44 -5.93 -8.40 -0.20
CA THR A 44 -5.59 -7.13 0.42
C THR A 44 -5.03 -6.15 -0.61
N VAL A 45 -5.74 -5.06 -0.82
CA VAL A 45 -5.32 -4.04 -1.78
C VAL A 45 -5.47 -2.64 -1.21
N ASP A 46 -4.66 -1.70 -1.69
CA ASP A 46 -4.71 -0.32 -1.21
C ASP A 46 -6.09 0.28 -1.42
N ARG A 47 -6.51 1.10 -0.47
CA ARG A 47 -7.83 1.74 -0.54
C ARG A 47 -7.97 2.55 -1.82
N SER A 48 -6.85 3.09 -2.30
CA SER A 48 -6.85 3.90 -3.52
C SER A 48 -6.81 3.00 -4.75
N THR A 49 -6.12 1.87 -4.64
CA THR A 49 -6.01 0.93 -5.75
C THR A 49 -7.37 0.35 -6.11
N ILE A 50 -8.20 0.13 -5.09
CA ILE A 50 -9.52 -0.43 -5.29
C ILE A 50 -10.53 0.67 -5.68
N ALA A 51 -10.36 1.84 -5.08
CA ALA A 51 -11.24 2.97 -5.36
C ALA A 51 -11.29 3.28 -6.86
N ARG A 52 -10.12 3.33 -7.49
CA ARG A 52 -10.02 3.62 -8.91
C ARG A 52 -10.78 2.56 -9.72
N HIS A 53 -10.63 1.30 -9.32
CA HIS A 53 -11.30 0.20 -10.00
C HIS A 53 -12.81 0.26 -9.77
N LEU A 54 -13.22 0.89 -8.67
CA LEU A 54 -14.63 1.02 -8.34
C LEU A 54 -15.19 2.35 -8.84
N LEU A 55 -14.60 2.88 -9.90
CA LEU A 55 -15.05 4.15 -10.47
C LEU A 55 -16.00 3.91 -11.64
N SER A 56 -15.52 3.19 -12.64
CA SER A 56 -16.33 2.89 -13.82
C SER A 56 -17.04 1.55 -13.66
N ASP A 57 -16.40 0.63 -12.94
CA ASP A 57 -16.98 -0.70 -12.72
C ASP A 57 -16.90 -1.08 -11.24
N GLN A 58 -18.00 -0.91 -10.53
CA GLN A 58 -18.06 -1.24 -9.11
C GLN A 58 -17.95 -2.74 -8.90
N THR A 59 -16.73 -3.26 -8.97
CA THR A 59 -16.50 -4.69 -8.79
C THR A 59 -15.04 -4.95 -8.40
N ASP A 60 -14.72 -6.21 -8.17
CA ASP A 60 -13.36 -6.60 -7.78
C ASP A 60 -12.50 -6.81 -9.02
N PRO A 61 -11.22 -6.39 -8.96
CA PRO A 61 -10.28 -6.53 -10.08
C PRO A 61 -9.78 -7.97 -10.24
N PHE A 62 -10.08 -8.81 -9.26
CA PHE A 62 -9.65 -10.20 -9.31
C PHE A 62 -10.84 -11.15 -9.44
N ASN A 63 -11.92 -10.84 -8.71
CA ASN A 63 -13.12 -11.67 -8.75
C ASN A 63 -14.11 -11.14 -9.78
N ARG A 64 -14.06 -9.85 -10.04
CA ARG A 64 -14.96 -9.22 -11.02
C ARG A 64 -16.41 -9.35 -10.57
N SER A 65 -16.62 -9.35 -9.26
CA SER A 65 -17.96 -9.45 -8.69
C SER A 65 -18.41 -8.11 -8.12
N PRO A 66 -19.72 -7.97 -7.82
CA PRO A 66 -20.27 -6.73 -7.27
C PRO A 66 -19.65 -6.37 -5.93
N LEU A 67 -18.84 -5.31 -5.92
CA LEU A 67 -18.17 -4.87 -4.71
C LEU A 67 -18.18 -3.34 -4.62
N THR A 68 -18.21 -2.82 -3.40
CA THR A 68 -18.21 -1.38 -3.18
C THR A 68 -17.30 -1.00 -2.03
N MET A 69 -17.20 0.31 -1.75
CA MET A 69 -16.36 0.80 -0.68
C MET A 69 -16.91 0.39 0.68
N ASP A 70 -18.23 0.26 0.75
CA ASP A 70 -18.90 -0.13 1.99
C ASP A 70 -18.58 -1.57 2.35
N GLN A 71 -18.36 -2.40 1.34
CA GLN A 71 -18.05 -3.80 1.54
C GLN A 71 -16.61 -3.98 2.04
N ILE A 72 -15.67 -3.37 1.32
CA ILE A 72 -14.27 -3.46 1.68
C ILE A 72 -13.99 -2.77 3.00
N ARG A 73 -13.00 -3.27 3.74
CA ARG A 73 -12.63 -2.70 5.02
C ARG A 73 -11.11 -2.58 5.17
N PRO A 74 -10.64 -1.62 5.97
CA PRO A 74 -9.21 -1.42 6.20
C PRO A 74 -8.57 -2.54 7.01
N ASN A 75 -7.48 -3.09 6.51
CA ASN A 75 -6.78 -4.18 7.19
C ASN A 75 -5.93 -3.63 8.33
N THR A 76 -6.52 -3.54 9.52
CA THR A 76 -5.81 -3.04 10.69
C THR A 76 -4.63 -3.94 11.04
N GLU A 77 -4.84 -5.24 10.91
CA GLU A 77 -3.78 -6.22 11.21
C GLU A 77 -2.56 -5.98 10.33
N LEU A 78 -2.79 -5.50 9.12
CA LEU A 78 -1.71 -5.23 8.18
C LEU A 78 -1.12 -3.84 8.40
N LYS A 79 -2.00 -2.86 8.55
CA LYS A 79 -1.57 -1.47 8.77
C LYS A 79 -0.68 -1.36 10.00
N GLU A 80 -1.02 -2.12 11.04
CA GLU A 80 -0.24 -2.11 12.27
C GLU A 80 1.17 -2.64 12.03
N LYS A 81 1.30 -3.57 11.08
CA LYS A 81 2.59 -4.15 10.76
C LYS A 81 3.45 -3.17 9.99
N ILE A 82 2.81 -2.31 9.20
CA ILE A 82 3.53 -1.31 8.40
C ILE A 82 4.15 -0.26 9.29
N GLN A 83 3.41 0.19 10.30
CA GLN A 83 3.90 1.20 11.22
C GLN A 83 5.00 0.63 12.11
N ARG A 84 4.91 -0.66 12.40
CA ARG A 84 5.91 -1.33 13.24
C ARG A 84 7.18 -1.61 12.45
N TRP A 85 7.01 -1.96 11.18
CA TRP A 85 8.15 -2.26 10.31
C TRP A 85 8.90 -0.98 9.93
N LEU A 86 8.15 0.04 9.54
CA LEU A 86 8.74 1.32 9.16
C LEU A 86 9.56 1.91 10.30
N ALA A 87 9.12 1.67 11.52
CA ALA A 87 9.81 2.17 12.70
C ALA A 87 10.92 1.23 13.14
N GLU A 88 10.73 -0.06 12.87
CA GLU A 88 11.72 -1.07 13.23
C GLU A 88 12.92 -1.00 12.29
N ARG A 89 12.66 -0.72 11.02
CA ARG A 89 13.73 -0.64 10.03
C ARG A 89 14.55 0.63 10.22
N LYS A 90 13.94 1.65 10.81
CA LYS A 90 14.62 2.92 11.06
C LYS A 90 15.22 2.96 12.46
N GLN A 91 15.84 1.85 12.86
CA GLN A 91 16.46 1.76 14.18
C GLN A 91 17.97 1.90 14.08
N GLN A 92 18.47 3.12 14.23
CA GLN A 92 19.90 3.39 14.16
C GLN A 92 20.25 4.66 14.92
N SER A 93 21.54 4.97 14.97
CA SER A 93 22.01 6.17 15.66
C SER A 93 23.43 6.53 15.22
N GLY A 94 24.31 5.53 15.20
CA GLY A 94 25.69 5.76 14.80
C GLY A 94 26.63 5.85 15.99
N PRO A 95 27.46 4.82 16.22
CA PRO A 95 28.41 4.80 17.34
C PRO A 95 29.51 5.84 17.17
N SER A 96 29.20 7.08 17.54
CA SER A 96 30.17 8.17 17.43
C SER A 96 30.82 8.45 18.78
N SER A 97 31.01 7.40 19.57
CA SER A 97 31.61 7.55 20.90
C SER A 97 32.41 6.30 21.26
N GLY A 98 33.03 5.68 20.26
CA GLY A 98 33.82 4.48 20.49
C GLY A 98 35.21 4.57 19.91
N GLY A 1 9.41 12.35 -31.84
CA GLY A 1 9.47 12.09 -33.31
C GLY A 1 10.50 12.96 -34.01
N SER A 2 11.61 13.22 -33.34
CA SER A 2 12.68 14.03 -33.90
C SER A 2 13.99 13.83 -33.15
N SER A 3 13.91 13.82 -31.82
CA SER A 3 15.09 13.63 -30.99
C SER A 3 15.75 12.28 -31.28
N GLY A 4 17.04 12.20 -31.01
CA GLY A 4 17.76 10.97 -31.24
C GLY A 4 17.39 9.87 -30.26
N SER A 5 17.20 10.26 -29.00
CA SER A 5 16.82 9.30 -27.97
C SER A 5 15.74 9.87 -27.06
N SER A 6 14.57 9.24 -27.06
CA SER A 6 13.46 9.69 -26.24
C SER A 6 13.57 9.14 -24.82
N GLY A 7 13.19 9.96 -23.84
CA GLY A 7 13.27 9.55 -22.46
C GLY A 7 12.36 10.36 -21.56
N LEU A 8 11.54 9.68 -20.77
CA LEU A 8 10.60 10.34 -19.87
C LEU A 8 11.17 10.38 -18.45
N GLN A 9 10.99 11.52 -17.77
CA GLN A 9 11.49 11.68 -16.41
C GLN A 9 10.32 11.86 -15.44
N GLN A 10 9.91 10.76 -14.82
CA GLN A 10 8.80 10.80 -13.86
C GLN A 10 9.31 11.14 -12.47
N GLN A 11 8.38 11.33 -11.53
CA GLN A 11 8.73 11.65 -10.15
C GLN A 11 8.53 10.44 -9.25
N GLU A 12 9.59 10.06 -8.54
CA GLU A 12 9.52 8.92 -7.63
C GLU A 12 10.02 9.30 -6.23
N GLU A 13 9.11 9.79 -5.40
CA GLU A 13 9.46 10.18 -4.04
C GLU A 13 9.56 8.97 -3.12
N GLU A 14 8.72 7.97 -3.38
CA GLU A 14 8.71 6.75 -2.58
C GLU A 14 9.79 5.78 -3.06
N THR A 15 10.80 5.55 -2.21
CA THR A 15 11.89 4.65 -2.55
C THR A 15 11.91 3.46 -1.60
N TYR A 16 10.78 2.78 -1.48
CA TYR A 16 10.66 1.62 -0.61
C TYR A 16 10.96 0.33 -1.38
N ALA A 17 12.21 -0.12 -1.29
CA ALA A 17 12.63 -1.33 -1.99
C ALA A 17 12.86 -2.48 -1.01
N ASP A 18 13.00 -2.15 0.28
CA ASP A 18 13.22 -3.16 1.31
C ASP A 18 11.91 -3.54 1.98
N ALA A 19 10.82 -3.56 1.21
CA ALA A 19 9.52 -3.90 1.74
C ALA A 19 9.06 -5.27 1.23
N CYS A 20 8.38 -6.02 2.08
CA CYS A 20 7.89 -7.34 1.71
C CYS A 20 6.62 -7.23 0.86
N ASP A 21 6.29 -8.32 0.16
CA ASP A 21 5.10 -8.35 -0.68
C ASP A 21 3.85 -8.09 0.14
N GLU A 22 3.88 -8.47 1.41
CA GLU A 22 2.74 -8.28 2.30
C GLU A 22 2.35 -6.81 2.39
N PHE A 23 3.35 -5.94 2.25
CA PHE A 23 3.10 -4.50 2.31
C PHE A 23 2.92 -3.91 0.91
N LEU A 24 3.62 -4.49 -0.05
CA LEU A 24 3.52 -4.02 -1.44
C LEU A 24 2.15 -4.33 -2.03
N ASP A 25 1.63 -3.41 -2.82
CA ASP A 25 0.33 -3.59 -3.45
C ASP A 25 0.41 -4.58 -4.60
N PRO A 26 -0.59 -5.47 -4.73
CA PRO A 26 -0.62 -6.48 -5.80
C PRO A 26 -0.88 -5.87 -7.18
N ILE A 27 -1.50 -4.70 -7.19
CA ILE A 27 -1.80 -4.02 -8.45
C ILE A 27 -0.89 -2.81 -8.67
N MET A 28 -0.72 -2.00 -7.62
CA MET A 28 0.13 -0.82 -7.70
C MET A 28 1.60 -1.19 -7.57
N SER A 29 1.89 -2.30 -6.90
CA SER A 29 3.26 -2.76 -6.71
C SER A 29 4.08 -1.72 -5.96
N THR A 30 3.44 -1.04 -5.01
CA THR A 30 4.11 -0.02 -4.21
C THR A 30 3.75 -0.15 -2.74
N LEU A 31 4.36 0.69 -1.91
CA LEU A 31 4.11 0.67 -0.47
C LEU A 31 2.65 0.98 -0.18
N MET A 32 2.01 0.11 0.60
CA MET A 32 0.61 0.30 0.97
C MET A 32 0.48 1.03 2.29
N CYS A 33 -0.32 2.09 2.30
CA CYS A 33 -0.54 2.88 3.50
C CYS A 33 -1.79 2.43 4.25
N ASP A 34 -2.91 2.37 3.53
CA ASP A 34 -4.18 1.95 4.12
C ASP A 34 -4.76 0.76 3.36
N PRO A 35 -4.27 -0.46 3.64
CA PRO A 35 -4.74 -1.67 2.98
C PRO A 35 -6.14 -2.07 3.42
N VAL A 36 -6.99 -2.42 2.47
CA VAL A 36 -8.36 -2.82 2.76
C VAL A 36 -8.62 -4.26 2.34
N VAL A 37 -9.19 -5.04 3.25
CA VAL A 37 -9.49 -6.45 2.97
C VAL A 37 -10.78 -6.59 2.18
N LEU A 38 -10.68 -7.11 0.97
CA LEU A 38 -11.84 -7.29 0.11
C LEU A 38 -12.65 -8.52 0.55
N PRO A 39 -13.96 -8.35 0.79
CA PRO A 39 -14.83 -9.44 1.22
C PRO A 39 -15.23 -10.37 0.07
N SER A 40 -14.75 -10.07 -1.14
CA SER A 40 -15.07 -10.87 -2.31
C SER A 40 -13.93 -11.82 -2.64
N SER A 41 -12.87 -11.29 -3.25
CA SER A 41 -11.71 -12.09 -3.63
C SER A 41 -10.83 -12.40 -2.42
N ARG A 42 -11.08 -11.74 -1.31
CA ARG A 42 -10.31 -11.96 -0.09
C ARG A 42 -8.85 -11.59 -0.31
N VAL A 43 -8.61 -10.62 -1.19
CA VAL A 43 -7.26 -10.17 -1.49
C VAL A 43 -7.03 -8.75 -1.00
N THR A 44 -6.05 -8.60 -0.09
CA THR A 44 -5.74 -7.29 0.47
C THR A 44 -5.26 -6.33 -0.62
N VAL A 45 -5.78 -5.10 -0.60
CA VAL A 45 -5.41 -4.09 -1.57
C VAL A 45 -5.54 -2.69 -1.00
N ASP A 46 -4.72 -1.77 -1.49
CA ASP A 46 -4.74 -0.39 -1.03
C ASP A 46 -6.13 0.23 -1.21
N ARG A 47 -6.57 1.00 -0.22
CA ARG A 47 -7.88 1.65 -0.28
C ARG A 47 -7.97 2.56 -1.49
N SER A 48 -6.83 3.10 -1.91
CA SER A 48 -6.80 3.99 -3.07
C SER A 48 -6.72 3.20 -4.36
N THR A 49 -6.09 2.03 -4.30
CA THR A 49 -5.95 1.17 -5.47
C THR A 49 -7.29 0.59 -5.89
N ILE A 50 -8.10 0.22 -4.90
CA ILE A 50 -9.42 -0.36 -5.17
C ILE A 50 -10.37 0.71 -5.72
N ALA A 51 -10.32 1.90 -5.13
CA ALA A 51 -11.18 3.00 -5.56
C ALA A 51 -11.00 3.28 -7.05
N ARG A 52 -9.77 3.17 -7.52
CA ARG A 52 -9.46 3.40 -8.93
C ARG A 52 -10.17 2.38 -9.81
N HIS A 53 -10.32 1.16 -9.29
CA HIS A 53 -10.98 0.09 -10.03
C HIS A 53 -12.50 0.21 -9.93
N LEU A 54 -12.98 0.89 -8.89
CA LEU A 54 -14.41 1.08 -8.68
C LEU A 54 -14.88 2.41 -9.25
N LEU A 55 -14.22 2.86 -10.32
CA LEU A 55 -14.56 4.12 -10.96
C LEU A 55 -15.62 3.90 -12.04
N SER A 56 -15.33 2.97 -12.96
CA SER A 56 -16.25 2.67 -14.05
C SER A 56 -16.94 1.33 -13.80
N ASP A 57 -16.24 0.42 -13.15
CA ASP A 57 -16.79 -0.90 -12.86
C ASP A 57 -16.71 -1.21 -11.36
N GLN A 58 -17.76 -0.86 -10.63
CA GLN A 58 -17.82 -1.10 -9.20
C GLN A 58 -17.84 -2.59 -8.89
N THR A 59 -16.68 -3.22 -8.93
CA THR A 59 -16.57 -4.66 -8.66
C THR A 59 -15.14 -5.03 -8.28
N ASP A 60 -14.94 -6.29 -7.90
CA ASP A 60 -13.63 -6.77 -7.51
C ASP A 60 -12.74 -6.98 -8.74
N PRO A 61 -11.46 -6.59 -8.67
CA PRO A 61 -10.52 -6.74 -9.78
C PRO A 61 -10.07 -8.19 -9.96
N PHE A 62 -10.24 -9.00 -8.93
CA PHE A 62 -9.84 -10.40 -8.98
C PHE A 62 -11.07 -11.31 -9.02
N ASN A 63 -12.16 -10.86 -8.41
CA ASN A 63 -13.39 -11.64 -8.37
C ASN A 63 -14.37 -11.17 -9.44
N ARG A 64 -14.31 -9.89 -9.78
CA ARG A 64 -15.19 -9.32 -10.80
C ARG A 64 -16.65 -9.42 -10.35
N SER A 65 -16.89 -9.26 -9.05
CA SER A 65 -18.23 -9.32 -8.49
C SER A 65 -18.65 -7.98 -7.91
N PRO A 66 -19.96 -7.80 -7.65
CA PRO A 66 -20.47 -6.55 -7.08
C PRO A 66 -19.75 -6.13 -5.81
N LEU A 67 -19.02 -5.03 -5.88
CA LEU A 67 -18.27 -4.52 -4.74
C LEU A 67 -18.35 -3.00 -4.65
N THR A 68 -18.25 -2.47 -3.44
CA THR A 68 -18.32 -1.03 -3.23
C THR A 68 -17.29 -0.59 -2.19
N MET A 69 -17.30 0.69 -1.86
CA MET A 69 -16.38 1.24 -0.89
C MET A 69 -16.78 0.85 0.53
N ASP A 70 -18.08 0.69 0.74
CA ASP A 70 -18.60 0.30 2.05
C ASP A 70 -18.36 -1.17 2.32
N GLN A 71 -18.45 -1.99 1.27
CA GLN A 71 -18.25 -3.43 1.41
C GLN A 71 -16.84 -3.73 1.92
N ILE A 72 -15.85 -3.04 1.37
CA ILE A 72 -14.47 -3.24 1.77
C ILE A 72 -14.21 -2.67 3.16
N ARG A 73 -13.26 -3.26 3.87
CA ARG A 73 -12.91 -2.81 5.21
C ARG A 73 -11.40 -2.65 5.36
N PRO A 74 -10.96 -1.73 6.23
CA PRO A 74 -9.53 -1.49 6.47
C PRO A 74 -8.87 -2.62 7.24
N ASN A 75 -7.76 -3.13 6.72
CA ASN A 75 -7.03 -4.21 7.38
C ASN A 75 -6.20 -3.68 8.54
N THR A 76 -6.76 -3.74 9.74
CA THR A 76 -6.08 -3.27 10.94
C THR A 76 -4.86 -4.13 11.24
N GLU A 77 -5.02 -5.44 11.10
CA GLU A 77 -3.92 -6.37 11.35
C GLU A 77 -2.74 -6.09 10.43
N LEU A 78 -3.04 -5.65 9.21
CA LEU A 78 -2.01 -5.34 8.23
C LEU A 78 -1.41 -3.96 8.48
N LYS A 79 -2.26 -3.00 8.81
CA LYS A 79 -1.82 -1.64 9.09
C LYS A 79 -0.79 -1.61 10.21
N GLU A 80 -1.02 -2.42 11.24
CA GLU A 80 -0.11 -2.49 12.37
C GLU A 80 1.23 -3.09 11.96
N LYS A 81 1.20 -3.98 10.98
CA LYS A 81 2.41 -4.63 10.50
C LYS A 81 3.30 -3.64 9.75
N ILE A 82 2.66 -2.70 9.06
CA ILE A 82 3.39 -1.69 8.31
C ILE A 82 4.08 -0.69 9.23
N GLN A 83 3.45 -0.42 10.36
CA GLN A 83 4.00 0.52 11.33
C GLN A 83 5.25 -0.05 12.00
N ARG A 84 5.28 -1.38 12.15
CA ARG A 84 6.41 -2.05 12.77
C ARG A 84 7.65 -1.94 11.90
N TRP A 85 7.45 -1.97 10.59
CA TRP A 85 8.56 -1.88 9.65
C TRP A 85 8.94 -0.42 9.39
N LEU A 86 7.92 0.42 9.25
CA LEU A 86 8.14 1.85 9.00
C LEU A 86 8.86 2.50 10.17
N ALA A 87 8.62 1.99 11.37
CA ALA A 87 9.24 2.53 12.58
C ALA A 87 10.62 1.90 12.81
N GLU A 88 10.80 0.67 12.35
CA GLU A 88 12.06 -0.03 12.52
C GLU A 88 13.07 0.41 11.46
N ARG A 89 12.58 0.83 10.30
CA ARG A 89 13.45 1.27 9.22
C ARG A 89 13.92 2.70 9.44
N LYS A 90 13.06 3.51 10.05
CA LYS A 90 13.39 4.91 10.31
C LYS A 90 14.16 5.03 11.63
N GLN A 91 15.32 4.39 11.69
CA GLN A 91 16.15 4.42 12.88
C GLN A 91 17.60 4.74 12.52
N GLN A 92 18.05 5.94 12.86
CA GLN A 92 19.41 6.37 12.57
C GLN A 92 20.24 6.44 13.84
N SER A 93 20.47 5.29 14.46
CA SER A 93 21.25 5.23 15.69
C SER A 93 21.58 3.79 16.05
N GLY A 94 22.85 3.53 16.36
CA GLY A 94 23.27 2.20 16.72
C GLY A 94 23.61 2.06 18.19
N PRO A 95 23.34 0.89 18.80
CA PRO A 95 23.63 0.66 20.22
C PRO A 95 25.12 0.50 20.50
N SER A 96 25.51 0.74 21.74
CA SER A 96 26.91 0.61 22.14
C SER A 96 27.15 -0.68 22.91
N SER A 97 28.42 -0.99 23.15
CA SER A 97 28.78 -2.21 23.87
C SER A 97 29.96 -1.96 24.81
N GLY A 98 29.96 -2.65 25.95
CA GLY A 98 31.02 -2.49 26.92
C GLY A 98 30.51 -2.52 28.35
N GLY A 1 35.33 16.98 -11.60
CA GLY A 1 36.31 17.62 -12.53
C GLY A 1 35.93 19.05 -12.86
N SER A 2 34.83 19.21 -13.60
CA SER A 2 34.36 20.54 -13.98
C SER A 2 33.72 21.26 -12.80
N SER A 3 33.74 22.58 -12.84
CA SER A 3 33.16 23.38 -11.76
C SER A 3 31.70 23.74 -12.07
N GLY A 4 30.79 23.18 -11.29
CA GLY A 4 29.38 23.44 -11.50
C GLY A 4 28.64 23.73 -10.20
N SER A 5 27.69 22.86 -9.86
CA SER A 5 26.92 23.02 -8.64
C SER A 5 26.94 21.74 -7.81
N SER A 6 27.61 21.78 -6.66
CA SER A 6 27.70 20.63 -5.78
C SER A 6 27.63 21.05 -4.32
N GLY A 7 26.53 20.71 -3.66
CA GLY A 7 26.36 21.06 -2.26
C GLY A 7 25.24 20.26 -1.60
N LEU A 8 25.04 19.04 -2.08
CA LEU A 8 24.00 18.17 -1.51
C LEU A 8 24.39 16.71 -1.64
N GLN A 9 23.51 15.82 -1.19
CA GLN A 9 23.76 14.39 -1.24
C GLN A 9 22.53 13.60 -0.80
N GLN A 10 21.69 13.23 -1.77
CA GLN A 10 20.49 12.47 -1.47
C GLN A 10 19.94 11.80 -2.73
N GLN A 11 18.84 11.07 -2.59
CA GLN A 11 18.22 10.39 -3.71
C GLN A 11 16.90 11.06 -4.09
N GLU A 12 16.20 10.46 -5.07
CA GLU A 12 14.93 10.99 -5.53
C GLU A 12 13.93 9.88 -5.80
N GLU A 13 12.64 10.18 -5.65
CA GLU A 13 11.60 9.20 -5.88
C GLU A 13 11.72 8.01 -4.93
N GLU A 14 10.65 7.74 -4.18
CA GLU A 14 10.64 6.64 -3.23
C GLU A 14 10.26 5.33 -3.91
N THR A 15 10.95 4.25 -3.54
CA THR A 15 10.67 2.94 -4.12
C THR A 15 10.34 1.92 -3.04
N TYR A 16 11.01 2.02 -1.90
CA TYR A 16 10.78 1.10 -0.80
C TYR A 16 11.08 -0.34 -1.20
N ALA A 17 12.35 -0.61 -1.48
CA ALA A 17 12.77 -1.95 -1.88
C ALA A 17 12.85 -2.89 -0.69
N ASP A 18 13.21 -2.35 0.47
CA ASP A 18 13.31 -3.13 1.70
C ASP A 18 11.98 -3.77 2.05
N ALA A 19 10.89 -3.08 1.70
CA ALA A 19 9.55 -3.58 1.98
C ALA A 19 9.28 -4.89 1.24
N CYS A 20 8.67 -5.85 1.93
CA CYS A 20 8.36 -7.13 1.33
C CYS A 20 7.04 -7.08 0.56
N ASP A 21 6.65 -8.21 -0.04
CA ASP A 21 5.42 -8.28 -0.81
C ASP A 21 4.20 -8.08 0.09
N GLU A 22 4.34 -8.47 1.36
CA GLU A 22 3.25 -8.33 2.32
C GLU A 22 2.81 -6.87 2.44
N PHE A 23 3.76 -5.96 2.32
CA PHE A 23 3.47 -4.54 2.42
C PHE A 23 3.20 -3.94 1.04
N LEU A 24 3.83 -4.51 0.02
CA LEU A 24 3.65 -4.03 -1.35
C LEU A 24 2.29 -4.45 -1.90
N ASP A 25 1.67 -3.56 -2.68
CA ASP A 25 0.37 -3.85 -3.26
C ASP A 25 0.47 -4.94 -4.33
N PRO A 26 -0.53 -5.81 -4.43
CA PRO A 26 -0.54 -6.90 -5.42
C PRO A 26 -0.69 -6.39 -6.84
N ILE A 27 -1.32 -5.22 -6.98
CA ILE A 27 -1.53 -4.63 -8.30
C ILE A 27 -0.62 -3.43 -8.52
N MET A 28 -0.63 -2.50 -7.56
CA MET A 28 0.19 -1.30 -7.64
C MET A 28 1.66 -1.64 -7.46
N SER A 29 1.94 -2.71 -6.72
CA SER A 29 3.32 -3.12 -6.47
C SER A 29 4.08 -2.05 -5.71
N THR A 30 3.37 -1.29 -4.89
CA THR A 30 3.98 -0.22 -4.11
C THR A 30 3.63 -0.35 -2.63
N LEU A 31 4.32 0.42 -1.79
CA LEU A 31 4.07 0.39 -0.35
C LEU A 31 2.61 0.70 -0.04
N MET A 32 1.97 -0.19 0.71
CA MET A 32 0.57 -0.01 1.08
C MET A 32 0.45 0.77 2.39
N CYS A 33 -0.30 1.87 2.36
CA CYS A 33 -0.50 2.70 3.54
C CYS A 33 -1.82 2.35 4.23
N ASP A 34 -2.81 1.94 3.44
CA ASP A 34 -4.11 1.60 3.97
C ASP A 34 -4.68 0.37 3.24
N PRO A 35 -4.17 -0.83 3.55
CA PRO A 35 -4.64 -2.07 2.92
C PRO A 35 -6.05 -2.44 3.34
N VAL A 36 -6.97 -2.46 2.38
CA VAL A 36 -8.36 -2.81 2.67
C VAL A 36 -8.67 -4.23 2.24
N VAL A 37 -9.28 -5.00 3.14
CA VAL A 37 -9.62 -6.38 2.86
C VAL A 37 -10.85 -6.47 1.96
N LEU A 38 -10.69 -7.15 0.83
CA LEU A 38 -11.79 -7.31 -0.13
C LEU A 38 -12.68 -8.48 0.27
N PRO A 39 -13.98 -8.21 0.55
CA PRO A 39 -14.92 -9.26 0.95
C PRO A 39 -15.33 -10.17 -0.21
N SER A 40 -14.85 -9.86 -1.41
CA SER A 40 -15.17 -10.64 -2.60
C SER A 40 -14.09 -11.68 -2.88
N SER A 41 -12.92 -11.22 -3.30
CA SER A 41 -11.81 -12.11 -3.61
C SER A 41 -10.94 -12.40 -2.39
N ARG A 42 -11.28 -11.77 -1.26
CA ARG A 42 -10.51 -11.97 -0.03
C ARG A 42 -9.05 -11.54 -0.22
N VAL A 43 -8.83 -10.58 -1.10
CA VAL A 43 -7.49 -10.09 -1.38
C VAL A 43 -7.28 -8.70 -0.78
N THR A 44 -6.14 -8.52 -0.12
CA THR A 44 -5.82 -7.24 0.50
C THR A 44 -5.23 -6.27 -0.52
N VAL A 45 -5.88 -5.13 -0.69
CA VAL A 45 -5.41 -4.11 -1.63
C VAL A 45 -5.58 -2.72 -1.07
N ASP A 46 -4.79 -1.78 -1.59
CA ASP A 46 -4.86 -0.39 -1.13
C ASP A 46 -6.25 0.19 -1.35
N ARG A 47 -6.71 0.97 -0.37
CA ARG A 47 -8.03 1.59 -0.45
C ARG A 47 -8.14 2.48 -1.69
N SER A 48 -7.02 3.07 -2.09
CA SER A 48 -6.99 3.94 -3.26
C SER A 48 -6.87 3.13 -4.54
N THR A 49 -6.20 1.98 -4.46
CA THR A 49 -6.03 1.12 -5.61
C THR A 49 -7.35 0.48 -6.02
N ILE A 50 -8.18 0.16 -5.05
CA ILE A 50 -9.47 -0.46 -5.30
C ILE A 50 -10.48 0.58 -5.78
N ALA A 51 -10.48 1.75 -5.14
CA ALA A 51 -11.39 2.83 -5.50
C ALA A 51 -11.28 3.17 -6.98
N ARG A 52 -10.05 3.24 -7.47
CA ARG A 52 -9.80 3.56 -8.88
C ARG A 52 -10.47 2.53 -9.79
N HIS A 53 -10.55 1.30 -9.32
CA HIS A 53 -11.18 0.22 -10.08
C HIS A 53 -12.69 0.27 -9.96
N LEU A 54 -13.19 0.89 -8.90
CA LEU A 54 -14.61 1.00 -8.67
C LEU A 54 -15.16 2.33 -9.19
N LEU A 55 -14.53 2.83 -10.26
CA LEU A 55 -14.94 4.10 -10.86
C LEU A 55 -16.03 3.86 -11.91
N SER A 56 -15.70 3.09 -12.93
CA SER A 56 -16.65 2.78 -13.99
C SER A 56 -17.30 1.43 -13.78
N ASP A 57 -16.56 0.50 -13.16
CA ASP A 57 -17.07 -0.83 -12.88
C ASP A 57 -16.94 -1.16 -11.40
N GLN A 58 -18.05 -1.02 -10.66
CA GLN A 58 -18.06 -1.30 -9.23
C GLN A 58 -17.88 -2.79 -8.98
N THR A 59 -16.65 -3.26 -9.09
CA THR A 59 -16.35 -4.68 -8.86
C THR A 59 -14.87 -4.86 -8.51
N ASP A 60 -14.50 -6.11 -8.19
CA ASP A 60 -13.13 -6.42 -7.85
C ASP A 60 -12.30 -6.70 -9.10
N PRO A 61 -11.01 -6.34 -9.09
CA PRO A 61 -10.11 -6.54 -10.22
C PRO A 61 -9.69 -8.00 -10.38
N PHE A 62 -10.03 -8.83 -9.40
CA PHE A 62 -9.67 -10.24 -9.44
C PHE A 62 -10.90 -11.12 -9.62
N ASN A 63 -11.92 -10.88 -8.79
CA ASN A 63 -13.15 -11.67 -8.86
C ASN A 63 -14.13 -11.07 -9.87
N ARG A 64 -14.06 -9.76 -10.05
CA ARG A 64 -14.94 -9.06 -10.99
C ARG A 64 -16.40 -9.18 -10.55
N SER A 65 -16.60 -9.25 -9.24
CA SER A 65 -17.94 -9.35 -8.68
C SER A 65 -18.36 -8.05 -7.98
N PRO A 66 -19.63 -7.94 -7.59
CA PRO A 66 -20.15 -6.74 -6.92
C PRO A 66 -19.27 -6.31 -5.74
N LEU A 67 -18.85 -5.05 -5.76
CA LEU A 67 -18.01 -4.52 -4.69
C LEU A 67 -18.04 -2.99 -4.67
N THR A 68 -17.98 -2.41 -3.48
CA THR A 68 -18.01 -0.97 -3.33
C THR A 68 -16.98 -0.50 -2.30
N MET A 69 -16.96 0.79 -2.04
CA MET A 69 -16.02 1.36 -1.08
C MET A 69 -16.44 1.04 0.36
N ASP A 70 -17.74 0.89 0.56
CA ASP A 70 -18.27 0.58 1.89
C ASP A 70 -18.09 -0.90 2.22
N GLN A 71 -18.19 -1.74 1.19
CA GLN A 71 -18.04 -3.19 1.37
C GLN A 71 -16.67 -3.52 1.94
N ILE A 72 -15.63 -2.96 1.32
CA ILE A 72 -14.26 -3.21 1.76
C ILE A 72 -14.01 -2.62 3.14
N ARG A 73 -13.11 -3.24 3.90
CA ARG A 73 -12.78 -2.76 5.23
C ARG A 73 -11.27 -2.61 5.41
N PRO A 74 -10.83 -1.71 6.30
CA PRO A 74 -9.41 -1.47 6.56
C PRO A 74 -8.75 -2.63 7.30
N ASN A 75 -7.65 -3.13 6.76
CA ASN A 75 -6.93 -4.24 7.38
C ASN A 75 -6.06 -3.75 8.53
N THR A 76 -6.66 -3.64 9.71
CA THR A 76 -5.94 -3.19 10.89
C THR A 76 -4.81 -4.14 11.25
N GLU A 77 -5.07 -5.44 11.09
CA GLU A 77 -4.08 -6.46 11.40
C GLU A 77 -2.82 -6.27 10.55
N LEU A 78 -3.01 -5.76 9.34
CA LEU A 78 -1.89 -5.53 8.44
C LEU A 78 -1.32 -4.13 8.62
N LYS A 79 -2.19 -3.16 8.84
CA LYS A 79 -1.77 -1.78 9.03
C LYS A 79 -0.78 -1.66 10.18
N GLU A 80 -0.95 -2.50 11.19
CA GLU A 80 -0.07 -2.50 12.35
C GLU A 80 1.32 -3.01 11.98
N LYS A 81 1.38 -3.91 11.00
CA LYS A 81 2.65 -4.47 10.56
C LYS A 81 3.43 -3.46 9.74
N ILE A 82 2.71 -2.58 9.05
CA ILE A 82 3.34 -1.55 8.23
C ILE A 82 3.97 -0.46 9.08
N GLN A 83 3.35 -0.21 10.24
CA GLN A 83 3.84 0.82 11.15
C GLN A 83 5.02 0.30 11.97
N ARG A 84 4.90 -0.93 12.45
CA ARG A 84 5.96 -1.55 13.25
C ARG A 84 7.25 -1.66 12.44
N TRP A 85 7.10 -1.85 11.13
CA TRP A 85 8.25 -1.97 10.24
C TRP A 85 8.81 -0.60 9.86
N LEU A 86 7.91 0.33 9.55
CA LEU A 86 8.30 1.68 9.17
C LEU A 86 9.14 2.33 10.26
N ALA A 87 8.88 1.95 11.51
CA ALA A 87 9.60 2.51 12.64
C ALA A 87 10.91 1.75 12.88
N GLU A 88 10.92 0.47 12.53
CA GLU A 88 12.11 -0.36 12.71
C GLU A 88 13.11 -0.13 11.58
N ARG A 89 12.62 -0.08 10.36
CA ARG A 89 13.47 0.15 9.19
C ARG A 89 14.24 1.47 9.31
N LYS A 90 13.67 2.41 10.05
CA LYS A 90 14.30 3.72 10.24
C LYS A 90 15.23 3.70 11.45
N GLN A 91 16.14 2.72 11.48
CA GLN A 91 17.09 2.59 12.58
C GLN A 91 18.46 2.18 12.07
N GLN A 92 19.34 3.16 11.92
CA GLN A 92 20.69 2.90 11.44
C GLN A 92 21.43 1.92 12.36
N SER A 93 21.86 2.43 13.51
CA SER A 93 22.58 1.60 14.47
C SER A 93 21.69 1.28 15.68
N GLY A 94 21.92 0.11 16.27
CA GLY A 94 21.13 -0.31 17.42
C GLY A 94 21.39 -1.74 17.81
N PRO A 95 22.64 -2.09 18.16
CA PRO A 95 23.01 -3.46 18.56
C PRO A 95 22.45 -3.83 19.93
N SER A 96 22.11 -5.10 20.10
CA SER A 96 21.56 -5.58 21.37
C SER A 96 20.28 -4.84 21.72
N SER A 97 19.66 -5.25 22.83
CA SER A 97 18.42 -4.63 23.28
C SER A 97 18.70 -3.54 24.32
N GLY A 98 19.19 -3.96 25.47
CA GLY A 98 19.49 -3.01 26.53
C GLY A 98 19.03 -3.48 27.89
N GLY A 1 26.40 22.15 -24.47
CA GLY A 1 24.97 22.45 -24.20
C GLY A 1 24.03 21.64 -25.08
N SER A 2 24.43 21.45 -26.34
CA SER A 2 23.62 20.69 -27.28
C SER A 2 24.18 19.28 -27.47
N SER A 3 23.99 18.43 -26.47
CA SER A 3 24.48 17.05 -26.54
C SER A 3 23.37 16.06 -26.19
N GLY A 4 22.13 16.43 -26.51
CA GLY A 4 21.00 15.57 -26.22
C GLY A 4 20.82 15.31 -24.74
N SER A 5 19.71 15.79 -24.19
CA SER A 5 19.43 15.62 -22.77
C SER A 5 18.81 14.24 -22.51
N SER A 6 19.53 13.41 -21.77
CA SER A 6 19.06 12.07 -21.44
C SER A 6 19.24 11.78 -19.95
N GLY A 7 18.28 11.06 -19.37
CA GLY A 7 18.34 10.73 -17.97
C GLY A 7 19.44 9.72 -17.66
N LEU A 8 20.44 10.16 -16.91
CA LEU A 8 21.56 9.29 -16.55
C LEU A 8 21.64 9.10 -15.03
N GLN A 9 21.47 10.19 -14.30
CA GLN A 9 21.52 10.15 -12.85
C GLN A 9 20.38 10.97 -12.24
N GLN A 10 19.42 10.30 -11.63
CA GLN A 10 18.29 10.98 -11.01
C GLN A 10 18.30 10.77 -9.49
N GLN A 11 17.47 11.53 -8.79
CA GLN A 11 17.38 11.43 -7.34
C GLN A 11 15.93 11.54 -6.87
N GLU A 12 15.39 10.43 -6.40
CA GLU A 12 14.01 10.41 -5.92
C GLU A 12 13.96 10.42 -4.40
N GLU A 13 13.00 11.16 -3.85
CA GLU A 13 12.84 11.26 -2.41
C GLU A 13 12.48 9.92 -1.80
N GLU A 14 11.36 9.36 -2.23
CA GLU A 14 10.90 8.07 -1.72
C GLU A 14 11.57 6.93 -2.48
N THR A 15 11.73 5.79 -1.80
CA THR A 15 12.35 4.62 -2.41
C THR A 15 12.24 3.41 -1.49
N TYR A 16 11.19 2.62 -1.68
CA TYR A 16 10.97 1.43 -0.87
C TYR A 16 11.52 0.19 -1.57
N ALA A 17 12.79 -0.12 -1.29
CA ALA A 17 13.43 -1.28 -1.90
C ALA A 17 13.49 -2.45 -0.93
N ASP A 18 13.49 -2.13 0.37
CA ASP A 18 13.56 -3.17 1.40
C ASP A 18 12.16 -3.48 1.94
N ALA A 19 11.17 -3.39 1.07
CA ALA A 19 9.79 -3.67 1.46
C ALA A 19 9.34 -5.04 0.96
N CYS A 20 8.86 -5.87 1.88
CA CYS A 20 8.40 -7.21 1.52
C CYS A 20 7.14 -7.15 0.68
N ASP A 21 6.78 -8.27 0.07
CA ASP A 21 5.59 -8.35 -0.77
C ASP A 21 4.32 -8.19 0.07
N GLU A 22 4.40 -8.58 1.33
CA GLU A 22 3.26 -8.47 2.24
C GLU A 22 2.74 -7.04 2.30
N PHE A 23 3.63 -6.08 2.12
CA PHE A 23 3.26 -4.67 2.16
C PHE A 23 3.01 -4.13 0.75
N LEU A 24 3.73 -4.69 -0.22
CA LEU A 24 3.59 -4.27 -1.61
C LEU A 24 2.21 -4.64 -2.15
N ASP A 25 1.69 -3.80 -3.03
CA ASP A 25 0.38 -4.03 -3.63
C ASP A 25 0.47 -5.09 -4.73
N PRO A 26 -0.56 -5.96 -4.83
CA PRO A 26 -0.59 -7.02 -5.85
C PRO A 26 -0.70 -6.46 -7.27
N ILE A 27 -1.30 -5.28 -7.39
CA ILE A 27 -1.48 -4.64 -8.69
C ILE A 27 -0.53 -3.47 -8.85
N MET A 28 -0.61 -2.50 -7.94
CA MET A 28 0.24 -1.32 -7.99
C MET A 28 1.72 -1.71 -7.82
N SER A 29 1.96 -2.81 -7.13
CA SER A 29 3.32 -3.28 -6.91
C SER A 29 4.13 -2.25 -6.11
N THR A 30 3.45 -1.51 -5.25
CA THR A 30 4.10 -0.50 -4.43
C THR A 30 3.72 -0.65 -2.96
N LEU A 31 4.43 0.05 -2.09
CA LEU A 31 4.18 -0.01 -0.66
C LEU A 31 2.75 0.43 -0.35
N MET A 32 2.03 -0.39 0.40
CA MET A 32 0.65 -0.10 0.77
C MET A 32 0.60 0.71 2.06
N CYS A 33 -0.15 1.82 2.04
CA CYS A 33 -0.29 2.67 3.20
C CYS A 33 -1.60 2.39 3.94
N ASP A 34 -2.63 2.04 3.18
CA ASP A 34 -3.93 1.72 3.77
C ASP A 34 -4.56 0.53 3.08
N PRO A 35 -4.10 -0.70 3.42
CA PRO A 35 -4.62 -1.93 2.82
C PRO A 35 -6.04 -2.24 3.28
N VAL A 36 -6.92 -2.52 2.32
CA VAL A 36 -8.31 -2.84 2.62
C VAL A 36 -8.64 -4.27 2.21
N VAL A 37 -9.27 -5.01 3.11
CA VAL A 37 -9.65 -6.39 2.83
C VAL A 37 -10.94 -6.47 2.01
N LEU A 38 -10.87 -7.13 0.87
CA LEU A 38 -12.03 -7.27 -0.01
C LEU A 38 -12.86 -8.49 0.39
N PRO A 39 -14.12 -8.28 0.82
CA PRO A 39 -15.00 -9.38 1.23
C PRO A 39 -15.42 -10.27 0.06
N SER A 40 -15.11 -9.83 -1.16
CA SER A 40 -15.46 -10.60 -2.35
C SER A 40 -14.27 -11.39 -2.87
N SER A 41 -13.26 -10.69 -3.38
CA SER A 41 -12.07 -11.32 -3.93
C SER A 41 -11.15 -11.84 -2.81
N ARG A 42 -11.30 -11.27 -1.61
CA ARG A 42 -10.48 -11.68 -0.48
C ARG A 42 -9.00 -11.38 -0.73
N VAL A 43 -8.75 -10.30 -1.46
CA VAL A 43 -7.39 -9.90 -1.79
C VAL A 43 -7.06 -8.56 -1.15
N THR A 44 -6.02 -8.54 -0.31
CA THR A 44 -5.60 -7.31 0.37
C THR A 44 -4.96 -6.34 -0.63
N VAL A 45 -5.58 -5.17 -0.77
CA VAL A 45 -5.07 -4.15 -1.68
C VAL A 45 -5.25 -2.76 -1.08
N ASP A 46 -4.49 -1.80 -1.60
CA ASP A 46 -4.56 -0.43 -1.13
C ASP A 46 -5.97 0.14 -1.29
N ARG A 47 -6.40 0.93 -0.32
CA ARG A 47 -7.74 1.53 -0.35
C ARG A 47 -7.91 2.40 -1.60
N SER A 48 -6.80 2.94 -2.10
CA SER A 48 -6.85 3.78 -3.29
C SER A 48 -6.79 2.95 -4.55
N THR A 49 -6.12 1.79 -4.47
CA THR A 49 -5.99 0.90 -5.62
C THR A 49 -7.35 0.35 -6.02
N ILE A 50 -8.19 0.07 -5.05
CA ILE A 50 -9.52 -0.47 -5.30
C ILE A 50 -10.48 0.63 -5.74
N ALA A 51 -10.32 1.82 -5.15
CA ALA A 51 -11.17 2.96 -5.49
C ALA A 51 -11.14 3.26 -6.98
N ARG A 52 -9.94 3.17 -7.57
CA ARG A 52 -9.78 3.41 -8.99
C ARG A 52 -10.56 2.41 -9.81
N HIS A 53 -10.59 1.16 -9.34
CA HIS A 53 -11.31 0.09 -10.03
C HIS A 53 -12.81 0.23 -9.83
N LEU A 54 -13.20 0.88 -8.73
CA LEU A 54 -14.61 1.08 -8.42
C LEU A 54 -15.10 2.43 -8.93
N LEU A 55 -14.63 2.83 -10.10
CA LEU A 55 -15.02 4.10 -10.69
C LEU A 55 -16.07 3.89 -11.78
N SER A 56 -15.77 3.02 -12.73
CA SER A 56 -16.68 2.72 -13.83
C SER A 56 -17.45 1.43 -13.56
N ASP A 57 -16.82 0.50 -12.85
CA ASP A 57 -17.45 -0.77 -12.52
C ASP A 57 -17.26 -1.11 -11.05
N GLN A 58 -18.30 -0.89 -10.26
CA GLN A 58 -18.25 -1.18 -8.82
C GLN A 58 -18.13 -2.67 -8.57
N THR A 59 -16.93 -3.20 -8.77
CA THR A 59 -16.67 -4.62 -8.56
C THR A 59 -15.22 -4.87 -8.19
N ASP A 60 -14.83 -6.14 -8.15
CA ASP A 60 -13.46 -6.51 -7.80
C ASP A 60 -12.63 -6.76 -9.06
N PRO A 61 -11.33 -6.40 -9.04
CA PRO A 61 -10.45 -6.59 -10.18
C PRO A 61 -10.03 -8.04 -10.36
N PHE A 62 -10.41 -8.90 -9.41
CA PHE A 62 -10.06 -10.32 -9.47
C PHE A 62 -11.31 -11.17 -9.57
N ASN A 63 -12.25 -10.95 -8.65
CA ASN A 63 -13.50 -11.71 -8.63
C ASN A 63 -14.52 -11.12 -9.59
N ARG A 64 -14.45 -9.81 -9.79
CA ARG A 64 -15.38 -9.13 -10.69
C ARG A 64 -16.82 -9.25 -10.19
N SER A 65 -16.97 -9.31 -8.87
CA SER A 65 -18.29 -9.42 -8.25
C SER A 65 -18.70 -8.10 -7.61
N PRO A 66 -19.99 -7.98 -7.22
CA PRO A 66 -20.50 -6.76 -6.59
C PRO A 66 -19.67 -6.32 -5.39
N LEU A 67 -18.95 -5.23 -5.56
CA LEU A 67 -18.10 -4.69 -4.50
C LEU A 67 -18.13 -3.16 -4.49
N THR A 68 -17.99 -2.58 -3.31
CA THR A 68 -17.99 -1.13 -3.16
C THR A 68 -17.03 -0.70 -2.06
N MET A 69 -16.87 0.62 -1.91
CA MET A 69 -15.97 1.17 -0.91
C MET A 69 -16.51 0.94 0.49
N ASP A 70 -17.84 0.86 0.61
CA ASP A 70 -18.49 0.64 1.89
C ASP A 70 -18.41 -0.82 2.30
N GLN A 71 -18.40 -1.71 1.31
CA GLN A 71 -18.32 -3.15 1.57
C GLN A 71 -16.95 -3.54 2.09
N ILE A 72 -15.92 -2.89 1.55
CA ILE A 72 -14.54 -3.19 1.96
C ILE A 72 -14.23 -2.55 3.31
N ARG A 73 -13.21 -3.08 3.99
CA ARG A 73 -12.81 -2.57 5.29
C ARG A 73 -11.29 -2.48 5.39
N PRO A 74 -10.78 -1.52 6.18
CA PRO A 74 -9.33 -1.33 6.36
C PRO A 74 -8.70 -2.46 7.17
N ASN A 75 -7.70 -3.10 6.58
CA ASN A 75 -7.00 -4.20 7.24
C ASN A 75 -6.13 -3.69 8.37
N THR A 76 -6.71 -3.57 9.56
CA THR A 76 -5.99 -3.09 10.73
C THR A 76 -4.87 -4.05 11.11
N GLU A 77 -5.15 -5.34 10.99
CA GLU A 77 -4.16 -6.37 11.33
C GLU A 77 -2.90 -6.21 10.47
N LEU A 78 -3.07 -5.71 9.25
CA LEU A 78 -1.95 -5.51 8.35
C LEU A 78 -1.35 -4.11 8.52
N LYS A 79 -2.23 -3.12 8.73
CA LYS A 79 -1.79 -1.75 8.92
C LYS A 79 -0.83 -1.64 10.09
N GLU A 80 -1.03 -2.49 11.10
CA GLU A 80 -0.18 -2.49 12.28
C GLU A 80 1.21 -3.03 11.95
N LYS A 81 1.26 -3.98 11.03
CA LYS A 81 2.52 -4.58 10.63
C LYS A 81 3.38 -3.58 9.85
N ILE A 82 2.71 -2.69 9.13
CA ILE A 82 3.41 -1.68 8.33
C ILE A 82 4.03 -0.61 9.23
N GLN A 83 3.36 -0.33 10.34
CA GLN A 83 3.83 0.68 11.28
C GLN A 83 5.06 0.17 12.03
N ARG A 84 5.04 -1.11 12.40
CA ARG A 84 6.15 -1.71 13.11
C ARG A 84 7.43 -1.67 12.28
N TRP A 85 7.29 -1.90 10.98
CA TRP A 85 8.43 -1.88 10.08
C TRP A 85 8.91 -0.45 9.82
N LEU A 86 7.96 0.42 9.48
CA LEU A 86 8.29 1.81 9.22
C LEU A 86 8.97 2.46 10.42
N ALA A 87 8.61 1.99 11.61
CA ALA A 87 9.20 2.52 12.84
C ALA A 87 10.54 1.88 13.13
N GLU A 88 10.70 0.62 12.72
CA GLU A 88 11.95 -0.10 12.93
C GLU A 88 13.00 0.32 11.91
N ARG A 89 12.61 0.34 10.64
CA ARG A 89 13.53 0.74 9.56
C ARG A 89 13.97 2.19 9.72
N LYS A 90 13.21 2.96 10.51
CA LYS A 90 13.54 4.37 10.73
C LYS A 90 14.36 4.54 12.00
N GLN A 91 15.29 3.63 12.24
CA GLN A 91 16.15 3.68 13.41
C GLN A 91 17.57 3.26 13.07
N GLN A 92 17.98 3.51 11.84
CA GLN A 92 19.32 3.16 11.39
C GLN A 92 20.36 4.13 11.95
N SER A 93 21.63 3.78 11.82
CA SER A 93 22.72 4.61 12.31
C SER A 93 24.03 4.27 11.60
N GLY A 94 24.53 5.22 10.80
CA GLY A 94 25.77 5.00 10.09
C GLY A 94 25.71 5.52 8.66
N PRO A 95 25.85 6.84 8.47
CA PRO A 95 25.82 7.45 7.13
C PRO A 95 27.04 7.10 6.30
N SER A 96 28.16 6.84 6.98
CA SER A 96 29.40 6.49 6.31
C SER A 96 29.69 5.00 6.44
N SER A 97 29.26 4.41 7.55
CA SER A 97 29.48 3.00 7.81
C SER A 97 28.82 2.14 6.72
N GLY A 98 27.59 2.50 6.36
CA GLY A 98 26.89 1.75 5.33
C GLY A 98 26.55 0.34 5.76
N GLY A 1 3.17 7.54 21.50
CA GLY A 1 4.31 8.48 21.64
C GLY A 1 4.06 9.81 20.96
N SER A 2 3.14 10.60 21.51
CA SER A 2 2.80 11.90 20.95
C SER A 2 2.06 11.75 19.62
N SER A 3 2.76 11.23 18.61
CA SER A 3 2.18 11.04 17.30
C SER A 3 1.77 12.37 16.67
N GLY A 4 2.70 12.98 15.93
CA GLY A 4 2.41 14.25 15.30
C GLY A 4 3.58 14.76 14.48
N SER A 5 3.41 14.80 13.17
CA SER A 5 4.46 15.29 12.27
C SER A 5 3.89 16.14 11.15
N SER A 6 4.44 17.34 10.97
CA SER A 6 3.98 18.25 9.94
C SER A 6 5.14 19.08 9.39
N GLY A 7 5.29 19.07 8.07
CA GLY A 7 6.35 19.83 7.44
C GLY A 7 7.13 19.02 6.42
N LEU A 8 8.19 19.59 5.89
CA LEU A 8 9.02 18.91 4.90
C LEU A 8 10.15 18.13 5.57
N GLN A 9 10.78 17.24 4.81
CA GLN A 9 11.87 16.43 5.33
C GLN A 9 13.14 16.65 4.53
N GLN A 10 14.28 16.35 5.14
CA GLN A 10 15.58 16.52 4.48
C GLN A 10 15.72 15.53 3.33
N GLN A 11 15.45 16.01 2.12
CA GLN A 11 15.56 15.17 0.93
C GLN A 11 14.56 14.02 0.98
N GLU A 12 13.95 13.71 -0.17
CA GLU A 12 12.98 12.64 -0.25
C GLU A 12 13.65 11.33 -0.65
N GLU A 13 13.06 10.21 -0.24
CA GLU A 13 13.60 8.89 -0.57
C GLU A 13 12.52 7.82 -0.42
N GLU A 14 11.83 7.53 -1.52
CA GLU A 14 10.77 6.53 -1.51
C GLU A 14 11.08 5.41 -2.52
N THR A 15 11.81 4.40 -2.05
CA THR A 15 12.17 3.27 -2.91
C THR A 15 11.51 1.99 -2.42
N TYR A 16 11.64 1.71 -1.13
CA TYR A 16 11.05 0.52 -0.54
C TYR A 16 11.63 -0.74 -1.18
N ALA A 17 12.93 -0.72 -1.47
CA ALA A 17 13.61 -1.85 -2.08
C ALA A 17 13.55 -3.07 -1.17
N ASP A 18 13.53 -2.83 0.14
CA ASP A 18 13.48 -3.93 1.11
C ASP A 18 12.05 -4.15 1.59
N ALA A 19 11.08 -3.90 0.72
CA ALA A 19 9.67 -4.08 1.06
C ALA A 19 9.21 -5.48 0.71
N CYS A 20 8.58 -6.15 1.69
CA CYS A 20 8.09 -7.50 1.49
C CYS A 20 6.85 -7.51 0.61
N ASP A 21 6.34 -8.70 0.32
CA ASP A 21 5.15 -8.85 -0.51
C ASP A 21 3.89 -8.54 0.28
N GLU A 22 3.92 -8.86 1.58
CA GLU A 22 2.78 -8.61 2.45
C GLU A 22 2.41 -7.13 2.47
N PHE A 23 3.42 -6.27 2.31
CA PHE A 23 3.21 -4.83 2.31
C PHE A 23 3.00 -4.32 0.88
N LEU A 24 3.67 -4.95 -0.07
CA LEU A 24 3.57 -4.55 -1.47
C LEU A 24 2.19 -4.86 -2.03
N ASP A 25 1.69 -4.01 -2.91
CA ASP A 25 0.38 -4.19 -3.52
C ASP A 25 0.46 -5.16 -4.69
N PRO A 26 -0.55 -6.05 -4.83
CA PRO A 26 -0.58 -7.03 -5.92
C PRO A 26 -0.75 -6.38 -7.29
N ILE A 27 -1.36 -5.20 -7.30
CA ILE A 27 -1.59 -4.47 -8.55
C ILE A 27 -0.60 -3.31 -8.71
N MET A 28 -0.64 -2.39 -7.75
CA MET A 28 0.24 -1.23 -7.78
C MET A 28 1.71 -1.65 -7.68
N SER A 29 1.94 -2.79 -7.05
CA SER A 29 3.30 -3.31 -6.89
C SER A 29 4.15 -2.36 -6.04
N THR A 30 3.50 -1.67 -5.11
CA THR A 30 4.19 -0.72 -4.24
C THR A 30 3.69 -0.85 -2.80
N LEU A 31 4.22 -0.01 -1.92
CA LEU A 31 3.82 -0.03 -0.52
C LEU A 31 2.33 0.24 -0.38
N MET A 32 1.72 -0.35 0.66
CA MET A 32 0.30 -0.18 0.91
C MET A 32 0.06 0.61 2.19
N CYS A 33 -0.09 1.92 2.04
CA CYS A 33 -0.33 2.79 3.19
C CYS A 33 -1.63 2.42 3.90
N ASP A 34 -2.66 2.11 3.12
CA ASP A 34 -3.95 1.74 3.68
C ASP A 34 -4.50 0.49 2.99
N PRO A 35 -4.01 -0.70 3.39
CA PRO A 35 -4.45 -1.97 2.81
C PRO A 35 -5.84 -2.37 3.28
N VAL A 36 -6.75 -2.58 2.33
CA VAL A 36 -8.12 -2.96 2.65
C VAL A 36 -8.40 -4.39 2.20
N VAL A 37 -9.05 -5.17 3.08
CA VAL A 37 -9.38 -6.54 2.77
C VAL A 37 -10.72 -6.65 2.04
N LEU A 38 -10.68 -7.18 0.84
CA LEU A 38 -11.90 -7.34 0.03
C LEU A 38 -12.68 -8.57 0.47
N PRO A 39 -13.97 -8.41 0.80
CA PRO A 39 -14.82 -9.52 1.23
C PRO A 39 -15.21 -10.45 0.08
N SER A 40 -14.84 -10.08 -1.14
CA SER A 40 -15.16 -10.89 -2.31
C SER A 40 -13.93 -11.65 -2.80
N SER A 41 -12.99 -10.93 -3.37
CA SER A 41 -11.77 -11.54 -3.90
C SER A 41 -10.86 -12.01 -2.77
N ARG A 42 -11.06 -11.47 -1.57
CA ARG A 42 -10.25 -11.84 -0.42
C ARG A 42 -8.78 -11.51 -0.65
N VAL A 43 -8.54 -10.45 -1.41
CA VAL A 43 -7.18 -10.02 -1.73
C VAL A 43 -6.88 -8.67 -1.10
N THR A 44 -5.71 -8.57 -0.45
CA THR A 44 -5.30 -7.32 0.18
C THR A 44 -4.82 -6.31 -0.85
N VAL A 45 -5.40 -5.12 -0.82
CA VAL A 45 -5.03 -4.06 -1.75
C VAL A 45 -5.25 -2.68 -1.13
N ASP A 46 -4.51 -1.69 -1.61
CA ASP A 46 -4.63 -0.33 -1.11
C ASP A 46 -6.05 0.21 -1.32
N ARG A 47 -6.54 0.97 -0.35
CA ARG A 47 -7.87 1.54 -0.43
C ARG A 47 -8.01 2.43 -1.65
N SER A 48 -6.91 3.06 -2.04
CA SER A 48 -6.89 3.95 -3.20
C SER A 48 -6.79 3.14 -4.50
N THR A 49 -6.02 2.06 -4.46
CA THR A 49 -5.85 1.21 -5.63
C THR A 49 -7.17 0.61 -6.08
N ILE A 50 -8.00 0.24 -5.10
CA ILE A 50 -9.30 -0.34 -5.38
C ILE A 50 -10.29 0.72 -5.84
N ALA A 51 -10.17 1.92 -5.27
CA ALA A 51 -11.05 3.03 -5.61
C ALA A 51 -11.04 3.29 -7.11
N ARG A 52 -9.85 3.23 -7.72
CA ARG A 52 -9.71 3.47 -9.15
C ARG A 52 -10.53 2.45 -9.94
N HIS A 53 -10.61 1.23 -9.43
CA HIS A 53 -11.36 0.17 -10.09
C HIS A 53 -12.86 0.35 -9.86
N LEU A 54 -13.22 1.06 -8.78
CA LEU A 54 -14.61 1.30 -8.46
C LEU A 54 -15.08 2.65 -9.00
N LEU A 55 -14.46 3.09 -10.10
CA LEU A 55 -14.82 4.36 -10.71
C LEU A 55 -15.87 4.16 -11.81
N SER A 56 -15.66 3.15 -12.64
CA SER A 56 -16.58 2.84 -13.73
C SER A 56 -17.33 1.55 -13.45
N ASP A 57 -16.69 0.63 -12.73
CA ASP A 57 -17.30 -0.66 -12.41
C ASP A 57 -17.15 -0.96 -10.92
N GLN A 58 -18.22 -0.72 -10.16
CA GLN A 58 -18.20 -0.98 -8.72
C GLN A 58 -18.15 -2.47 -8.44
N THR A 59 -16.95 -3.05 -8.55
CA THR A 59 -16.77 -4.47 -8.31
C THR A 59 -15.32 -4.78 -7.94
N ASP A 60 -15.00 -6.07 -7.80
CA ASP A 60 -13.65 -6.48 -7.46
C ASP A 60 -12.82 -6.73 -8.72
N PRO A 61 -11.56 -6.28 -8.73
CA PRO A 61 -10.67 -6.47 -9.89
C PRO A 61 -10.34 -7.93 -10.14
N PHE A 62 -10.58 -8.78 -9.14
CA PHE A 62 -10.31 -10.20 -9.26
C PHE A 62 -11.60 -11.00 -9.37
N ASN A 63 -12.44 -10.88 -8.34
CA ASN A 63 -13.72 -11.60 -8.31
C ASN A 63 -14.69 -11.03 -9.33
N ARG A 64 -14.61 -9.73 -9.57
CA ARG A 64 -15.49 -9.07 -10.53
C ARG A 64 -16.94 -9.15 -10.07
N SER A 65 -17.15 -9.11 -8.76
CA SER A 65 -18.48 -9.19 -8.19
C SER A 65 -18.91 -7.83 -7.63
N PRO A 66 -20.21 -7.65 -7.35
CA PRO A 66 -20.76 -6.40 -6.81
C PRO A 66 -20.11 -6.03 -5.49
N LEU A 67 -19.24 -5.02 -5.53
CA LEU A 67 -18.54 -4.56 -4.33
C LEU A 67 -18.47 -3.04 -4.30
N THR A 68 -18.49 -2.48 -3.09
CA THR A 68 -18.43 -1.03 -2.92
C THR A 68 -17.37 -0.65 -1.89
N MET A 69 -17.17 0.65 -1.71
CA MET A 69 -16.18 1.15 -0.75
C MET A 69 -16.63 0.85 0.68
N ASP A 70 -17.94 0.86 0.90
CA ASP A 70 -18.50 0.59 2.22
C ASP A 70 -18.30 -0.87 2.61
N GLN A 71 -18.31 -1.75 1.61
CA GLN A 71 -18.14 -3.18 1.85
C GLN A 71 -16.72 -3.48 2.33
N ILE A 72 -15.73 -3.01 1.57
CA ILE A 72 -14.34 -3.23 1.92
C ILE A 72 -14.00 -2.62 3.28
N ARG A 73 -13.10 -3.27 4.00
CA ARG A 73 -12.69 -2.79 5.32
C ARG A 73 -11.17 -2.68 5.41
N PRO A 74 -10.67 -1.71 6.20
CA PRO A 74 -9.23 -1.50 6.37
C PRO A 74 -8.58 -2.62 7.19
N ASN A 75 -7.55 -3.24 6.63
CA ASN A 75 -6.84 -4.31 7.31
C ASN A 75 -6.04 -3.78 8.49
N THR A 76 -6.69 -3.72 9.65
CA THR A 76 -6.05 -3.23 10.86
C THR A 76 -4.92 -4.16 11.29
N GLU A 77 -5.09 -5.44 11.02
CA GLU A 77 -4.07 -6.44 11.38
C GLU A 77 -2.81 -6.25 10.54
N LEU A 78 -2.99 -5.82 9.30
CA LEU A 78 -1.87 -5.59 8.40
C LEU A 78 -1.28 -4.19 8.59
N LYS A 79 -2.17 -3.21 8.77
CA LYS A 79 -1.74 -1.83 8.97
C LYS A 79 -0.77 -1.71 10.14
N GLU A 80 -1.09 -2.39 11.24
CA GLU A 80 -0.25 -2.36 12.42
C GLU A 80 1.12 -2.96 12.13
N LYS A 81 1.16 -3.92 11.21
CA LYS A 81 2.41 -4.57 10.84
C LYS A 81 3.29 -3.63 10.01
N ILE A 82 2.66 -2.83 9.18
CA ILE A 82 3.38 -1.88 8.33
C ILE A 82 3.99 -0.76 9.16
N GLN A 83 3.24 -0.29 10.15
CA GLN A 83 3.71 0.79 11.02
C GLN A 83 4.89 0.33 11.86
N ARG A 84 4.84 -0.90 12.34
CA ARG A 84 5.92 -1.45 13.15
C ARG A 84 7.20 -1.57 12.34
N TRP A 85 7.06 -1.86 11.06
CA TRP A 85 8.21 -2.01 10.16
C TRP A 85 8.72 -0.64 9.73
N LEU A 86 7.83 0.18 9.19
CA LEU A 86 8.20 1.52 8.74
C LEU A 86 8.82 2.34 9.87
N ALA A 87 8.34 2.11 11.09
CA ALA A 87 8.85 2.82 12.26
C ALA A 87 10.22 2.28 12.67
N GLU A 88 10.44 0.99 12.43
CA GLU A 88 11.70 0.35 12.77
C GLU A 88 12.79 0.69 11.75
N ARG A 89 12.48 0.47 10.48
CA ARG A 89 13.43 0.75 9.41
C ARG A 89 13.80 2.23 9.39
N LYS A 90 12.89 3.08 9.85
CA LYS A 90 13.13 4.52 9.89
C LYS A 90 14.01 4.89 11.07
N GLN A 91 15.24 4.40 11.07
CA GLN A 91 16.19 4.68 12.15
C GLN A 91 17.18 5.76 11.74
N GLN A 92 17.44 5.85 10.44
CA GLN A 92 18.38 6.85 9.91
C GLN A 92 17.95 8.26 10.31
N SER A 93 18.93 9.09 10.66
CA SER A 93 18.67 10.46 11.06
C SER A 93 19.70 11.41 10.48
N GLY A 94 20.98 11.04 10.61
CA GLY A 94 22.04 11.87 10.10
C GLY A 94 23.40 11.48 10.65
N PRO A 95 24.39 12.38 10.58
CA PRO A 95 25.75 12.11 11.08
C PRO A 95 25.79 12.04 12.61
N SER A 96 26.50 11.05 13.13
CA SER A 96 26.62 10.87 14.57
C SER A 96 28.01 10.36 14.93
N SER A 97 29.02 10.81 14.20
CA SER A 97 30.40 10.40 14.46
C SER A 97 30.54 8.88 14.29
N GLY A 98 29.75 8.31 13.40
CA GLY A 98 29.80 6.88 13.16
C GLY A 98 29.15 6.08 14.28
N GLY A 1 -20.50 13.59 -9.58
CA GLY A 1 -19.10 13.88 -9.98
C GLY A 1 -18.20 14.14 -8.79
N SER A 2 -17.23 15.05 -8.96
CA SER A 2 -16.31 15.38 -7.88
C SER A 2 -16.20 16.90 -7.71
N SER A 3 -17.12 17.46 -6.93
CA SER A 3 -17.13 18.90 -6.67
C SER A 3 -16.26 19.25 -5.46
N GLY A 4 -14.99 19.54 -5.72
CA GLY A 4 -14.08 19.88 -4.63
C GLY A 4 -12.63 19.67 -5.01
N SER A 5 -11.91 20.75 -5.26
CA SER A 5 -10.50 20.67 -5.63
C SER A 5 -9.61 20.91 -4.42
N SER A 6 -9.27 19.85 -3.72
CA SER A 6 -8.42 19.93 -2.54
C SER A 6 -7.13 19.13 -2.73
N GLY A 7 -6.33 19.05 -1.66
CA GLY A 7 -5.09 18.32 -1.74
C GLY A 7 -3.94 19.16 -2.23
N LEU A 8 -3.24 19.80 -1.30
CA LEU A 8 -2.10 20.65 -1.64
C LEU A 8 -0.82 19.82 -1.78
N GLN A 9 -0.35 19.29 -0.66
CA GLN A 9 0.86 18.48 -0.66
C GLN A 9 0.59 17.08 -1.23
N GLN A 10 1.60 16.50 -1.86
CA GLN A 10 1.47 15.17 -2.45
C GLN A 10 2.65 14.28 -2.05
N GLN A 11 2.58 13.01 -2.44
CA GLN A 11 3.64 12.05 -2.13
C GLN A 11 4.31 11.56 -3.40
N GLU A 12 5.32 12.29 -3.84
CA GLU A 12 6.06 11.92 -5.05
C GLU A 12 7.43 11.35 -4.70
N GLU A 13 8.12 10.83 -5.71
CA GLU A 13 9.44 10.25 -5.50
C GLU A 13 9.39 9.08 -4.52
N GLU A 14 8.85 7.95 -4.97
CA GLU A 14 8.73 6.77 -4.14
C GLU A 14 9.34 5.55 -4.83
N THR A 15 10.10 4.77 -4.06
CA THR A 15 10.74 3.57 -4.60
C THR A 15 11.08 2.59 -3.49
N TYR A 16 10.04 2.08 -2.82
CA TYR A 16 10.24 1.13 -1.73
C TYR A 16 10.52 -0.27 -2.27
N ALA A 17 11.79 -0.57 -2.48
CA ALA A 17 12.19 -1.87 -2.99
C ALA A 17 12.44 -2.86 -1.85
N ASP A 18 12.89 -2.34 -0.71
CA ASP A 18 13.16 -3.17 0.46
C ASP A 18 11.88 -3.82 0.97
N ALA A 19 10.74 -3.16 0.74
CA ALA A 19 9.46 -3.67 1.18
C ALA A 19 9.20 -5.07 0.63
N CYS A 20 8.48 -5.89 1.40
CA CYS A 20 8.16 -7.25 0.99
C CYS A 20 6.82 -7.30 0.26
N ASP A 21 6.33 -8.51 0.04
CA ASP A 21 5.05 -8.71 -0.64
C ASP A 21 3.88 -8.40 0.29
N GLU A 22 4.09 -8.66 1.57
CA GLU A 22 3.05 -8.42 2.57
C GLU A 22 2.66 -6.94 2.61
N PHE A 23 3.61 -6.07 2.30
CA PHE A 23 3.37 -4.64 2.29
C PHE A 23 3.15 -4.13 0.87
N LEU A 24 3.79 -4.77 -0.09
CA LEU A 24 3.65 -4.38 -1.49
C LEU A 24 2.27 -4.71 -2.03
N ASP A 25 1.76 -3.85 -2.91
CA ASP A 25 0.43 -4.05 -3.49
C ASP A 25 0.49 -5.10 -4.60
N PRO A 26 -0.55 -5.95 -4.70
CA PRO A 26 -0.61 -7.00 -5.72
C PRO A 26 -0.81 -6.43 -7.12
N ILE A 27 -1.45 -5.26 -7.19
CA ILE A 27 -1.70 -4.62 -8.47
C ILE A 27 -0.78 -3.43 -8.69
N MET A 28 -0.81 -2.49 -7.76
CA MET A 28 0.03 -1.29 -7.85
C MET A 28 1.51 -1.66 -7.76
N SER A 29 1.81 -2.77 -7.11
CA SER A 29 3.19 -3.23 -6.95
C SER A 29 4.02 -2.19 -6.20
N THR A 30 3.37 -1.47 -5.28
CA THR A 30 4.05 -0.46 -4.49
C THR A 30 3.71 -0.60 -3.01
N LEU A 31 4.24 0.30 -2.20
CA LEU A 31 4.00 0.27 -0.76
C LEU A 31 2.52 0.49 -0.45
N MET A 32 2.02 -0.21 0.56
CA MET A 32 0.63 -0.11 0.95
C MET A 32 0.49 0.67 2.26
N CYS A 33 -0.21 1.81 2.20
CA CYS A 33 -0.41 2.63 3.38
C CYS A 33 -1.69 2.25 4.10
N ASP A 34 -2.80 2.25 3.37
CA ASP A 34 -4.10 1.90 3.94
C ASP A 34 -4.69 0.67 3.23
N PRO A 35 -4.16 -0.53 3.53
CA PRO A 35 -4.63 -1.77 2.93
C PRO A 35 -6.02 -2.18 3.42
N VAL A 36 -6.92 -2.44 2.49
CA VAL A 36 -8.28 -2.85 2.84
C VAL A 36 -8.57 -4.28 2.40
N VAL A 37 -9.26 -5.03 3.25
CA VAL A 37 -9.61 -6.41 2.93
C VAL A 37 -10.90 -6.50 2.14
N LEU A 38 -10.84 -7.17 0.99
CA LEU A 38 -12.01 -7.33 0.14
C LEU A 38 -12.88 -8.48 0.63
N PRO A 39 -14.17 -8.22 0.93
CA PRO A 39 -15.10 -9.25 1.41
C PRO A 39 -15.55 -10.21 0.30
N SER A 40 -15.13 -9.93 -0.92
CA SER A 40 -15.49 -10.77 -2.07
C SER A 40 -14.31 -11.62 -2.53
N SER A 41 -13.33 -10.98 -3.14
CA SER A 41 -12.15 -11.67 -3.64
C SER A 41 -11.25 -12.12 -2.50
N ARG A 42 -11.41 -11.50 -1.33
CA ARG A 42 -10.60 -11.85 -0.16
C ARG A 42 -9.13 -11.50 -0.40
N VAL A 43 -8.90 -10.45 -1.18
CA VAL A 43 -7.54 -10.00 -1.49
C VAL A 43 -7.28 -8.63 -0.88
N THR A 44 -6.17 -8.52 -0.15
CA THR A 44 -5.79 -7.26 0.48
C THR A 44 -5.19 -6.30 -0.53
N VAL A 45 -5.76 -5.11 -0.62
CA VAL A 45 -5.28 -4.09 -1.56
C VAL A 45 -5.42 -2.70 -0.96
N ASP A 46 -4.62 -1.76 -1.47
CA ASP A 46 -4.65 -0.39 -0.99
C ASP A 46 -6.03 0.23 -1.19
N ARG A 47 -6.46 1.04 -0.22
CA ARG A 47 -7.76 1.70 -0.29
C ARG A 47 -7.87 2.54 -1.56
N SER A 48 -6.75 3.07 -2.02
CA SER A 48 -6.72 3.89 -3.22
C SER A 48 -6.67 3.04 -4.48
N THR A 49 -5.99 1.89 -4.37
CA THR A 49 -5.86 0.98 -5.50
C THR A 49 -7.23 0.43 -5.91
N ILE A 50 -8.08 0.17 -4.92
CA ILE A 50 -9.42 -0.35 -5.18
C ILE A 50 -10.33 0.74 -5.72
N ALA A 51 -10.12 1.97 -5.26
CA ALA A 51 -10.94 3.10 -5.69
C ALA A 51 -10.83 3.29 -7.21
N ARG A 52 -9.62 3.17 -7.74
CA ARG A 52 -9.40 3.32 -9.18
C ARG A 52 -10.19 2.28 -9.95
N HIS A 53 -10.37 1.11 -9.36
CA HIS A 53 -11.11 0.03 -9.99
C HIS A 53 -12.61 0.21 -9.80
N LEU A 54 -13.00 0.89 -8.73
CA LEU A 54 -14.40 1.14 -8.43
C LEU A 54 -14.85 2.50 -8.96
N LEU A 55 -14.34 2.87 -10.13
CA LEU A 55 -14.70 4.16 -10.73
C LEU A 55 -15.80 3.98 -11.77
N SER A 56 -15.52 3.18 -12.79
CA SER A 56 -16.49 2.93 -13.85
C SER A 56 -17.28 1.65 -13.58
N ASP A 57 -16.62 0.70 -12.92
CA ASP A 57 -17.26 -0.58 -12.60
C ASP A 57 -17.07 -0.92 -11.13
N GLN A 58 -18.13 -0.76 -10.35
CA GLN A 58 -18.09 -1.04 -8.92
C GLN A 58 -18.02 -2.55 -8.67
N THR A 59 -16.82 -3.11 -8.81
CA THR A 59 -16.62 -4.54 -8.61
C THR A 59 -15.17 -4.84 -8.21
N ASP A 60 -14.88 -6.11 -7.99
CA ASP A 60 -13.53 -6.53 -7.61
C ASP A 60 -12.69 -6.86 -8.84
N PRO A 61 -11.39 -6.55 -8.80
CA PRO A 61 -10.47 -6.81 -9.92
C PRO A 61 -10.15 -8.30 -10.08
N PHE A 62 -10.56 -9.11 -9.10
CA PHE A 62 -10.31 -10.54 -9.14
C PHE A 62 -11.62 -11.33 -9.19
N ASN A 63 -12.49 -11.08 -8.22
CA ASN A 63 -13.78 -11.77 -8.16
C ASN A 63 -14.78 -11.17 -9.13
N ARG A 64 -14.64 -9.87 -9.39
CA ARG A 64 -15.54 -9.18 -10.31
C ARG A 64 -16.97 -9.20 -9.78
N SER A 65 -17.11 -9.20 -8.46
CA SER A 65 -18.42 -9.22 -7.83
C SER A 65 -18.82 -7.81 -7.36
N PRO A 66 -20.11 -7.61 -7.03
CA PRO A 66 -20.61 -6.31 -6.57
C PRO A 66 -19.91 -5.85 -5.29
N LEU A 67 -18.89 -5.01 -5.45
CA LEU A 67 -18.15 -4.49 -4.31
C LEU A 67 -18.14 -2.97 -4.32
N THR A 68 -18.03 -2.37 -3.14
CA THR A 68 -18.00 -0.91 -3.01
C THR A 68 -17.03 -0.47 -1.92
N MET A 69 -16.94 0.83 -1.71
CA MET A 69 -16.04 1.38 -0.69
C MET A 69 -16.51 1.02 0.71
N ASP A 70 -17.82 0.84 0.86
CA ASP A 70 -18.41 0.49 2.15
C ASP A 70 -18.15 -0.98 2.48
N GLN A 71 -18.07 -1.81 1.45
CA GLN A 71 -17.83 -3.24 1.63
C GLN A 71 -16.39 -3.49 2.09
N ILE A 72 -15.44 -2.87 1.40
CA ILE A 72 -14.03 -3.02 1.75
C ILE A 72 -13.70 -2.34 3.07
N ARG A 73 -13.01 -3.07 3.95
CA ARG A 73 -12.64 -2.54 5.26
C ARG A 73 -11.12 -2.51 5.42
N PRO A 74 -10.60 -1.62 6.28
CA PRO A 74 -9.16 -1.50 6.53
C PRO A 74 -8.60 -2.69 7.29
N ASN A 75 -7.57 -3.32 6.71
CA ASN A 75 -6.95 -4.48 7.33
C ASN A 75 -6.07 -4.06 8.51
N THR A 76 -6.64 -4.09 9.71
CA THR A 76 -5.91 -3.72 10.92
C THR A 76 -4.76 -4.68 11.18
N GLU A 77 -4.99 -5.96 10.90
CA GLU A 77 -3.98 -6.98 11.10
C GLU A 77 -2.73 -6.70 10.26
N LEU A 78 -2.94 -6.08 9.11
CA LEU A 78 -1.84 -5.75 8.21
C LEU A 78 -1.35 -4.33 8.45
N LYS A 79 -2.28 -3.41 8.66
CA LYS A 79 -1.94 -2.01 8.90
C LYS A 79 -1.01 -1.87 10.11
N GLU A 80 -1.15 -2.79 11.06
CA GLU A 80 -0.32 -2.78 12.25
C GLU A 80 1.10 -3.23 11.94
N LYS A 81 1.23 -4.13 10.97
CA LYS A 81 2.53 -4.65 10.57
C LYS A 81 3.32 -3.61 9.79
N ILE A 82 2.61 -2.75 9.07
CA ILE A 82 3.24 -1.70 8.27
C ILE A 82 3.78 -0.59 9.17
N GLN A 83 3.01 -0.20 10.18
CA GLN A 83 3.41 0.84 11.11
C GLN A 83 4.60 0.40 11.94
N ARG A 84 4.67 -0.91 12.21
CA ARG A 84 5.77 -1.46 13.00
C ARG A 84 7.03 -1.59 12.16
N TRP A 85 6.85 -1.84 10.87
CA TRP A 85 7.99 -1.98 9.96
C TRP A 85 8.53 -0.63 9.54
N LEU A 86 7.63 0.33 9.35
CA LEU A 86 8.02 1.68 8.94
C LEU A 86 8.82 2.37 10.04
N ALA A 87 8.30 2.31 11.27
CA ALA A 87 8.95 2.94 12.41
C ALA A 87 10.39 2.45 12.57
N GLU A 88 10.67 1.25 12.04
CA GLU A 88 12.00 0.67 12.13
C GLU A 88 12.76 0.83 10.82
N ARG A 89 12.17 0.35 9.73
CA ARG A 89 12.81 0.44 8.42
C ARG A 89 13.13 1.89 8.06
N LYS A 90 12.43 2.83 8.68
CA LYS A 90 12.64 4.25 8.42
C LYS A 90 13.75 4.80 9.31
N GLN A 91 14.92 4.16 9.27
CA GLN A 91 16.06 4.58 10.08
C GLN A 91 17.31 4.74 9.21
N GLN A 92 17.54 3.75 8.35
CA GLN A 92 18.70 3.78 7.46
C GLN A 92 18.26 3.83 5.99
N SER A 93 18.67 4.89 5.30
CA SER A 93 18.31 5.06 3.90
C SER A 93 19.39 5.86 3.16
N GLY A 94 19.81 6.96 3.76
CA GLY A 94 20.83 7.80 3.16
C GLY A 94 20.45 9.27 3.14
N PRO A 95 19.86 9.76 2.03
CA PRO A 95 19.45 11.16 1.91
C PRO A 95 18.22 11.48 2.77
N SER A 96 18.16 12.71 3.26
CA SER A 96 17.04 13.15 4.08
C SER A 96 15.79 13.37 3.24
N SER A 97 14.63 13.32 3.88
CA SER A 97 13.36 13.52 3.19
C SER A 97 12.49 14.53 3.93
N GLY A 98 11.98 14.12 5.09
CA GLY A 98 11.14 14.99 5.88
C GLY A 98 11.93 16.02 6.67
N GLY A 1 26.97 16.18 -18.46
CA GLY A 1 26.96 15.77 -17.03
C GLY A 1 28.24 16.15 -16.32
N SER A 2 28.32 17.39 -15.86
CA SER A 2 29.51 17.87 -15.15
C SER A 2 29.29 17.85 -13.64
N SER A 3 28.78 16.73 -13.14
CA SER A 3 28.53 16.57 -11.72
C SER A 3 29.66 15.81 -11.03
N GLY A 4 30.88 16.02 -11.53
CA GLY A 4 32.03 15.34 -10.96
C GLY A 4 32.24 13.95 -11.53
N SER A 5 33.18 13.21 -10.95
CA SER A 5 33.46 11.86 -11.40
C SER A 5 32.84 10.82 -10.47
N SER A 6 32.29 9.76 -11.06
CA SER A 6 31.66 8.70 -10.30
C SER A 6 30.48 9.24 -9.48
N GLY A 7 29.27 8.96 -9.95
CA GLY A 7 28.08 9.43 -9.26
C GLY A 7 26.98 8.39 -9.22
N LEU A 8 27.28 7.22 -8.66
CA LEU A 8 26.32 6.14 -8.56
C LEU A 8 25.80 6.00 -7.13
N GLN A 9 24.52 6.32 -6.95
CA GLN A 9 23.89 6.23 -5.63
C GLN A 9 22.74 5.23 -5.65
N GLN A 10 22.82 4.24 -4.75
CA GLN A 10 21.77 3.23 -4.66
C GLN A 10 20.48 3.82 -4.11
N GLN A 11 19.36 3.12 -4.33
CA GLN A 11 18.07 3.57 -3.86
C GLN A 11 17.70 4.91 -4.49
N GLU A 12 16.65 4.90 -5.31
CA GLU A 12 16.19 6.11 -5.97
C GLU A 12 14.66 6.17 -6.02
N GLU A 13 14.10 7.34 -5.75
CA GLU A 13 12.66 7.52 -5.77
C GLU A 13 11.99 6.60 -4.76
N GLU A 14 10.71 6.86 -4.48
CA GLU A 14 9.96 6.05 -3.54
C GLU A 14 9.54 4.73 -4.17
N THR A 15 9.81 3.63 -3.48
CA THR A 15 9.47 2.30 -3.98
C THR A 15 9.45 1.28 -2.84
N TYR A 16 10.46 1.34 -1.98
CA TYR A 16 10.56 0.42 -0.85
C TYR A 16 10.66 -1.03 -1.33
N ALA A 17 11.89 -1.47 -1.59
CA ALA A 17 12.12 -2.83 -2.05
C ALA A 17 12.39 -3.78 -0.87
N ASP A 18 13.05 -3.26 0.15
CA ASP A 18 13.38 -4.04 1.33
C ASP A 18 12.11 -4.54 2.02
N ALA A 19 11.03 -3.77 1.90
CA ALA A 19 9.76 -4.14 2.50
C ALA A 19 9.27 -5.49 1.98
N CYS A 20 8.61 -6.24 2.85
CA CYS A 20 8.09 -7.56 2.47
C CYS A 20 7.01 -7.42 1.41
N ASP A 21 6.73 -8.52 0.71
CA ASP A 21 5.73 -8.54 -0.34
C ASP A 21 4.35 -8.25 0.24
N GLU A 22 4.13 -8.64 1.49
CA GLU A 22 2.85 -8.42 2.16
C GLU A 22 2.52 -6.94 2.22
N PHE A 23 3.55 -6.10 2.26
CA PHE A 23 3.36 -4.66 2.33
C PHE A 23 3.16 -4.08 0.92
N LEU A 24 3.79 -4.70 -0.06
CA LEU A 24 3.68 -4.25 -1.45
C LEU A 24 2.32 -4.62 -2.03
N ASP A 25 1.73 -3.68 -2.77
CA ASP A 25 0.42 -3.90 -3.38
C ASP A 25 0.51 -4.98 -4.46
N PRO A 26 -0.49 -5.88 -4.53
CA PRO A 26 -0.51 -6.97 -5.52
C PRO A 26 -0.61 -6.44 -6.95
N ILE A 27 -1.20 -5.26 -7.10
CA ILE A 27 -1.35 -4.65 -8.43
C ILE A 27 -0.40 -3.47 -8.60
N MET A 28 -0.50 -2.50 -7.70
CA MET A 28 0.36 -1.32 -7.76
C MET A 28 1.82 -1.70 -7.57
N SER A 29 2.07 -2.79 -6.85
CA SER A 29 3.44 -3.25 -6.60
C SER A 29 4.24 -2.18 -5.87
N THR A 30 3.57 -1.43 -5.01
CA THR A 30 4.23 -0.37 -4.24
C THR A 30 3.85 -0.44 -2.77
N LEU A 31 4.46 0.42 -1.96
CA LEU A 31 4.18 0.45 -0.53
C LEU A 31 2.72 0.79 -0.27
N MET A 32 2.09 0.01 0.61
CA MET A 32 0.69 0.23 0.95
C MET A 32 0.57 1.06 2.23
N CYS A 33 -0.29 2.08 2.18
CA CYS A 33 -0.51 2.95 3.33
C CYS A 33 -1.77 2.54 4.09
N ASP A 34 -2.86 2.34 3.35
CA ASP A 34 -4.12 1.94 3.95
C ASP A 34 -4.72 0.74 3.22
N PRO A 35 -4.19 -0.46 3.47
CA PRO A 35 -4.66 -1.69 2.83
C PRO A 35 -6.05 -2.10 3.33
N VAL A 36 -6.98 -2.29 2.40
CA VAL A 36 -8.34 -2.68 2.75
C VAL A 36 -8.63 -4.10 2.28
N VAL A 37 -9.18 -4.91 3.17
CA VAL A 37 -9.51 -6.30 2.85
C VAL A 37 -10.75 -6.38 1.97
N LEU A 38 -10.68 -7.19 0.93
CA LEU A 38 -11.80 -7.36 0.01
C LEU A 38 -12.63 -8.58 0.39
N PRO A 39 -13.91 -8.38 0.76
CA PRO A 39 -14.81 -9.47 1.15
C PRO A 39 -15.19 -10.36 -0.03
N SER A 40 -14.83 -9.94 -1.24
CA SER A 40 -15.15 -10.71 -2.44
C SER A 40 -13.99 -11.65 -2.82
N SER A 41 -12.87 -11.05 -3.22
CA SER A 41 -11.70 -11.82 -3.62
C SER A 41 -10.86 -12.23 -2.42
N ARG A 42 -11.18 -11.68 -1.24
CA ARG A 42 -10.45 -12.01 -0.03
C ARG A 42 -8.99 -11.59 -0.15
N VAL A 43 -8.74 -10.54 -0.94
CA VAL A 43 -7.39 -10.04 -1.14
C VAL A 43 -7.22 -8.66 -0.53
N THR A 44 -5.99 -8.33 -0.14
CA THR A 44 -5.70 -7.03 0.47
C THR A 44 -5.12 -6.08 -0.57
N VAL A 45 -5.80 -4.94 -0.77
CA VAL A 45 -5.35 -3.95 -1.72
C VAL A 45 -5.50 -2.54 -1.17
N ASP A 46 -4.70 -1.61 -1.68
CA ASP A 46 -4.74 -0.23 -1.23
C ASP A 46 -6.13 0.38 -1.45
N ARG A 47 -6.58 1.17 -0.48
CA ARG A 47 -7.89 1.81 -0.57
C ARG A 47 -8.00 2.68 -1.82
N SER A 48 -6.87 3.23 -2.24
CA SER A 48 -6.83 4.08 -3.43
C SER A 48 -6.75 3.25 -4.70
N THR A 49 -6.11 2.09 -4.59
CA THR A 49 -5.97 1.19 -5.74
C THR A 49 -7.32 0.62 -6.15
N ILE A 50 -8.16 0.34 -5.16
CA ILE A 50 -9.48 -0.22 -5.41
C ILE A 50 -10.44 0.85 -5.93
N ALA A 51 -10.25 2.08 -5.45
CA ALA A 51 -11.11 3.19 -5.85
C ALA A 51 -11.06 3.38 -7.36
N ARG A 52 -9.88 3.21 -7.94
CA ARG A 52 -9.69 3.37 -9.38
C ARG A 52 -10.50 2.31 -10.15
N HIS A 53 -10.63 1.13 -9.54
CA HIS A 53 -11.35 0.03 -10.17
C HIS A 53 -12.86 0.17 -9.93
N LEU A 54 -13.22 0.92 -8.88
CA LEU A 54 -14.63 1.13 -8.55
C LEU A 54 -15.14 2.44 -9.13
N LEU A 55 -14.61 2.81 -10.29
CA LEU A 55 -15.02 4.05 -10.95
C LEU A 55 -16.13 3.78 -11.98
N SER A 56 -15.88 2.84 -12.88
CA SER A 56 -16.85 2.48 -13.90
C SER A 56 -17.52 1.15 -13.58
N ASP A 57 -16.78 0.27 -12.92
CA ASP A 57 -17.30 -1.05 -12.55
C ASP A 57 -17.11 -1.30 -11.05
N GLN A 58 -18.19 -1.16 -10.29
CA GLN A 58 -18.14 -1.38 -8.85
C GLN A 58 -18.05 -2.87 -8.53
N THR A 59 -16.84 -3.41 -8.63
CA THR A 59 -16.61 -4.83 -8.34
C THR A 59 -15.15 -5.09 -8.02
N ASP A 60 -14.83 -6.35 -7.75
CA ASP A 60 -13.46 -6.74 -7.43
C ASP A 60 -12.64 -7.00 -8.69
N PRO A 61 -11.39 -6.54 -8.74
CA PRO A 61 -10.52 -6.74 -9.90
C PRO A 61 -10.09 -8.19 -10.08
N PHE A 62 -10.31 -9.00 -9.04
CA PHE A 62 -9.94 -10.42 -9.10
C PHE A 62 -11.18 -11.30 -9.12
N ASN A 63 -12.16 -10.97 -8.30
CA ASN A 63 -13.40 -11.74 -8.23
C ASN A 63 -14.42 -11.24 -9.24
N ARG A 64 -14.37 -9.94 -9.54
CA ARG A 64 -15.29 -9.34 -10.50
C ARG A 64 -16.74 -9.44 -10.00
N SER A 65 -16.89 -9.41 -8.68
CA SER A 65 -18.22 -9.51 -8.07
C SER A 65 -18.66 -8.15 -7.52
N PRO A 66 -19.95 -8.00 -7.19
CA PRO A 66 -20.49 -6.75 -6.65
C PRO A 66 -19.77 -6.31 -5.39
N LEU A 67 -18.95 -5.26 -5.51
CA LEU A 67 -18.20 -4.74 -4.37
C LEU A 67 -18.25 -3.21 -4.34
N THR A 68 -18.07 -2.65 -3.15
CA THR A 68 -18.11 -1.21 -2.98
C THR A 68 -17.13 -0.77 -1.89
N MET A 69 -16.99 0.55 -1.72
CA MET A 69 -16.09 1.10 -0.72
C MET A 69 -16.58 0.78 0.68
N ASP A 70 -17.91 0.68 0.84
CA ASP A 70 -18.51 0.37 2.13
C ASP A 70 -18.24 -1.07 2.53
N GLN A 71 -18.27 -1.97 1.55
CA GLN A 71 -18.04 -3.39 1.79
C GLN A 71 -16.62 -3.63 2.32
N ILE A 72 -15.63 -3.12 1.59
CA ILE A 72 -14.24 -3.27 1.98
C ILE A 72 -13.98 -2.68 3.36
N ARG A 73 -13.00 -3.23 4.06
CA ARG A 73 -12.66 -2.74 5.39
C ARG A 73 -11.14 -2.61 5.55
N PRO A 74 -10.69 -1.72 6.45
CA PRO A 74 -9.26 -1.50 6.69
C PRO A 74 -8.60 -2.68 7.39
N ASN A 75 -7.54 -3.21 6.78
CA ASN A 75 -6.82 -4.35 7.35
C ASN A 75 -5.97 -3.90 8.54
N THR A 76 -6.55 -4.00 9.73
CA THR A 76 -5.85 -3.61 10.95
C THR A 76 -4.64 -4.51 11.19
N GLU A 77 -4.76 -5.77 10.80
CA GLU A 77 -3.68 -6.74 10.97
C GLU A 77 -2.49 -6.38 10.10
N LEU A 78 -2.77 -5.77 8.95
CA LEU A 78 -1.70 -5.38 8.03
C LEU A 78 -1.26 -3.94 8.29
N LYS A 79 -2.22 -3.05 8.53
CA LYS A 79 -1.92 -1.66 8.81
C LYS A 79 -1.00 -1.52 10.00
N GLU A 80 -1.10 -2.44 10.94
CA GLU A 80 -0.27 -2.43 12.14
C GLU A 80 1.15 -2.91 11.83
N LYS A 81 1.25 -3.84 10.89
CA LYS A 81 2.54 -4.39 10.49
C LYS A 81 3.39 -3.33 9.81
N ILE A 82 2.74 -2.46 9.05
CA ILE A 82 3.44 -1.39 8.33
C ILE A 82 4.00 -0.36 9.31
N GLN A 83 3.16 0.06 10.25
CA GLN A 83 3.56 1.05 11.24
C GLN A 83 4.69 0.51 12.12
N ARG A 84 4.68 -0.80 12.35
CA ARG A 84 5.70 -1.43 13.17
C ARG A 84 7.01 -1.57 12.40
N TRP A 85 6.91 -1.93 11.12
CA TRP A 85 8.09 -2.09 10.28
C TRP A 85 8.70 -0.73 9.93
N LEU A 86 7.84 0.26 9.71
CA LEU A 86 8.29 1.60 9.37
C LEU A 86 9.21 2.16 10.45
N ALA A 87 8.93 1.81 11.70
CA ALA A 87 9.73 2.27 12.83
C ALA A 87 10.96 1.37 13.04
N GLU A 88 10.81 0.10 12.70
CA GLU A 88 11.90 -0.85 12.85
C GLU A 88 12.92 -0.69 11.73
N ARG A 89 12.45 -0.30 10.55
CA ARG A 89 13.32 -0.11 9.40
C ARG A 89 14.16 1.17 9.55
N LYS A 90 13.75 2.04 10.46
CA LYS A 90 14.47 3.29 10.69
C LYS A 90 15.44 3.15 11.86
N GLN A 91 16.04 1.97 11.99
CA GLN A 91 17.00 1.72 13.06
C GLN A 91 18.42 1.79 12.54
N GLN A 92 18.66 1.15 11.40
CA GLN A 92 19.99 1.14 10.79
C GLN A 92 19.99 1.92 9.48
N SER A 93 21.18 2.31 9.03
CA SER A 93 21.32 3.06 7.79
C SER A 93 21.74 2.15 6.64
N GLY A 94 22.50 1.10 6.97
CA GLY A 94 22.95 0.17 5.95
C GLY A 94 24.46 0.07 5.90
N PRO A 95 25.10 -0.50 6.93
CA PRO A 95 26.56 -0.64 6.97
C PRO A 95 27.07 -1.67 5.98
N SER A 96 28.36 -1.96 6.05
CA SER A 96 28.98 -2.93 5.14
C SER A 96 30.45 -3.13 5.49
N SER A 97 30.74 -4.23 6.19
CA SER A 97 32.11 -4.54 6.59
C SER A 97 32.88 -5.17 5.44
N GLY A 98 34.14 -4.78 5.29
CA GLY A 98 34.97 -5.32 4.22
C GLY A 98 36.06 -6.23 4.73
N GLY A 1 14.39 -2.52 -22.65
CA GLY A 1 13.03 -2.90 -22.15
C GLY A 1 11.94 -2.05 -22.78
N SER A 2 10.75 -2.63 -22.90
CA SER A 2 9.61 -1.93 -23.48
C SER A 2 9.13 -0.81 -22.56
N SER A 3 9.27 -1.03 -21.26
CA SER A 3 8.84 -0.04 -20.27
C SER A 3 9.75 -0.08 -19.05
N GLY A 4 9.73 1.00 -18.26
CA GLY A 4 10.55 1.06 -17.07
C GLY A 4 10.98 2.48 -16.74
N SER A 5 10.35 3.07 -15.73
CA SER A 5 10.69 4.43 -15.32
C SER A 5 12.08 4.49 -14.70
N SER A 6 12.87 5.47 -15.14
CA SER A 6 14.22 5.64 -14.63
C SER A 6 14.72 7.06 -14.88
N GLY A 7 13.80 8.01 -14.88
CA GLY A 7 14.17 9.40 -15.10
C GLY A 7 13.41 10.36 -14.21
N LEU A 8 12.19 10.72 -14.63
CA LEU A 8 11.36 11.64 -13.87
C LEU A 8 12.05 12.98 -13.68
N GLN A 9 11.33 13.94 -13.11
CA GLN A 9 11.88 15.27 -12.88
C GLN A 9 11.34 15.86 -11.58
N GLN A 10 11.83 15.34 -10.46
CA GLN A 10 11.41 15.81 -9.15
C GLN A 10 12.24 15.17 -8.04
N GLN A 11 11.84 15.40 -6.79
CA GLN A 11 12.54 14.84 -5.65
C GLN A 11 12.19 13.37 -5.45
N GLU A 12 12.77 12.76 -4.42
CA GLU A 12 12.53 11.35 -4.14
C GLU A 12 11.82 11.19 -2.79
N GLU A 13 10.72 10.45 -2.79
CA GLU A 13 9.96 10.22 -1.58
C GLU A 13 9.15 8.92 -1.67
N GLU A 14 9.69 7.95 -2.40
CA GLU A 14 9.02 6.67 -2.59
C GLU A 14 9.94 5.67 -3.27
N THR A 15 10.83 5.07 -2.49
CA THR A 15 11.77 4.08 -3.02
C THR A 15 11.78 2.82 -2.18
N TYR A 16 10.63 2.51 -1.58
CA TYR A 16 10.50 1.32 -0.74
C TYR A 16 10.76 0.05 -1.54
N ALA A 17 12.02 -0.37 -1.58
CA ALA A 17 12.40 -1.58 -2.31
C ALA A 17 12.63 -2.74 -1.35
N ASP A 18 13.24 -2.46 -0.21
CA ASP A 18 13.53 -3.48 0.79
C ASP A 18 12.23 -4.11 1.30
N ALA A 19 11.15 -3.35 1.25
CA ALA A 19 9.85 -3.83 1.71
C ALA A 19 9.45 -5.11 0.99
N CYS A 20 8.82 -6.01 1.73
CA CYS A 20 8.39 -7.29 1.16
C CYS A 20 7.11 -7.11 0.36
N ASP A 21 6.54 -8.23 -0.10
CA ASP A 21 5.31 -8.20 -0.88
C ASP A 21 4.08 -8.02 0.03
N GLU A 22 4.21 -8.46 1.27
CA GLU A 22 3.11 -8.36 2.23
C GLU A 22 2.65 -6.91 2.37
N PHE A 23 3.57 -5.97 2.18
CA PHE A 23 3.24 -4.56 2.28
C PHE A 23 2.99 -3.95 0.90
N LEU A 24 3.68 -4.49 -0.10
CA LEU A 24 3.52 -4.01 -1.47
C LEU A 24 2.15 -4.38 -2.03
N ASP A 25 1.64 -3.55 -2.94
CA ASP A 25 0.34 -3.79 -3.55
C ASP A 25 0.44 -4.89 -4.62
N PRO A 26 -0.58 -5.75 -4.72
CA PRO A 26 -0.60 -6.84 -5.70
C PRO A 26 -0.74 -6.34 -7.13
N ILE A 27 -1.35 -5.16 -7.27
CA ILE A 27 -1.56 -4.57 -8.59
C ILE A 27 -0.62 -3.39 -8.81
N MET A 28 -0.63 -2.45 -7.88
CA MET A 28 0.22 -1.27 -7.97
C MET A 28 1.69 -1.62 -7.79
N SER A 29 1.94 -2.71 -7.06
CA SER A 29 3.32 -3.16 -6.81
C SER A 29 4.11 -2.10 -6.05
N THR A 30 3.40 -1.32 -5.23
CA THR A 30 4.05 -0.27 -4.44
C THR A 30 3.68 -0.40 -2.97
N LEU A 31 4.36 0.37 -2.12
CA LEU A 31 4.10 0.34 -0.69
C LEU A 31 2.65 0.68 -0.38
N MET A 32 2.00 -0.16 0.42
CA MET A 32 0.60 0.07 0.79
C MET A 32 0.50 0.79 2.11
N CYS A 33 -0.18 1.94 2.11
CA CYS A 33 -0.35 2.74 3.32
C CYS A 33 -1.66 2.37 4.02
N ASP A 34 -2.71 2.16 3.24
CA ASP A 34 -4.01 1.80 3.78
C ASP A 34 -4.58 0.57 3.09
N PRO A 35 -4.09 -0.62 3.43
CA PRO A 35 -4.54 -1.88 2.84
C PRO A 35 -5.96 -2.25 3.27
N VAL A 36 -6.86 -2.35 2.30
CA VAL A 36 -8.25 -2.69 2.58
C VAL A 36 -8.56 -4.12 2.17
N VAL A 37 -9.16 -4.88 3.08
CA VAL A 37 -9.51 -6.27 2.82
C VAL A 37 -10.81 -6.38 2.03
N LEU A 38 -10.76 -7.11 0.92
CA LEU A 38 -11.93 -7.30 0.07
C LEU A 38 -12.76 -8.48 0.55
N PRO A 39 -14.06 -8.26 0.86
CA PRO A 39 -14.95 -9.32 1.33
C PRO A 39 -15.36 -10.28 0.22
N SER A 40 -14.97 -9.98 -1.01
CA SER A 40 -15.31 -10.82 -2.15
C SER A 40 -14.12 -11.68 -2.59
N SER A 41 -13.10 -11.02 -3.15
CA SER A 41 -11.91 -11.71 -3.61
C SER A 41 -11.01 -12.13 -2.44
N ARG A 42 -11.27 -11.57 -1.27
CA ARG A 42 -10.47 -11.89 -0.08
C ARG A 42 -9.01 -11.53 -0.29
N VAL A 43 -8.77 -10.49 -1.08
CA VAL A 43 -7.42 -10.03 -1.36
C VAL A 43 -7.16 -8.66 -0.77
N THR A 44 -5.98 -8.47 -0.20
CA THR A 44 -5.62 -7.19 0.41
C THR A 44 -5.09 -6.22 -0.63
N VAL A 45 -5.81 -5.12 -0.83
CA VAL A 45 -5.41 -4.11 -1.80
C VAL A 45 -5.53 -2.71 -1.22
N ASP A 46 -4.75 -1.78 -1.75
CA ASP A 46 -4.77 -0.40 -1.28
C ASP A 46 -6.15 0.23 -1.49
N ARG A 47 -6.58 1.06 -0.55
CA ARG A 47 -7.87 1.72 -0.62
C ARG A 47 -7.97 2.57 -1.89
N SER A 48 -6.84 3.12 -2.31
CA SER A 48 -6.79 3.96 -3.51
C SER A 48 -6.82 3.11 -4.77
N THR A 49 -6.18 1.94 -4.71
CA THR A 49 -6.14 1.03 -5.84
C THR A 49 -7.53 0.50 -6.17
N ILE A 50 -8.30 0.19 -5.13
CA ILE A 50 -9.65 -0.32 -5.30
C ILE A 50 -10.60 0.78 -5.75
N ALA A 51 -10.42 1.98 -5.20
CA ALA A 51 -11.27 3.11 -5.54
C ALA A 51 -11.25 3.37 -7.05
N ARG A 52 -10.06 3.30 -7.64
CA ARG A 52 -9.91 3.53 -9.08
C ARG A 52 -10.66 2.47 -9.87
N HIS A 53 -10.62 1.23 -9.39
CA HIS A 53 -11.29 0.13 -10.05
C HIS A 53 -12.80 0.20 -9.86
N LEU A 54 -13.22 0.91 -8.81
CA LEU A 54 -14.64 1.07 -8.52
C LEU A 54 -15.19 2.37 -9.09
N LEU A 55 -14.66 2.76 -10.25
CA LEU A 55 -15.09 3.99 -10.91
C LEU A 55 -16.06 3.68 -12.05
N SER A 56 -15.63 2.82 -12.95
CA SER A 56 -16.46 2.43 -14.10
C SER A 56 -17.21 1.13 -13.82
N ASP A 57 -16.58 0.26 -13.04
CA ASP A 57 -17.18 -1.03 -12.69
C ASP A 57 -17.04 -1.31 -11.21
N GLN A 58 -18.11 -1.05 -10.45
CA GLN A 58 -18.09 -1.28 -9.01
C GLN A 58 -18.00 -2.77 -8.69
N THR A 59 -16.81 -3.33 -8.85
CA THR A 59 -16.58 -4.74 -8.59
C THR A 59 -15.12 -5.00 -8.24
N ASP A 60 -14.79 -6.26 -7.98
CA ASP A 60 -13.42 -6.64 -7.64
C ASP A 60 -12.61 -6.93 -8.90
N PRO A 61 -11.32 -6.55 -8.90
CA PRO A 61 -10.45 -6.78 -10.06
C PRO A 61 -10.03 -8.23 -10.21
N PHE A 62 -10.36 -9.06 -9.21
CA PHE A 62 -10.02 -10.47 -9.25
C PHE A 62 -11.27 -11.34 -9.32
N ASN A 63 -12.19 -11.13 -8.38
CA ASN A 63 -13.44 -11.89 -8.33
C ASN A 63 -14.45 -11.35 -9.34
N ARG A 64 -14.36 -10.06 -9.64
CA ARG A 64 -15.27 -9.43 -10.58
C ARG A 64 -16.72 -9.48 -10.06
N SER A 65 -16.85 -9.44 -8.74
CA SER A 65 -18.17 -9.48 -8.11
C SER A 65 -18.58 -8.09 -7.62
N PRO A 66 -19.87 -7.90 -7.29
CA PRO A 66 -20.38 -6.61 -6.80
C PRO A 66 -19.69 -6.15 -5.53
N LEU A 67 -18.86 -5.12 -5.63
CA LEU A 67 -18.14 -4.60 -4.48
C LEU A 67 -18.16 -3.07 -4.48
N THR A 68 -18.07 -2.48 -3.30
CA THR A 68 -18.07 -1.03 -3.16
C THR A 68 -17.10 -0.57 -2.07
N MET A 69 -17.04 0.73 -1.85
CA MET A 69 -16.15 1.29 -0.83
C MET A 69 -16.67 0.97 0.57
N ASP A 70 -17.98 0.87 0.70
CA ASP A 70 -18.61 0.57 1.99
C ASP A 70 -18.41 -0.89 2.36
N GLN A 71 -18.35 -1.75 1.35
CA GLN A 71 -18.16 -3.18 1.57
C GLN A 71 -16.76 -3.48 2.11
N ILE A 72 -15.75 -3.03 1.38
CA ILE A 72 -14.36 -3.25 1.78
C ILE A 72 -14.08 -2.63 3.14
N ARG A 73 -13.16 -3.22 3.89
CA ARG A 73 -12.80 -2.73 5.21
C ARG A 73 -11.28 -2.58 5.34
N PRO A 74 -10.82 -1.64 6.18
CA PRO A 74 -9.39 -1.40 6.40
C PRO A 74 -8.73 -2.53 7.17
N ASN A 75 -7.63 -3.05 6.63
CA ASN A 75 -6.89 -4.14 7.28
C ASN A 75 -6.06 -3.62 8.44
N THR A 76 -6.61 -3.68 9.64
CA THR A 76 -5.92 -3.22 10.83
C THR A 76 -4.78 -4.15 11.20
N GLU A 77 -5.02 -5.46 11.06
CA GLU A 77 -4.02 -6.46 11.38
C GLU A 77 -2.77 -6.27 10.53
N LEU A 78 -2.95 -5.80 9.29
CA LEU A 78 -1.84 -5.57 8.39
C LEU A 78 -1.23 -4.19 8.62
N LYS A 79 -2.08 -3.20 8.85
CA LYS A 79 -1.63 -1.83 9.09
C LYS A 79 -0.68 -1.77 10.28
N GLU A 80 -0.96 -2.60 11.28
CA GLU A 80 -0.12 -2.64 12.48
C GLU A 80 1.27 -3.17 12.17
N LYS A 81 1.35 -4.05 11.18
CA LYS A 81 2.63 -4.63 10.78
C LYS A 81 3.47 -3.61 10.02
N ILE A 82 2.81 -2.72 9.31
CA ILE A 82 3.50 -1.70 8.54
C ILE A 82 4.10 -0.62 9.45
N GLN A 83 3.43 -0.38 10.58
CA GLN A 83 3.90 0.61 11.53
C GLN A 83 5.17 0.14 12.24
N ARG A 84 5.20 -1.14 12.58
CA ARG A 84 6.35 -1.72 13.25
C ARG A 84 7.59 -1.67 12.36
N TRP A 85 7.42 -2.04 11.10
CA TRP A 85 8.52 -2.04 10.14
C TRP A 85 8.96 -0.62 9.82
N LEU A 86 7.98 0.24 9.54
CA LEU A 86 8.25 1.64 9.21
C LEU A 86 9.03 2.32 10.33
N ALA A 87 8.66 2.01 11.57
CA ALA A 87 9.31 2.59 12.73
C ALA A 87 10.63 1.89 13.03
N GLU A 88 10.69 0.60 12.70
CA GLU A 88 11.90 -0.19 12.94
C GLU A 88 12.99 0.17 11.93
N ARG A 89 12.60 0.34 10.67
CA ARG A 89 13.54 0.68 9.62
C ARG A 89 14.14 2.06 9.85
N LYS A 90 13.40 2.92 10.53
CA LYS A 90 13.87 4.27 10.82
C LYS A 90 14.86 4.28 11.97
N GLN A 91 16.03 3.68 11.74
CA GLN A 91 17.07 3.61 12.76
C GLN A 91 17.95 4.85 12.73
N GLN A 92 17.70 5.77 13.65
CA GLN A 92 18.47 7.00 13.72
C GLN A 92 19.87 6.74 14.28
N SER A 93 19.93 6.18 15.49
CA SER A 93 21.20 5.87 16.12
C SER A 93 21.01 4.88 17.26
N GLY A 94 20.04 5.15 18.12
CA GLY A 94 19.77 4.26 19.23
C GLY A 94 19.47 5.02 20.52
N PRO A 95 18.44 4.60 21.28
CA PRO A 95 18.07 5.26 22.54
C PRO A 95 19.25 5.36 23.51
N SER A 96 20.03 6.42 23.39
CA SER A 96 21.18 6.62 24.27
C SER A 96 22.14 5.43 24.19
N SER A 97 23.11 5.51 23.28
CA SER A 97 24.09 4.45 23.10
C SER A 97 25.37 4.76 23.86
N GLY A 98 26.35 3.86 23.77
CA GLY A 98 27.61 4.06 24.46
C GLY A 98 27.50 3.83 25.96
N GLY A 1 32.15 6.85 -14.17
CA GLY A 1 30.77 7.30 -14.51
C GLY A 1 30.62 8.80 -14.49
N SER A 2 29.60 9.29 -13.80
CA SER A 2 29.35 10.72 -13.72
C SER A 2 28.30 11.03 -12.64
N SER A 3 28.66 11.88 -11.69
CA SER A 3 27.76 12.26 -10.61
C SER A 3 27.50 13.76 -10.61
N GLY A 4 26.63 14.21 -9.72
CA GLY A 4 26.32 15.63 -9.63
C GLY A 4 27.46 16.44 -9.04
N SER A 5 27.77 17.55 -9.68
CA SER A 5 28.84 18.42 -9.21
C SER A 5 28.28 19.68 -8.56
N SER A 6 27.53 20.46 -9.33
CA SER A 6 26.94 21.69 -8.83
C SER A 6 25.53 21.44 -8.30
N GLY A 7 25.27 21.88 -7.08
CA GLY A 7 23.97 21.69 -6.47
C GLY A 7 23.73 20.26 -6.04
N LEU A 8 23.50 20.06 -4.74
CA LEU A 8 23.25 18.73 -4.20
C LEU A 8 21.92 18.68 -3.45
N GLN A 9 21.79 19.56 -2.46
CA GLN A 9 20.57 19.61 -1.65
C GLN A 9 20.31 18.28 -0.96
N GLN A 10 19.26 18.24 -0.14
CA GLN A 10 18.90 17.03 0.58
C GLN A 10 17.56 16.48 0.11
N GLN A 11 17.58 15.31 -0.50
CA GLN A 11 16.35 14.69 -1.00
C GLN A 11 16.20 13.28 -0.44
N GLU A 12 14.96 12.79 -0.40
CA GLU A 12 14.68 11.45 0.11
C GLU A 12 14.71 10.43 -1.02
N GLU A 13 15.06 9.20 -0.68
CA GLU A 13 15.13 8.12 -1.67
C GLU A 13 14.10 7.04 -1.37
N GLU A 14 13.18 6.84 -2.30
CA GLU A 14 12.13 5.82 -2.14
C GLU A 14 12.61 4.46 -2.63
N THR A 15 13.04 3.62 -1.69
CA THR A 15 13.53 2.29 -2.03
C THR A 15 12.95 1.25 -1.08
N TYR A 16 11.71 0.85 -1.32
CA TYR A 16 11.04 -0.14 -0.50
C TYR A 16 11.36 -1.56 -0.97
N ALA A 17 12.65 -1.87 -1.03
CA ALA A 17 13.10 -3.19 -1.46
C ALA A 17 13.11 -4.17 -0.29
N ASP A 18 13.46 -3.67 0.88
CA ASP A 18 13.52 -4.50 2.08
C ASP A 18 12.14 -5.00 2.48
N ALA A 19 11.12 -4.21 2.17
CA ALA A 19 9.75 -4.57 2.49
C ALA A 19 9.35 -5.87 1.82
N CYS A 20 8.26 -6.48 2.30
CA CYS A 20 7.78 -7.73 1.75
C CYS A 20 6.49 -7.52 0.96
N ASP A 21 6.05 -8.58 0.27
CA ASP A 21 4.83 -8.51 -0.53
C ASP A 21 3.62 -8.17 0.35
N GLU A 22 3.70 -8.55 1.63
CA GLU A 22 2.60 -8.29 2.56
C GLU A 22 2.31 -6.80 2.65
N PHE A 23 3.35 -5.98 2.45
CA PHE A 23 3.19 -4.54 2.52
C PHE A 23 3.01 -3.95 1.12
N LEU A 24 3.61 -4.59 0.12
CA LEU A 24 3.53 -4.14 -1.26
C LEU A 24 2.17 -4.50 -1.86
N ASP A 25 1.65 -3.62 -2.70
CA ASP A 25 0.35 -3.85 -3.35
C ASP A 25 0.49 -4.90 -4.45
N PRO A 26 -0.57 -5.72 -4.64
CA PRO A 26 -0.56 -6.77 -5.67
C PRO A 26 -0.73 -6.21 -7.07
N ILE A 27 -1.40 -5.06 -7.18
CA ILE A 27 -1.63 -4.43 -8.47
C ILE A 27 -0.77 -3.19 -8.63
N MET A 28 -0.76 -2.34 -7.60
CA MET A 28 0.03 -1.11 -7.64
C MET A 28 1.51 -1.40 -7.48
N SER A 29 1.82 -2.49 -6.77
CA SER A 29 3.21 -2.89 -6.56
C SER A 29 3.95 -1.82 -5.76
N THR A 30 3.23 -1.11 -4.91
CA THR A 30 3.82 -0.06 -4.09
C THR A 30 3.50 -0.27 -2.61
N LEU A 31 4.13 0.52 -1.76
CA LEU A 31 3.91 0.42 -0.32
C LEU A 31 2.45 0.71 0.03
N MET A 32 1.82 -0.22 0.73
CA MET A 32 0.43 -0.07 1.13
C MET A 32 0.32 0.67 2.47
N CYS A 33 -0.28 1.87 2.42
CA CYS A 33 -0.45 2.67 3.62
C CYS A 33 -1.75 2.33 4.32
N ASP A 34 -2.82 2.15 3.54
CA ASP A 34 -4.12 1.82 4.08
C ASP A 34 -4.73 0.64 3.34
N PRO A 35 -4.21 -0.58 3.58
CA PRO A 35 -4.70 -1.79 2.94
C PRO A 35 -6.10 -2.19 3.40
N VAL A 36 -6.97 -2.55 2.46
CA VAL A 36 -8.33 -2.94 2.78
C VAL A 36 -8.60 -4.37 2.34
N VAL A 37 -9.33 -5.11 3.17
CA VAL A 37 -9.66 -6.50 2.87
C VAL A 37 -10.90 -6.60 1.99
N LEU A 38 -10.76 -7.26 0.84
CA LEU A 38 -11.86 -7.43 -0.09
C LEU A 38 -12.73 -8.62 0.31
N PRO A 39 -14.03 -8.40 0.56
CA PRO A 39 -14.96 -9.47 0.95
C PRO A 39 -15.26 -10.42 -0.19
N SER A 40 -14.82 -10.07 -1.40
CA SER A 40 -15.07 -10.90 -2.57
C SER A 40 -13.83 -11.73 -2.94
N SER A 41 -12.83 -11.05 -3.48
CA SER A 41 -11.59 -11.73 -3.88
C SER A 41 -10.79 -12.19 -2.66
N ARG A 42 -11.08 -11.62 -1.49
CA ARG A 42 -10.39 -11.98 -0.27
C ARG A 42 -8.91 -11.64 -0.36
N VAL A 43 -8.60 -10.59 -1.12
CA VAL A 43 -7.22 -10.15 -1.30
C VAL A 43 -6.98 -8.82 -0.60
N THR A 44 -5.70 -8.53 -0.32
CA THR A 44 -5.34 -7.29 0.36
C THR A 44 -4.89 -6.24 -0.65
N VAL A 45 -5.58 -5.11 -0.65
CA VAL A 45 -5.25 -4.01 -1.55
C VAL A 45 -5.55 -2.66 -0.91
N ASP A 46 -4.75 -1.66 -1.26
CA ASP A 46 -4.92 -0.32 -0.71
C ASP A 46 -6.33 0.21 -1.01
N ARG A 47 -6.88 0.98 -0.07
CA ARG A 47 -8.21 1.55 -0.25
C ARG A 47 -8.28 2.42 -1.49
N SER A 48 -7.16 3.04 -1.84
CA SER A 48 -7.09 3.90 -3.01
C SER A 48 -6.93 3.07 -4.28
N THR A 49 -6.21 1.95 -4.17
CA THR A 49 -5.99 1.07 -5.31
C THR A 49 -7.29 0.48 -5.82
N ILE A 50 -8.18 0.15 -4.89
CA ILE A 50 -9.48 -0.42 -5.24
C ILE A 50 -10.43 0.67 -5.72
N ALA A 51 -10.36 1.84 -5.11
CA ALA A 51 -11.22 2.95 -5.47
C ALA A 51 -11.10 3.27 -6.95
N ARG A 52 -9.87 3.28 -7.46
CA ARG A 52 -9.63 3.55 -8.87
C ARG A 52 -10.33 2.54 -9.76
N HIS A 53 -10.40 1.30 -9.27
CA HIS A 53 -11.06 0.23 -10.02
C HIS A 53 -12.57 0.34 -9.92
N LEU A 54 -13.05 1.01 -8.87
CA LEU A 54 -14.48 1.19 -8.67
C LEU A 54 -14.95 2.52 -9.23
N LEU A 55 -14.26 3.01 -10.26
CA LEU A 55 -14.62 4.27 -10.90
C LEU A 55 -15.55 4.03 -12.07
N SER A 56 -15.17 3.11 -12.96
CA SER A 56 -15.98 2.79 -14.13
C SER A 56 -16.79 1.53 -13.90
N ASP A 57 -16.24 0.62 -13.11
CA ASP A 57 -16.92 -0.64 -12.80
C ASP A 57 -16.77 -0.99 -11.32
N GLN A 58 -17.84 -0.82 -10.56
CA GLN A 58 -17.82 -1.12 -9.14
C GLN A 58 -17.76 -2.62 -8.89
N THR A 59 -16.58 -3.21 -9.10
CA THR A 59 -16.39 -4.63 -8.91
C THR A 59 -14.98 -4.93 -8.42
N ASP A 60 -14.67 -6.21 -8.23
CA ASP A 60 -13.36 -6.62 -7.77
C ASP A 60 -12.42 -6.87 -8.95
N PRO A 61 -11.18 -6.34 -8.88
CA PRO A 61 -10.20 -6.51 -9.96
C PRO A 61 -9.78 -7.97 -10.14
N PHE A 62 -10.01 -8.78 -9.12
CA PHE A 62 -9.66 -10.20 -9.18
C PHE A 62 -10.90 -11.08 -9.28
N ASN A 63 -11.85 -10.85 -8.38
CA ASN A 63 -13.10 -11.63 -8.36
C ASN A 63 -14.05 -11.17 -9.47
N ARG A 64 -13.96 -9.89 -9.82
CA ARG A 64 -14.82 -9.34 -10.86
C ARG A 64 -16.29 -9.43 -10.47
N SER A 65 -16.56 -9.29 -9.18
CA SER A 65 -17.92 -9.35 -8.66
C SER A 65 -18.32 -8.03 -8.01
N PRO A 66 -19.60 -7.89 -7.64
CA PRO A 66 -20.10 -6.65 -7.00
C PRO A 66 -19.27 -6.25 -5.80
N LEU A 67 -18.67 -5.06 -5.87
CA LEU A 67 -17.85 -4.55 -4.78
C LEU A 67 -17.93 -3.03 -4.69
N THR A 68 -17.80 -2.50 -3.48
CA THR A 68 -17.86 -1.07 -3.26
C THR A 68 -16.94 -0.65 -2.12
N MET A 69 -16.85 0.67 -1.90
CA MET A 69 -16.00 1.19 -0.84
C MET A 69 -16.60 0.91 0.53
N ASP A 70 -17.91 0.70 0.57
CA ASP A 70 -18.61 0.42 1.83
C ASP A 70 -18.45 -1.04 2.23
N GLN A 71 -18.30 -1.91 1.24
CA GLN A 71 -18.14 -3.34 1.49
C GLN A 71 -16.74 -3.65 1.99
N ILE A 72 -15.75 -2.99 1.40
CA ILE A 72 -14.36 -3.20 1.77
C ILE A 72 -14.06 -2.62 3.15
N ARG A 73 -13.19 -3.29 3.89
CA ARG A 73 -12.82 -2.84 5.23
C ARG A 73 -11.30 -2.68 5.37
N PRO A 74 -10.85 -1.76 6.22
CA PRO A 74 -9.42 -1.51 6.43
C PRO A 74 -8.75 -2.64 7.22
N ASN A 75 -7.67 -3.18 6.66
CA ASN A 75 -6.94 -4.26 7.31
C ASN A 75 -6.07 -3.72 8.45
N THR A 76 -6.62 -3.74 9.66
CA THR A 76 -5.90 -3.25 10.83
C THR A 76 -4.72 -4.17 11.16
N GLU A 77 -4.93 -5.47 11.02
CA GLU A 77 -3.90 -6.45 11.30
C GLU A 77 -2.68 -6.23 10.41
N LEU A 78 -2.91 -5.74 9.20
CA LEU A 78 -1.83 -5.48 8.26
C LEU A 78 -1.27 -4.07 8.45
N LYS A 79 -2.16 -3.12 8.71
CA LYS A 79 -1.74 -1.74 8.92
C LYS A 79 -0.79 -1.62 10.09
N GLU A 80 -0.95 -2.49 11.07
CA GLU A 80 -0.09 -2.49 12.25
C GLU A 80 1.31 -2.99 11.92
N LYS A 81 1.38 -3.95 11.00
CA LYS A 81 2.65 -4.53 10.58
C LYS A 81 3.45 -3.52 9.77
N ILE A 82 2.76 -2.74 8.94
CA ILE A 82 3.41 -1.75 8.10
C ILE A 82 4.05 -0.65 8.95
N GLN A 83 3.41 -0.33 10.07
CA GLN A 83 3.90 0.70 10.98
C GLN A 83 5.11 0.21 11.75
N ARG A 84 5.04 -1.04 12.21
CA ARG A 84 6.13 -1.64 12.97
C ARG A 84 7.41 -1.69 12.14
N TRP A 85 7.26 -1.87 10.84
CA TRP A 85 8.41 -1.94 9.94
C TRP A 85 8.90 -0.53 9.56
N LEU A 86 7.97 0.30 9.10
CA LEU A 86 8.30 1.66 8.70
C LEU A 86 8.97 2.42 9.85
N ALA A 87 8.61 2.07 11.08
CA ALA A 87 9.17 2.71 12.25
C ALA A 87 10.47 2.03 12.69
N GLU A 88 10.62 0.76 12.33
CA GLU A 88 11.80 -0.01 12.68
C GLU A 88 12.88 0.12 11.61
N ARG A 89 12.47 0.47 10.39
CA ARG A 89 13.40 0.61 9.28
C ARG A 89 13.88 2.06 9.14
N LYS A 90 13.71 2.84 10.20
CA LYS A 90 14.14 4.24 10.19
C LYS A 90 15.43 4.42 10.97
N GLN A 91 16.26 3.39 11.00
CA GLN A 91 17.53 3.44 11.71
C GLN A 91 18.67 3.73 10.75
N GLN A 92 19.33 4.87 10.95
CA GLN A 92 20.45 5.27 10.11
C GLN A 92 21.55 5.91 10.94
N SER A 93 22.80 5.59 10.61
CA SER A 93 23.95 6.13 11.34
C SER A 93 24.51 7.35 10.62
N GLY A 94 24.28 8.53 11.18
CA GLY A 94 24.78 9.75 10.58
C GLY A 94 25.26 10.75 11.62
N PRO A 95 24.38 11.69 12.05
CA PRO A 95 24.74 12.70 13.04
C PRO A 95 24.89 12.12 14.44
N SER A 96 25.14 12.98 15.42
CA SER A 96 25.31 12.54 16.80
C SER A 96 25.48 13.74 17.73
N SER A 97 26.40 14.63 17.37
CA SER A 97 26.67 15.82 18.17
C SER A 97 27.14 16.97 17.29
N GLY A 98 26.21 17.87 16.97
CA GLY A 98 26.55 19.02 16.14
C GLY A 98 26.47 20.33 16.90
N GLY A 1 5.09 26.75 -22.41
CA GLY A 1 5.29 25.42 -21.79
C GLY A 1 4.18 25.05 -20.82
N SER A 2 4.52 24.93 -19.54
CA SER A 2 3.54 24.59 -18.53
C SER A 2 4.06 24.92 -17.13
N SER A 3 3.29 25.72 -16.39
CA SER A 3 3.68 26.11 -15.04
C SER A 3 2.47 26.60 -14.25
N GLY A 4 2.71 27.05 -13.02
CA GLY A 4 1.64 27.53 -12.18
C GLY A 4 0.86 26.40 -11.54
N SER A 5 1.48 25.71 -10.59
CA SER A 5 0.85 24.60 -9.89
C SER A 5 -0.26 25.11 -8.97
N SER A 6 -0.95 24.18 -8.32
CA SER A 6 -2.03 24.53 -7.41
C SER A 6 -1.48 25.12 -6.11
N GLY A 7 -0.58 24.38 -5.48
CA GLY A 7 0.01 24.84 -4.24
C GLY A 7 0.98 23.84 -3.65
N LEU A 8 2.00 23.47 -4.43
CA LEU A 8 3.00 22.51 -3.98
C LEU A 8 4.41 23.05 -4.22
N GLN A 9 5.29 22.85 -3.24
CA GLN A 9 6.66 23.30 -3.35
C GLN A 9 7.63 22.13 -3.41
N GLN A 10 7.59 21.27 -2.39
CA GLN A 10 8.46 20.11 -2.33
C GLN A 10 7.95 19.10 -1.31
N GLN A 11 8.03 17.82 -1.66
CA GLN A 11 7.57 16.76 -0.78
C GLN A 11 8.54 15.57 -0.80
N GLU A 12 8.27 14.58 0.04
CA GLU A 12 9.11 13.39 0.11
C GLU A 12 8.93 12.52 -1.12
N GLU A 13 9.95 11.73 -1.44
CA GLU A 13 9.91 10.85 -2.60
C GLU A 13 9.79 9.39 -2.16
N GLU A 14 9.14 8.57 -3.00
CA GLU A 14 8.96 7.17 -2.69
C GLU A 14 10.27 6.40 -2.86
N THR A 15 10.80 5.90 -1.75
CA THR A 15 12.05 5.15 -1.78
C THR A 15 11.96 3.89 -0.89
N TYR A 16 11.31 2.86 -1.43
CA TYR A 16 11.15 1.60 -0.69
C TYR A 16 11.78 0.44 -1.46
N ALA A 17 13.04 0.15 -1.14
CA ALA A 17 13.74 -0.94 -1.80
C ALA A 17 14.06 -2.06 -0.82
N ASP A 18 13.19 -2.23 0.16
CA ASP A 18 13.38 -3.28 1.17
C ASP A 18 12.04 -3.75 1.73
N ALA A 19 10.98 -3.60 0.93
CA ALA A 19 9.65 -4.01 1.35
C ALA A 19 9.29 -5.38 0.77
N CYS A 20 8.34 -6.05 1.42
CA CYS A 20 7.91 -7.38 0.98
C CYS A 20 6.51 -7.32 0.39
N ASP A 21 6.08 -8.41 -0.23
CA ASP A 21 4.76 -8.48 -0.84
C ASP A 21 3.67 -8.24 0.20
N GLU A 22 3.96 -8.59 1.45
CA GLU A 22 3.00 -8.41 2.54
C GLU A 22 2.57 -6.96 2.66
N PHE A 23 3.48 -6.05 2.31
CA PHE A 23 3.20 -4.62 2.38
C PHE A 23 2.99 -4.03 0.98
N LEU A 24 3.70 -4.60 0.01
CA LEU A 24 3.59 -4.12 -1.37
C LEU A 24 2.25 -4.50 -1.98
N ASP A 25 1.69 -3.59 -2.76
CA ASP A 25 0.40 -3.82 -3.41
C ASP A 25 0.53 -4.86 -4.52
N PRO A 26 -0.46 -5.75 -4.66
CA PRO A 26 -0.45 -6.80 -5.68
C PRO A 26 -0.58 -6.23 -7.09
N ILE A 27 -1.19 -5.06 -7.21
CA ILE A 27 -1.38 -4.41 -8.49
C ILE A 27 -0.44 -3.22 -8.66
N MET A 28 -0.47 -2.31 -7.69
CA MET A 28 0.39 -1.13 -7.72
C MET A 28 1.85 -1.50 -7.53
N SER A 29 2.10 -2.60 -6.83
CA SER A 29 3.46 -3.06 -6.58
C SER A 29 4.24 -2.03 -5.78
N THR A 30 3.54 -1.30 -4.91
CA THR A 30 4.17 -0.29 -4.08
C THR A 30 3.76 -0.45 -2.62
N LEU A 31 4.43 0.28 -1.74
CA LEU A 31 4.13 0.22 -0.31
C LEU A 31 2.68 0.61 -0.04
N MET A 32 2.02 -0.17 0.82
CA MET A 32 0.63 0.10 1.16
C MET A 32 0.52 0.84 2.49
N CYS A 33 -0.38 1.81 2.54
CA CYS A 33 -0.58 2.60 3.76
C CYS A 33 -1.86 2.18 4.47
N ASP A 34 -2.90 1.89 3.69
CA ASP A 34 -4.18 1.48 4.24
C ASP A 34 -4.75 0.29 3.46
N PRO A 35 -4.21 -0.92 3.68
CA PRO A 35 -4.67 -2.12 2.98
C PRO A 35 -6.05 -2.56 3.43
N VAL A 36 -6.98 -2.65 2.47
CA VAL A 36 -8.35 -3.05 2.77
C VAL A 36 -8.59 -4.50 2.34
N VAL A 37 -9.29 -5.25 3.18
CA VAL A 37 -9.60 -6.64 2.88
C VAL A 37 -10.85 -6.77 2.02
N LEU A 38 -10.70 -7.40 0.86
CA LEU A 38 -11.82 -7.58 -0.06
C LEU A 38 -12.66 -8.80 0.35
N PRO A 39 -13.96 -8.60 0.61
CA PRO A 39 -14.86 -9.68 1.01
C PRO A 39 -15.22 -10.61 -0.14
N SER A 40 -14.77 -10.27 -1.34
CA SER A 40 -15.06 -11.07 -2.53
C SER A 40 -13.86 -11.95 -2.90
N SER A 41 -12.80 -11.32 -3.39
CA SER A 41 -11.60 -12.05 -3.79
C SER A 41 -10.74 -12.43 -2.58
N ARG A 42 -11.08 -11.89 -1.41
CA ARG A 42 -10.33 -12.18 -0.19
C ARG A 42 -8.88 -11.74 -0.33
N VAL A 43 -8.65 -10.70 -1.11
CA VAL A 43 -7.30 -10.17 -1.33
C VAL A 43 -7.12 -8.84 -0.61
N THR A 44 -5.87 -8.55 -0.23
CA THR A 44 -5.56 -7.31 0.46
C THR A 44 -4.98 -6.28 -0.50
N VAL A 45 -5.67 -5.15 -0.64
CA VAL A 45 -5.22 -4.09 -1.53
C VAL A 45 -5.44 -2.72 -0.89
N ASP A 46 -4.64 -1.75 -1.31
CA ASP A 46 -4.74 -0.39 -0.77
C ASP A 46 -6.13 0.18 -1.00
N ARG A 47 -6.60 0.97 -0.04
CA ARG A 47 -7.93 1.58 -0.13
C ARG A 47 -8.03 2.45 -1.38
N SER A 48 -6.92 3.04 -1.78
CA SER A 48 -6.88 3.90 -2.96
C SER A 48 -6.76 3.06 -4.24
N THR A 49 -6.09 1.92 -4.12
CA THR A 49 -5.90 1.03 -5.26
C THR A 49 -7.24 0.48 -5.75
N ILE A 50 -8.13 0.22 -4.80
CA ILE A 50 -9.46 -0.31 -5.12
C ILE A 50 -10.37 0.81 -5.63
N ALA A 51 -10.17 2.01 -5.12
CA ALA A 51 -10.98 3.16 -5.52
C ALA A 51 -10.88 3.40 -7.03
N ARG A 52 -9.67 3.32 -7.56
CA ARG A 52 -9.43 3.53 -8.98
C ARG A 52 -10.19 2.47 -9.80
N HIS A 53 -10.30 1.27 -9.25
CA HIS A 53 -10.98 0.18 -9.92
C HIS A 53 -12.50 0.32 -9.77
N LEU A 54 -12.92 1.01 -8.72
CA LEU A 54 -14.34 1.21 -8.47
C LEU A 54 -14.81 2.56 -9.01
N LEU A 55 -14.16 3.03 -10.07
CA LEU A 55 -14.52 4.30 -10.68
C LEU A 55 -15.74 4.15 -11.59
N SER A 56 -15.57 3.41 -12.67
CA SER A 56 -16.66 3.19 -13.62
C SER A 56 -17.32 1.84 -13.38
N ASP A 57 -16.51 0.82 -13.09
CA ASP A 57 -17.02 -0.52 -12.85
C ASP A 57 -16.86 -0.91 -11.38
N GLN A 58 -17.90 -0.67 -10.59
CA GLN A 58 -17.87 -0.98 -9.17
C GLN A 58 -17.81 -2.49 -8.95
N THR A 59 -16.62 -3.06 -9.10
CA THR A 59 -16.43 -4.49 -8.93
C THR A 59 -15.00 -4.80 -8.46
N ASP A 60 -14.71 -6.08 -8.28
CA ASP A 60 -13.39 -6.49 -7.83
C ASP A 60 -12.46 -6.75 -9.02
N PRO A 61 -11.16 -6.42 -8.89
CA PRO A 61 -10.18 -6.61 -9.96
C PRO A 61 -9.79 -8.06 -10.15
N PHE A 62 -10.13 -8.91 -9.17
CA PHE A 62 -9.80 -10.33 -9.24
C PHE A 62 -11.06 -11.18 -9.38
N ASN A 63 -12.06 -10.91 -8.54
CA ASN A 63 -13.31 -11.65 -8.58
C ASN A 63 -14.25 -11.10 -9.65
N ARG A 64 -14.14 -9.80 -9.92
CA ARG A 64 -14.98 -9.16 -10.93
C ARG A 64 -16.45 -9.23 -10.52
N SER A 65 -16.70 -9.22 -9.22
CA SER A 65 -18.06 -9.27 -8.71
C SER A 65 -18.51 -7.92 -8.18
N PRO A 66 -19.82 -7.74 -7.93
CA PRO A 66 -20.36 -6.47 -7.41
C PRO A 66 -19.74 -6.08 -6.07
N LEU A 67 -18.87 -5.09 -6.08
CA LEU A 67 -18.22 -4.63 -4.87
C LEU A 67 -18.24 -3.10 -4.78
N THR A 68 -18.28 -2.58 -3.56
CA THR A 68 -18.31 -1.15 -3.34
C THR A 68 -17.24 -0.73 -2.32
N MET A 69 -16.98 0.57 -2.26
CA MET A 69 -15.98 1.11 -1.34
C MET A 69 -16.38 0.84 0.11
N ASP A 70 -17.69 0.76 0.35
CA ASP A 70 -18.19 0.50 1.70
C ASP A 70 -18.04 -0.96 2.07
N GLN A 71 -18.11 -1.84 1.07
CA GLN A 71 -17.97 -3.28 1.29
C GLN A 71 -16.61 -3.61 1.90
N ILE A 72 -15.55 -3.22 1.20
CA ILE A 72 -14.20 -3.47 1.67
C ILE A 72 -13.96 -2.86 3.04
N ARG A 73 -13.15 -3.53 3.85
CA ARG A 73 -12.85 -3.06 5.19
C ARG A 73 -11.34 -2.88 5.38
N PRO A 74 -10.93 -1.94 6.24
CA PRO A 74 -9.50 -1.67 6.50
C PRO A 74 -8.86 -2.78 7.32
N ASN A 75 -7.77 -3.33 6.80
CA ASN A 75 -7.05 -4.40 7.49
C ASN A 75 -6.20 -3.84 8.63
N THR A 76 -6.81 -3.67 9.79
CA THR A 76 -6.10 -3.14 10.96
C THR A 76 -4.94 -4.04 11.34
N GLU A 77 -5.14 -5.35 11.19
CA GLU A 77 -4.11 -6.32 11.52
C GLU A 77 -2.87 -6.12 10.65
N LEU A 78 -3.08 -5.69 9.42
CA LEU A 78 -1.99 -5.46 8.48
C LEU A 78 -1.45 -4.04 8.61
N LYS A 79 -2.36 -3.08 8.78
CA LYS A 79 -1.98 -1.68 8.91
C LYS A 79 -1.00 -1.48 10.05
N GLU A 80 -1.13 -2.31 11.09
CA GLU A 80 -0.24 -2.23 12.24
C GLU A 80 1.15 -2.76 11.89
N LYS A 81 1.21 -3.71 10.98
CA LYS A 81 2.48 -4.29 10.55
C LYS A 81 3.26 -3.31 9.68
N ILE A 82 2.53 -2.48 8.94
CA ILE A 82 3.17 -1.51 8.06
C ILE A 82 3.80 -0.38 8.87
N GLN A 83 3.13 0.03 9.94
CA GLN A 83 3.63 1.09 10.80
C GLN A 83 4.79 0.60 11.65
N ARG A 84 4.74 -0.67 12.03
CA ARG A 84 5.80 -1.26 12.86
C ARG A 84 7.09 -1.38 12.06
N TRP A 85 6.97 -1.76 10.80
CA TRP A 85 8.14 -1.92 9.93
C TRP A 85 8.74 -0.56 9.59
N LEU A 86 7.90 0.37 9.12
CA LEU A 86 8.34 1.70 8.76
C LEU A 86 9.13 2.35 9.89
N ALA A 87 8.82 1.96 11.12
CA ALA A 87 9.51 2.50 12.30
C ALA A 87 10.84 1.77 12.54
N GLU A 88 10.90 0.51 12.13
CA GLU A 88 12.10 -0.29 12.30
C GLU A 88 13.07 -0.07 11.14
N ARG A 89 12.56 -0.21 9.92
CA ARG A 89 13.38 -0.03 8.72
C ARG A 89 14.01 1.36 8.70
N LYS A 90 13.31 2.33 9.26
CA LYS A 90 13.81 3.70 9.29
C LYS A 90 14.87 3.87 10.37
N GLN A 91 16.01 3.21 10.18
CA GLN A 91 17.10 3.28 11.13
C GLN A 91 18.45 3.37 10.41
N GLN A 92 19.20 4.43 10.69
CA GLN A 92 20.50 4.63 10.06
C GLN A 92 21.63 4.41 11.06
N SER A 93 21.35 4.73 12.33
CA SER A 93 22.34 4.57 13.39
C SER A 93 22.32 3.15 13.95
N GLY A 94 22.50 2.17 13.07
CA GLY A 94 22.49 0.78 13.49
C GLY A 94 22.02 -0.16 12.40
N PRO A 95 22.16 -1.48 12.60
CA PRO A 95 21.75 -2.47 11.61
C PRO A 95 20.22 -2.56 11.49
N SER A 96 19.74 -2.62 10.25
CA SER A 96 18.31 -2.71 9.99
C SER A 96 17.81 -4.16 10.11
N SER A 97 18.14 -4.96 9.11
CA SER A 97 17.74 -6.37 9.09
C SER A 97 18.43 -7.14 10.20
N GLY A 98 17.65 -7.60 11.17
CA GLY A 98 18.21 -8.37 12.28
C GLY A 98 17.23 -9.39 12.82
N GLY A 1 0.26 11.61 -10.10
CA GLY A 1 -0.97 11.38 -9.28
C GLY A 1 -0.73 11.65 -7.81
N SER A 2 -1.28 12.75 -7.31
CA SER A 2 -1.13 13.11 -5.91
C SER A 2 -2.41 13.75 -5.36
N SER A 3 -3.13 13.02 -4.54
CA SER A 3 -4.39 13.52 -3.96
C SER A 3 -4.10 14.63 -2.96
N GLY A 4 -4.52 15.85 -3.31
CA GLY A 4 -4.31 16.98 -2.43
C GLY A 4 -3.69 18.16 -3.15
N SER A 5 -3.78 19.34 -2.54
CA SER A 5 -3.23 20.55 -3.13
C SER A 5 -2.11 21.12 -2.26
N SER A 6 -2.40 21.30 -0.98
CA SER A 6 -1.42 21.85 -0.05
C SER A 6 -0.59 20.72 0.58
N GLY A 7 0.63 20.54 0.07
CA GLY A 7 1.50 19.50 0.57
C GLY A 7 2.21 18.74 -0.52
N LEU A 8 3.49 18.47 -0.33
CA LEU A 8 4.27 17.73 -1.32
C LEU A 8 4.31 18.47 -2.64
N GLN A 9 5.40 19.19 -2.89
CA GLN A 9 5.56 19.95 -4.13
C GLN A 9 5.67 19.02 -5.33
N GLN A 10 6.81 18.33 -5.44
CA GLN A 10 7.03 17.41 -6.55
C GLN A 10 8.37 16.71 -6.39
N GLN A 11 8.52 15.57 -7.08
CA GLN A 11 9.76 14.80 -7.02
C GLN A 11 10.04 14.33 -5.60
N GLU A 12 11.22 13.77 -5.39
CA GLU A 12 11.61 13.28 -4.07
C GLU A 12 10.66 12.18 -3.59
N GLU A 13 10.25 11.32 -4.52
CA GLU A 13 9.35 10.23 -4.19
C GLU A 13 10.11 8.92 -4.01
N GLU A 14 10.00 8.35 -2.82
CA GLU A 14 10.68 7.09 -2.50
C GLU A 14 10.04 5.92 -3.24
N THR A 15 10.88 5.03 -3.75
CA THR A 15 10.39 3.86 -4.49
C THR A 15 10.20 2.67 -3.55
N TYR A 16 10.91 2.68 -2.42
CA TYR A 16 10.82 1.60 -1.45
C TYR A 16 11.26 0.27 -2.06
N ALA A 17 12.57 0.15 -2.29
CA ALA A 17 13.13 -1.07 -2.88
C ALA A 17 13.74 -1.95 -1.80
N ASP A 18 13.19 -1.89 -0.59
CA ASP A 18 13.68 -2.69 0.53
C ASP A 18 12.54 -3.12 1.45
N ALA A 19 11.36 -3.28 0.86
CA ALA A 19 10.19 -3.69 1.62
C ALA A 19 9.85 -5.16 1.38
N CYS A 20 8.72 -5.60 1.92
CA CYS A 20 8.28 -6.98 1.77
C CYS A 20 7.15 -7.09 0.76
N ASP A 21 6.72 -8.31 0.48
CA ASP A 21 5.64 -8.55 -0.46
C ASP A 21 4.28 -8.33 0.18
N GLU A 22 4.21 -8.59 1.49
CA GLU A 22 2.96 -8.42 2.23
C GLU A 22 2.51 -6.97 2.21
N PHE A 23 3.47 -6.05 2.17
CA PHE A 23 3.17 -4.62 2.14
C PHE A 23 2.96 -4.13 0.71
N LEU A 24 3.69 -4.74 -0.23
CA LEU A 24 3.59 -4.36 -1.63
C LEU A 24 2.22 -4.76 -2.20
N ASP A 25 1.61 -3.85 -2.95
CA ASP A 25 0.31 -4.11 -3.55
C ASP A 25 0.41 -5.22 -4.60
N PRO A 26 -0.61 -6.09 -4.69
CA PRO A 26 -0.63 -7.19 -5.64
C PRO A 26 -0.77 -6.70 -7.09
N ILE A 27 -1.39 -5.54 -7.25
CA ILE A 27 -1.59 -4.98 -8.58
C ILE A 27 -0.65 -3.79 -8.82
N MET A 28 -0.72 -2.81 -7.93
CA MET A 28 0.11 -1.61 -8.04
C MET A 28 1.58 -1.95 -7.84
N SER A 29 1.85 -3.03 -7.10
CA SER A 29 3.22 -3.44 -6.83
C SER A 29 3.99 -2.35 -6.10
N THR A 30 3.27 -1.59 -5.27
CA THR A 30 3.89 -0.51 -4.51
C THR A 30 3.54 -0.63 -3.03
N LEU A 31 4.15 0.23 -2.21
CA LEU A 31 3.89 0.22 -0.78
C LEU A 31 2.42 0.48 -0.48
N MET A 32 1.87 -0.28 0.46
CA MET A 32 0.47 -0.15 0.84
C MET A 32 0.34 0.58 2.17
N CYS A 33 -0.16 1.80 2.13
CA CYS A 33 -0.35 2.61 3.33
C CYS A 33 -1.62 2.20 4.06
N ASP A 34 -2.69 1.99 3.29
CA ASP A 34 -3.98 1.60 3.87
C ASP A 34 -4.54 0.37 3.16
N PRO A 35 -4.04 -0.83 3.50
CA PRO A 35 -4.49 -2.08 2.89
C PRO A 35 -5.91 -2.44 3.30
N VAL A 36 -6.81 -2.46 2.33
CA VAL A 36 -8.22 -2.79 2.59
C VAL A 36 -8.50 -4.25 2.23
N VAL A 37 -9.14 -4.97 3.15
CA VAL A 37 -9.48 -6.37 2.92
C VAL A 37 -10.79 -6.49 2.15
N LEU A 38 -10.72 -7.13 0.98
CA LEU A 38 -11.90 -7.33 0.16
C LEU A 38 -12.71 -8.53 0.63
N PRO A 39 -14.00 -8.33 0.98
CA PRO A 39 -14.87 -9.42 1.45
C PRO A 39 -15.24 -10.40 0.33
N SER A 40 -14.87 -10.08 -0.91
CA SER A 40 -15.17 -10.93 -2.04
C SER A 40 -13.94 -11.70 -2.50
N SER A 41 -13.04 -11.02 -3.19
CA SER A 41 -11.82 -11.63 -3.69
C SER A 41 -10.89 -12.03 -2.56
N ARG A 42 -11.06 -11.41 -1.39
CA ARG A 42 -10.22 -11.71 -0.23
C ARG A 42 -8.76 -11.37 -0.53
N VAL A 43 -8.56 -10.34 -1.35
CA VAL A 43 -7.21 -9.91 -1.70
C VAL A 43 -6.92 -8.52 -1.15
N THR A 44 -6.01 -8.45 -0.19
CA THR A 44 -5.64 -7.19 0.42
C THR A 44 -5.04 -6.23 -0.61
N VAL A 45 -5.61 -5.04 -0.71
CA VAL A 45 -5.13 -4.04 -1.66
C VAL A 45 -5.30 -2.63 -1.10
N ASP A 46 -4.53 -1.69 -1.62
CA ASP A 46 -4.61 -0.30 -1.18
C ASP A 46 -6.01 0.26 -1.39
N ARG A 47 -6.47 1.05 -0.42
CA ARG A 47 -7.80 1.65 -0.50
C ARG A 47 -7.93 2.52 -1.75
N SER A 48 -6.81 3.12 -2.16
CA SER A 48 -6.79 3.97 -3.34
C SER A 48 -6.73 3.15 -4.61
N THR A 49 -6.08 1.99 -4.53
CA THR A 49 -5.95 1.10 -5.68
C THR A 49 -7.30 0.51 -6.06
N ILE A 50 -8.14 0.27 -5.06
CA ILE A 50 -9.47 -0.30 -5.30
C ILE A 50 -10.45 0.79 -5.74
N ALA A 51 -10.25 2.00 -5.24
CA ALA A 51 -11.12 3.12 -5.57
C ALA A 51 -11.14 3.35 -7.08
N ARG A 52 -9.96 3.39 -7.69
CA ARG A 52 -9.85 3.61 -9.14
C ARG A 52 -10.60 2.51 -9.89
N HIS A 53 -10.64 1.31 -9.31
CA HIS A 53 -11.33 0.19 -9.93
C HIS A 53 -12.83 0.26 -9.68
N LEU A 54 -13.21 0.94 -8.61
CA LEU A 54 -14.62 1.09 -8.26
C LEU A 54 -15.18 2.40 -8.78
N LEU A 55 -14.75 2.80 -9.98
CA LEU A 55 -15.21 4.04 -10.58
C LEU A 55 -16.26 3.76 -11.66
N SER A 56 -15.83 3.16 -12.77
CA SER A 56 -16.73 2.84 -13.87
C SER A 56 -17.33 1.45 -13.68
N ASP A 57 -16.57 0.55 -13.07
CA ASP A 57 -17.03 -0.81 -12.83
C ASP A 57 -16.93 -1.17 -11.35
N GLN A 58 -18.06 -1.02 -10.64
CA GLN A 58 -18.10 -1.33 -9.22
C GLN A 58 -17.95 -2.83 -8.98
N THR A 59 -16.71 -3.32 -9.07
CA THR A 59 -16.44 -4.74 -8.86
C THR A 59 -15.01 -4.96 -8.40
N ASP A 60 -14.62 -6.22 -8.25
CA ASP A 60 -13.27 -6.57 -7.83
C ASP A 60 -12.35 -6.76 -9.02
N PRO A 61 -11.06 -6.36 -8.90
CA PRO A 61 -10.09 -6.50 -9.98
C PRO A 61 -9.58 -7.93 -10.14
N PHE A 62 -10.05 -8.84 -9.29
CA PHE A 62 -9.63 -10.23 -9.34
C PHE A 62 -10.81 -11.15 -9.63
N ASN A 63 -11.92 -10.90 -8.93
CA ASN A 63 -13.12 -11.72 -9.12
C ASN A 63 -14.11 -11.05 -10.07
N ARG A 64 -14.06 -9.72 -10.14
CA ARG A 64 -14.95 -8.97 -11.00
C ARG A 64 -16.41 -9.13 -10.56
N SER A 65 -16.61 -9.34 -9.27
CA SER A 65 -17.94 -9.51 -8.71
C SER A 65 -18.46 -8.19 -8.13
N PRO A 66 -19.77 -8.11 -7.84
CA PRO A 66 -20.38 -6.90 -7.29
C PRO A 66 -19.73 -6.49 -5.96
N LEU A 67 -18.88 -5.48 -6.03
CA LEU A 67 -18.19 -4.99 -4.83
C LEU A 67 -18.17 -3.46 -4.80
N THR A 68 -18.13 -2.90 -3.60
CA THR A 68 -18.10 -1.45 -3.42
C THR A 68 -17.05 -1.05 -2.41
N MET A 69 -16.93 0.25 -2.18
CA MET A 69 -15.96 0.78 -1.22
C MET A 69 -16.43 0.57 0.21
N ASP A 70 -17.74 0.57 0.41
CA ASP A 70 -18.32 0.39 1.72
C ASP A 70 -18.18 -1.06 2.18
N GLN A 71 -18.28 -1.99 1.23
CA GLN A 71 -18.17 -3.41 1.53
C GLN A 71 -16.78 -3.75 2.06
N ILE A 72 -15.76 -3.09 1.51
CA ILE A 72 -14.39 -3.32 1.93
C ILE A 72 -14.08 -2.60 3.23
N ARG A 73 -13.10 -3.11 3.98
CA ARG A 73 -12.71 -2.51 5.25
C ARG A 73 -11.19 -2.45 5.37
N PRO A 74 -10.68 -1.48 6.16
CA PRO A 74 -9.24 -1.32 6.36
C PRO A 74 -8.64 -2.42 7.22
N ASN A 75 -7.61 -3.08 6.70
CA ASN A 75 -6.95 -4.16 7.42
C ASN A 75 -6.18 -3.63 8.61
N THR A 76 -6.85 -3.53 9.76
CA THR A 76 -6.22 -3.04 10.98
C THR A 76 -5.09 -3.94 11.42
N GLU A 77 -5.27 -5.25 11.20
CA GLU A 77 -4.25 -6.23 11.58
C GLU A 77 -3.00 -6.07 10.72
N LEU A 78 -3.19 -5.67 9.46
CA LEU A 78 -2.08 -5.48 8.54
C LEU A 78 -1.48 -4.10 8.70
N LYS A 79 -2.33 -3.10 8.88
CA LYS A 79 -1.88 -1.72 9.04
C LYS A 79 -0.89 -1.61 10.19
N GLU A 80 -1.11 -2.39 11.24
CA GLU A 80 -0.24 -2.38 12.40
C GLU A 80 1.13 -2.95 12.06
N LYS A 81 1.16 -3.90 11.13
CA LYS A 81 2.40 -4.52 10.71
C LYS A 81 3.25 -3.55 9.88
N ILE A 82 2.58 -2.70 9.10
CA ILE A 82 3.27 -1.73 8.27
C ILE A 82 3.98 -0.69 9.12
N GLN A 83 3.35 -0.31 10.22
CA GLN A 83 3.92 0.68 11.13
C GLN A 83 5.14 0.12 11.85
N ARG A 84 5.10 -1.17 12.16
CA ARG A 84 6.20 -1.83 12.85
C ARG A 84 7.47 -1.77 12.01
N TRP A 85 7.32 -1.93 10.71
CA TRP A 85 8.47 -1.89 9.79
C TRP A 85 8.93 -0.46 9.58
N LEU A 86 7.99 0.44 9.34
CA LEU A 86 8.30 1.85 9.11
C LEU A 86 9.05 2.43 10.31
N ALA A 87 8.69 1.99 11.51
CA ALA A 87 9.32 2.47 12.72
C ALA A 87 10.60 1.68 13.02
N GLU A 88 10.60 0.41 12.62
CA GLU A 88 11.75 -0.46 12.85
C GLU A 88 12.92 -0.08 11.93
N ARG A 89 12.60 0.28 10.69
CA ARG A 89 13.61 0.67 9.72
C ARG A 89 14.24 2.01 10.11
N LYS A 90 13.45 2.88 10.71
CA LYS A 90 13.94 4.20 11.12
C LYS A 90 14.79 4.09 12.37
N GLN A 91 15.93 3.40 12.25
CA GLN A 91 16.84 3.22 13.37
C GLN A 91 18.09 4.09 13.19
N GLN A 92 18.48 4.76 14.27
CA GLN A 92 19.66 5.63 14.25
C GLN A 92 20.84 4.99 14.98
N SER A 93 22.05 5.24 14.49
CA SER A 93 23.24 4.69 15.10
C SER A 93 24.29 5.78 15.32
N GLY A 94 23.84 6.96 15.75
CA GLY A 94 24.74 8.06 15.99
C GLY A 94 24.17 9.08 16.95
N PRO A 95 24.03 8.73 18.24
CA PRO A 95 23.48 9.64 19.26
C PRO A 95 24.43 10.79 19.58
N SER A 96 25.71 10.46 19.72
CA SER A 96 26.72 11.46 20.03
C SER A 96 28.13 10.87 19.95
N SER A 97 28.34 9.78 20.70
CA SER A 97 29.64 9.11 20.71
C SER A 97 29.46 7.60 20.74
N GLY A 98 28.96 7.09 21.85
CA GLY A 98 28.75 5.66 21.98
C GLY A 98 27.85 5.31 23.15
N GLY A 1 4.71 24.45 7.06
CA GLY A 1 4.19 23.23 7.75
C GLY A 1 4.82 23.00 9.10
N SER A 2 4.05 23.17 10.16
CA SER A 2 4.55 22.98 11.52
C SER A 2 3.40 22.68 12.48
N SER A 3 2.34 23.48 12.40
CA SER A 3 1.18 23.30 13.26
C SER A 3 0.42 22.03 12.91
N GLY A 4 0.15 21.84 11.62
CA GLY A 4 -0.56 20.66 11.18
C GLY A 4 0.36 19.46 11.00
N SER A 5 -0.20 18.26 11.16
CA SER A 5 0.57 17.04 11.02
C SER A 5 0.76 16.68 9.55
N SER A 6 2.02 16.63 9.11
CA SER A 6 2.33 16.29 7.73
C SER A 6 1.71 17.31 6.78
N GLY A 7 1.99 17.15 5.49
CA GLY A 7 1.46 18.06 4.49
C GLY A 7 0.19 17.53 3.85
N LEU A 8 0.33 16.99 2.65
CA LEU A 8 -0.81 16.44 1.92
C LEU A 8 -0.89 14.93 2.09
N GLN A 9 -2.04 14.35 1.76
CA GLN A 9 -2.25 12.92 1.88
C GLN A 9 -2.40 12.28 0.50
N GLN A 10 -1.30 11.80 -0.06
CA GLN A 10 -1.30 11.17 -1.37
C GLN A 10 0.06 10.58 -1.69
N GLN A 11 0.05 9.42 -2.35
CA GLN A 11 1.30 8.75 -2.72
C GLN A 11 1.80 9.25 -4.07
N GLU A 12 3.01 9.79 -4.09
CA GLU A 12 3.61 10.31 -5.31
C GLU A 12 5.11 10.06 -5.33
N GLU A 13 5.59 9.40 -6.37
CA GLU A 13 7.00 9.10 -6.51
C GLU A 13 7.50 8.24 -5.35
N GLU A 14 7.56 6.93 -5.57
CA GLU A 14 8.02 6.01 -4.54
C GLU A 14 8.27 4.62 -5.14
N THR A 15 9.10 3.84 -4.45
CA THR A 15 9.43 2.49 -4.92
C THR A 15 10.16 1.71 -3.83
N TYR A 16 9.41 1.20 -2.86
CA TYR A 16 9.99 0.43 -1.77
C TYR A 16 10.49 -0.92 -2.26
N ALA A 17 11.79 -1.03 -2.45
CA ALA A 17 12.40 -2.27 -2.93
C ALA A 17 12.80 -3.18 -1.76
N ASP A 18 13.00 -2.58 -0.59
CA ASP A 18 13.37 -3.34 0.60
C ASP A 18 12.16 -3.68 1.45
N ALA A 19 11.00 -3.77 0.81
CA ALA A 19 9.76 -4.09 1.51
C ALA A 19 9.21 -5.45 1.08
N CYS A 20 8.79 -6.25 2.05
CA CYS A 20 8.25 -7.57 1.78
C CYS A 20 7.02 -7.48 0.87
N ASP A 21 6.79 -8.53 0.10
CA ASP A 21 5.65 -8.58 -0.81
C ASP A 21 4.34 -8.41 -0.05
N GLU A 22 4.33 -8.82 1.21
CA GLU A 22 3.15 -8.73 2.05
C GLU A 22 2.65 -7.28 2.13
N PHE A 23 3.58 -6.34 2.05
CA PHE A 23 3.25 -4.93 2.12
C PHE A 23 3.05 -4.35 0.72
N LEU A 24 3.81 -4.86 -0.24
CA LEU A 24 3.72 -4.40 -1.62
C LEU A 24 2.35 -4.73 -2.21
N ASP A 25 1.75 -3.74 -2.87
CA ASP A 25 0.44 -3.92 -3.49
C ASP A 25 0.51 -4.93 -4.62
N PRO A 26 -0.52 -5.79 -4.76
CA PRO A 26 -0.55 -6.81 -5.81
C PRO A 26 -0.73 -6.20 -7.20
N ILE A 27 -1.31 -5.01 -7.26
CA ILE A 27 -1.53 -4.33 -8.52
C ILE A 27 -0.57 -3.15 -8.69
N MET A 28 -0.51 -2.29 -7.69
CA MET A 28 0.35 -1.12 -7.74
C MET A 28 1.82 -1.50 -7.56
N SER A 29 2.06 -2.63 -6.89
CA SER A 29 3.41 -3.11 -6.66
C SER A 29 4.22 -2.10 -5.86
N THR A 30 3.54 -1.35 -4.99
CA THR A 30 4.19 -0.35 -4.17
C THR A 30 3.83 -0.53 -2.70
N LEU A 31 4.43 0.30 -1.85
CA LEU A 31 4.16 0.24 -0.41
C LEU A 31 2.70 0.55 -0.12
N MET A 32 2.04 -0.36 0.60
CA MET A 32 0.64 -0.18 0.96
C MET A 32 0.50 0.62 2.25
N CYS A 33 -0.27 1.70 2.19
CA CYS A 33 -0.48 2.55 3.36
C CYS A 33 -1.73 2.12 4.13
N ASP A 34 -2.83 1.94 3.42
CA ASP A 34 -4.08 1.52 4.03
C ASP A 34 -4.67 0.30 3.31
N PRO A 35 -4.14 -0.89 3.60
CA PRO A 35 -4.60 -2.13 2.97
C PRO A 35 -5.99 -2.53 3.44
N VAL A 36 -6.94 -2.53 2.51
CA VAL A 36 -8.33 -2.90 2.84
C VAL A 36 -8.64 -4.32 2.39
N VAL A 37 -9.22 -5.10 3.30
CA VAL A 37 -9.56 -6.48 3.00
C VAL A 37 -10.87 -6.56 2.21
N LEU A 38 -10.79 -7.04 0.98
CA LEU A 38 -11.97 -7.17 0.12
C LEU A 38 -12.81 -8.37 0.55
N PRO A 39 -14.11 -8.16 0.80
CA PRO A 39 -15.02 -9.23 1.22
C PRO A 39 -15.45 -10.13 0.05
N SER A 40 -14.98 -9.81 -1.16
CA SER A 40 -15.32 -10.59 -2.33
C SER A 40 -14.17 -11.49 -2.76
N SER A 41 -13.16 -10.89 -3.39
CA SER A 41 -12.00 -11.63 -3.85
C SER A 41 -11.10 -12.05 -2.70
N ARG A 42 -11.31 -11.45 -1.53
CA ARG A 42 -10.52 -11.77 -0.35
C ARG A 42 -9.04 -11.45 -0.59
N VAL A 43 -8.79 -10.42 -1.40
CA VAL A 43 -7.43 -10.02 -1.70
C VAL A 43 -7.12 -8.64 -1.12
N THR A 44 -6.18 -8.58 -0.19
CA THR A 44 -5.80 -7.33 0.44
C THR A 44 -5.24 -6.35 -0.59
N VAL A 45 -5.72 -5.11 -0.54
CA VAL A 45 -5.27 -4.07 -1.46
C VAL A 45 -5.48 -2.69 -0.88
N ASP A 46 -4.66 -1.73 -1.32
CA ASP A 46 -4.76 -0.36 -0.85
C ASP A 46 -6.14 0.23 -1.14
N ARG A 47 -6.65 1.03 -0.21
CA ARG A 47 -7.95 1.65 -0.37
C ARG A 47 -7.99 2.53 -1.61
N SER A 48 -6.84 3.08 -1.98
CA SER A 48 -6.73 3.95 -3.15
C SER A 48 -6.63 3.12 -4.43
N THR A 49 -6.04 1.93 -4.33
CA THR A 49 -5.88 1.05 -5.47
C THR A 49 -7.23 0.50 -5.93
N ILE A 50 -8.07 0.17 -4.97
CA ILE A 50 -9.40 -0.36 -5.27
C ILE A 50 -10.33 0.74 -5.75
N ALA A 51 -10.15 1.95 -5.22
CA ALA A 51 -10.99 3.09 -5.59
C ALA A 51 -10.93 3.34 -7.09
N ARG A 52 -9.73 3.23 -7.65
CA ARG A 52 -9.53 3.45 -9.09
C ARG A 52 -10.32 2.42 -9.90
N HIS A 53 -10.37 1.20 -9.39
CA HIS A 53 -11.09 0.12 -10.07
C HIS A 53 -12.59 0.27 -9.88
N LEU A 54 -12.98 0.95 -8.80
CA LEU A 54 -14.40 1.16 -8.49
C LEU A 54 -14.87 2.52 -9.00
N LEU A 55 -14.27 2.98 -10.09
CA LEU A 55 -14.63 4.28 -10.67
C LEU A 55 -15.74 4.11 -11.70
N SER A 56 -15.51 3.22 -12.67
CA SER A 56 -16.50 2.98 -13.72
C SER A 56 -17.26 1.68 -13.46
N ASP A 57 -16.58 0.71 -12.88
CA ASP A 57 -17.19 -0.59 -12.57
C ASP A 57 -16.98 -0.95 -11.10
N GLN A 58 -18.03 -0.84 -10.31
CA GLN A 58 -17.96 -1.16 -8.89
C GLN A 58 -17.86 -2.68 -8.68
N THR A 59 -16.68 -3.22 -8.94
CA THR A 59 -16.45 -4.65 -8.78
C THR A 59 -15.00 -4.93 -8.41
N ASP A 60 -14.66 -6.21 -8.24
CA ASP A 60 -13.30 -6.60 -7.89
C ASP A 60 -12.47 -6.87 -9.15
N PRO A 61 -11.17 -6.53 -9.11
CA PRO A 61 -10.27 -6.73 -10.25
C PRO A 61 -9.86 -8.20 -10.42
N PHE A 62 -10.30 -9.05 -9.49
CA PHE A 62 -9.96 -10.47 -9.55
C PHE A 62 -11.22 -11.32 -9.68
N ASN A 63 -12.21 -11.04 -8.84
CA ASN A 63 -13.47 -11.79 -8.88
C ASN A 63 -14.48 -11.13 -9.80
N ARG A 64 -14.40 -9.80 -9.91
CA ARG A 64 -15.32 -9.05 -10.75
C ARG A 64 -16.75 -9.20 -10.27
N SER A 65 -16.93 -9.23 -8.96
CA SER A 65 -18.26 -9.36 -8.36
C SER A 65 -18.70 -8.05 -7.71
N PRO A 66 -19.98 -7.96 -7.33
CA PRO A 66 -20.53 -6.75 -6.69
C PRO A 66 -19.69 -6.30 -5.49
N LEU A 67 -19.00 -5.18 -5.65
CA LEU A 67 -18.17 -4.64 -4.58
C LEU A 67 -18.25 -3.12 -4.54
N THR A 68 -18.04 -2.55 -3.36
CA THR A 68 -18.09 -1.10 -3.18
C THR A 68 -17.09 -0.66 -2.13
N MET A 69 -17.07 0.64 -1.84
CA MET A 69 -16.16 1.21 -0.86
C MET A 69 -16.60 0.85 0.56
N ASP A 70 -17.92 0.74 0.75
CA ASP A 70 -18.46 0.40 2.05
C ASP A 70 -18.24 -1.08 2.37
N GLN A 71 -18.27 -1.91 1.34
CA GLN A 71 -18.07 -3.34 1.51
C GLN A 71 -16.66 -3.64 2.01
N ILE A 72 -15.68 -2.98 1.41
CA ILE A 72 -14.28 -3.17 1.80
C ILE A 72 -14.01 -2.58 3.18
N ARG A 73 -13.08 -3.19 3.90
CA ARG A 73 -12.73 -2.72 5.24
C ARG A 73 -11.22 -2.60 5.38
N PRO A 74 -10.75 -1.63 6.20
CA PRO A 74 -9.32 -1.41 6.42
C PRO A 74 -8.68 -2.50 7.27
N ASN A 75 -7.70 -3.19 6.71
CA ASN A 75 -7.02 -4.27 7.41
C ASN A 75 -6.15 -3.71 8.54
N THR A 76 -6.73 -3.62 9.73
CA THR A 76 -6.01 -3.09 10.89
C THR A 76 -4.87 -4.04 11.28
N GLU A 77 -5.09 -5.33 11.09
CA GLU A 77 -4.08 -6.32 11.42
C GLU A 77 -2.84 -6.18 10.53
N LEU A 78 -3.06 -5.73 9.30
CA LEU A 78 -1.97 -5.55 8.36
C LEU A 78 -1.31 -4.18 8.55
N LYS A 79 -2.13 -3.17 8.83
CA LYS A 79 -1.61 -1.81 9.04
C LYS A 79 -0.61 -1.79 10.19
N GLU A 80 -0.93 -2.49 11.27
CA GLU A 80 -0.06 -2.55 12.43
C GLU A 80 1.32 -3.10 12.05
N LYS A 81 1.34 -3.98 11.06
CA LYS A 81 2.59 -4.58 10.60
C LYS A 81 3.40 -3.57 9.79
N ILE A 82 2.71 -2.72 9.04
CA ILE A 82 3.38 -1.71 8.22
C ILE A 82 3.91 -0.57 9.08
N GLN A 83 3.18 -0.26 10.15
CA GLN A 83 3.57 0.81 11.06
C GLN A 83 4.76 0.38 11.91
N ARG A 84 4.83 -0.91 12.23
CA ARG A 84 5.91 -1.45 13.04
C ARG A 84 7.20 -1.51 12.23
N TRP A 85 7.09 -1.85 10.95
CA TRP A 85 8.25 -1.93 10.08
C TRP A 85 8.68 -0.55 9.60
N LEU A 86 7.72 0.23 9.13
CA LEU A 86 8.00 1.59 8.65
C LEU A 86 8.68 2.41 9.74
N ALA A 87 8.32 2.16 10.99
CA ALA A 87 8.89 2.89 12.12
C ALA A 87 10.21 2.26 12.55
N GLU A 88 10.33 0.94 12.37
CA GLU A 88 11.53 0.22 12.74
C GLU A 88 12.64 0.43 11.72
N ARG A 89 12.25 0.74 10.48
CA ARG A 89 13.21 0.96 9.41
C ARG A 89 13.70 2.40 9.39
N LYS A 90 13.30 3.18 10.39
CA LYS A 90 13.70 4.58 10.48
C LYS A 90 14.94 4.74 11.36
N GLN A 91 15.93 3.87 11.15
CA GLN A 91 17.16 3.91 11.93
C GLN A 91 18.37 3.62 11.04
N GLN A 92 19.32 4.55 11.02
CA GLN A 92 20.52 4.40 10.21
C GLN A 92 21.61 3.68 11.00
N SER A 93 21.63 2.36 10.92
CA SER A 93 22.63 1.56 11.62
C SER A 93 23.65 0.98 10.65
N GLY A 94 24.56 0.16 11.17
CA GLY A 94 25.59 -0.43 10.33
C GLY A 94 26.48 -1.39 11.09
N PRO A 95 27.33 -0.87 12.01
CA PRO A 95 28.23 -1.70 12.80
C PRO A 95 27.48 -2.58 13.80
N SER A 96 26.55 -1.98 14.54
CA SER A 96 25.77 -2.70 15.53
C SER A 96 24.73 -1.79 16.18
N SER A 97 23.46 -2.12 15.99
CA SER A 97 22.38 -1.33 16.57
C SER A 97 21.02 -1.96 16.27
N GLY A 98 20.72 -2.13 14.98
CA GLY A 98 19.46 -2.73 14.58
C GLY A 98 19.17 -2.52 13.11
N GLY A 1 -18.32 19.93 -1.56
CA GLY A 1 -18.52 20.37 -0.15
C GLY A 1 -17.21 20.78 0.52
N SER A 2 -16.61 19.84 1.25
CA SER A 2 -15.36 20.10 1.93
C SER A 2 -14.18 20.05 0.96
N SER A 3 -13.84 21.19 0.38
CA SER A 3 -12.75 21.28 -0.56
C SER A 3 -12.09 22.67 -0.52
N GLY A 4 -10.99 22.77 0.22
CA GLY A 4 -10.30 24.04 0.34
C GLY A 4 -8.91 23.89 0.93
N SER A 5 -8.79 23.06 1.97
CA SER A 5 -7.51 22.83 2.63
C SER A 5 -7.30 21.34 2.88
N SER A 6 -6.14 20.84 2.44
CA SER A 6 -5.81 19.43 2.62
C SER A 6 -4.48 19.28 3.36
N GLY A 7 -4.54 18.78 4.59
CA GLY A 7 -3.34 18.59 5.38
C GLY A 7 -3.24 17.20 5.96
N LEU A 8 -2.98 16.21 5.10
CA LEU A 8 -2.86 14.83 5.53
C LEU A 8 -1.74 14.11 4.78
N GLN A 9 -1.93 13.95 3.47
CA GLN A 9 -0.94 13.29 2.64
C GLN A 9 -0.45 14.21 1.54
N GLN A 10 0.79 14.01 1.09
CA GLN A 10 1.37 14.83 0.05
C GLN A 10 2.43 14.04 -0.73
N GLN A 11 2.09 13.63 -1.95
CA GLN A 11 3.00 12.87 -2.78
C GLN A 11 3.41 11.56 -2.11
N GLU A 12 4.27 10.80 -2.78
CA GLU A 12 4.73 9.53 -2.24
C GLU A 12 6.24 9.38 -2.41
N GLU A 13 6.97 9.52 -1.31
CA GLU A 13 8.42 9.41 -1.33
C GLU A 13 8.86 7.96 -1.19
N GLU A 14 10.11 7.67 -1.55
CA GLU A 14 10.64 6.32 -1.46
C GLU A 14 9.84 5.36 -2.32
N THR A 15 10.45 4.24 -2.67
CA THR A 15 9.79 3.23 -3.49
C THR A 15 9.47 1.98 -2.67
N TYR A 16 10.28 1.71 -1.66
CA TYR A 16 10.07 0.55 -0.80
C TYR A 16 10.18 -0.75 -1.58
N ALA A 17 11.39 -1.30 -1.65
CA ALA A 17 11.64 -2.53 -2.38
C ALA A 17 11.89 -3.68 -1.42
N ASP A 18 12.50 -3.38 -0.27
CA ASP A 18 12.80 -4.40 0.73
C ASP A 18 11.52 -4.93 1.37
N ALA A 19 10.47 -4.12 1.35
CA ALA A 19 9.19 -4.51 1.93
C ALA A 19 8.69 -5.83 1.33
N CYS A 20 7.66 -6.40 1.94
CA CYS A 20 7.09 -7.66 1.47
C CYS A 20 5.75 -7.44 0.77
N ASP A 21 5.18 -8.51 0.24
CA ASP A 21 3.90 -8.43 -0.44
C ASP A 21 2.80 -7.94 0.49
N GLU A 22 2.95 -8.22 1.78
CA GLU A 22 1.98 -7.79 2.77
C GLU A 22 1.80 -6.28 2.76
N PHE A 23 2.89 -5.56 2.57
CA PHE A 23 2.85 -4.10 2.54
C PHE A 23 2.75 -3.60 1.10
N LEU A 24 3.34 -4.35 0.18
CA LEU A 24 3.32 -3.97 -1.23
C LEU A 24 1.97 -4.31 -1.87
N ASP A 25 1.53 -3.47 -2.78
CA ASP A 25 0.25 -3.69 -3.47
C ASP A 25 0.41 -4.68 -4.62
N PRO A 26 -0.57 -5.57 -4.82
CA PRO A 26 -0.52 -6.57 -5.88
C PRO A 26 -0.70 -5.96 -7.27
N ILE A 27 -1.36 -4.80 -7.31
CA ILE A 27 -1.59 -4.12 -8.58
C ILE A 27 -0.62 -2.95 -8.77
N MET A 28 -0.64 -2.02 -7.82
CA MET A 28 0.24 -0.86 -7.88
C MET A 28 1.70 -1.26 -7.71
N SER A 29 1.93 -2.36 -7.02
CA SER A 29 3.30 -2.85 -6.78
C SER A 29 4.10 -1.83 -5.97
N THR A 30 3.41 -1.10 -5.09
CA THR A 30 4.06 -0.11 -4.25
C THR A 30 3.63 -0.26 -2.80
N LEU A 31 4.19 0.59 -1.93
CA LEU A 31 3.87 0.54 -0.51
C LEU A 31 2.39 0.83 -0.28
N MET A 32 1.79 0.13 0.69
CA MET A 32 0.38 0.32 1.01
C MET A 32 0.21 1.02 2.35
N CYS A 33 -0.35 2.23 2.31
CA CYS A 33 -0.57 3.00 3.53
C CYS A 33 -1.87 2.58 4.21
N ASP A 34 -2.92 2.41 3.41
CA ASP A 34 -4.22 2.01 3.94
C ASP A 34 -4.73 0.77 3.21
N PRO A 35 -4.19 -0.41 3.57
CA PRO A 35 -4.60 -1.68 2.96
C PRO A 35 -6.00 -2.10 3.36
N VAL A 36 -6.88 -2.26 2.36
CA VAL A 36 -8.25 -2.66 2.62
C VAL A 36 -8.50 -4.10 2.18
N VAL A 37 -9.09 -4.89 3.06
CA VAL A 37 -9.38 -6.29 2.77
C VAL A 37 -10.64 -6.42 1.92
N LEU A 38 -10.49 -7.06 0.75
CA LEU A 38 -11.61 -7.26 -0.16
C LEU A 38 -12.32 -8.57 0.15
N PRO A 39 -13.62 -8.52 0.50
CA PRO A 39 -14.40 -9.72 0.80
C PRO A 39 -14.76 -10.54 -0.44
N SER A 40 -14.40 -10.02 -1.60
CA SER A 40 -14.70 -10.70 -2.86
C SER A 40 -13.61 -11.70 -3.22
N SER A 41 -12.40 -11.20 -3.47
CA SER A 41 -11.27 -12.06 -3.83
C SER A 41 -10.35 -12.31 -2.64
N ARG A 42 -10.63 -11.66 -1.51
CA ARG A 42 -9.81 -11.82 -0.32
C ARG A 42 -8.37 -11.37 -0.58
N VAL A 43 -8.22 -10.41 -1.48
CA VAL A 43 -6.89 -9.89 -1.82
C VAL A 43 -6.68 -8.50 -1.22
N THR A 44 -5.65 -8.37 -0.39
CA THR A 44 -5.32 -7.09 0.24
C THR A 44 -4.84 -6.07 -0.80
N VAL A 45 -5.44 -4.88 -0.76
CA VAL A 45 -5.07 -3.83 -1.69
C VAL A 45 -5.27 -2.45 -1.06
N ASP A 46 -4.53 -1.46 -1.56
CA ASP A 46 -4.63 -0.10 -1.05
C ASP A 46 -6.05 0.44 -1.22
N ARG A 47 -6.46 1.28 -0.28
CA ARG A 47 -7.80 1.87 -0.32
C ARG A 47 -8.00 2.69 -1.58
N SER A 48 -6.91 3.27 -2.09
CA SER A 48 -6.97 4.08 -3.30
C SER A 48 -6.84 3.22 -4.55
N THR A 49 -6.02 2.17 -4.46
CA THR A 49 -5.81 1.26 -5.58
C THR A 49 -7.12 0.60 -6.00
N ILE A 50 -7.93 0.26 -5.01
CA ILE A 50 -9.22 -0.38 -5.26
C ILE A 50 -10.24 0.62 -5.79
N ALA A 51 -10.23 1.82 -5.21
CA ALA A 51 -11.15 2.87 -5.63
C ALA A 51 -11.05 3.15 -7.13
N ARG A 52 -9.83 3.08 -7.64
CA ARG A 52 -9.59 3.32 -9.07
C ARG A 52 -10.32 2.29 -9.91
N HIS A 53 -10.40 1.07 -9.40
CA HIS A 53 -11.07 -0.01 -10.11
C HIS A 53 -12.58 0.08 -9.94
N LEU A 54 -13.01 0.72 -8.86
CA LEU A 54 -14.44 0.87 -8.57
C LEU A 54 -14.95 2.22 -9.07
N LEU A 55 -14.31 2.76 -10.10
CA LEU A 55 -14.70 4.05 -10.66
C LEU A 55 -15.83 3.86 -11.68
N SER A 56 -15.56 3.08 -12.72
CA SER A 56 -16.55 2.83 -13.75
C SER A 56 -17.22 1.48 -13.54
N ASP A 57 -16.48 0.53 -12.97
CA ASP A 57 -17.00 -0.80 -12.71
C ASP A 57 -16.80 -1.19 -11.25
N GLN A 58 -17.84 -1.01 -10.44
CA GLN A 58 -17.77 -1.34 -9.02
C GLN A 58 -17.67 -2.84 -8.82
N THR A 59 -16.45 -3.37 -8.95
CA THR A 59 -16.21 -4.80 -8.79
C THR A 59 -14.77 -5.07 -8.39
N ASP A 60 -14.43 -6.34 -8.19
CA ASP A 60 -13.09 -6.73 -7.81
C ASP A 60 -12.22 -6.97 -9.03
N PRO A 61 -10.96 -6.49 -9.01
CA PRO A 61 -10.03 -6.66 -10.13
C PRO A 61 -9.48 -8.08 -10.23
N PHE A 62 -9.84 -8.94 -9.27
CA PHE A 62 -9.37 -10.32 -9.27
C PHE A 62 -10.55 -11.29 -9.37
N ASN A 63 -11.64 -10.96 -8.70
CA ASN A 63 -12.83 -11.81 -8.72
C ASN A 63 -13.87 -11.28 -9.70
N ARG A 64 -13.86 -9.97 -9.93
CA ARG A 64 -14.81 -9.34 -10.84
C ARG A 64 -16.24 -9.49 -10.32
N SER A 65 -16.39 -9.45 -9.00
CA SER A 65 -17.70 -9.58 -8.37
C SER A 65 -18.17 -8.24 -7.81
N PRO A 66 -19.46 -8.13 -7.46
CA PRO A 66 -20.03 -6.90 -6.92
C PRO A 66 -19.31 -6.44 -5.65
N LEU A 67 -18.46 -5.43 -5.79
CA LEU A 67 -17.70 -4.91 -4.66
C LEU A 67 -17.90 -3.40 -4.54
N THR A 68 -17.73 -2.89 -3.31
CA THR A 68 -17.89 -1.46 -3.06
C THR A 68 -17.00 -1.01 -1.90
N MET A 69 -16.82 0.29 -1.77
CA MET A 69 -15.99 0.84 -0.70
C MET A 69 -16.56 0.47 0.67
N ASP A 70 -17.88 0.32 0.74
CA ASP A 70 -18.54 -0.04 1.99
C ASP A 70 -18.28 -1.50 2.34
N GLN A 71 -18.25 -2.35 1.33
CA GLN A 71 -18.01 -3.78 1.54
C GLN A 71 -16.61 -4.02 2.08
N ILE A 72 -15.62 -3.40 1.44
CA ILE A 72 -14.23 -3.55 1.85
C ILE A 72 -13.99 -2.92 3.22
N ARG A 73 -13.02 -3.44 3.96
CA ARG A 73 -12.70 -2.93 5.28
C ARG A 73 -11.19 -2.72 5.43
N PRO A 74 -10.78 -1.77 6.29
CA PRO A 74 -9.36 -1.48 6.51
C PRO A 74 -8.66 -2.59 7.29
N ASN A 75 -7.59 -3.12 6.72
CA ASN A 75 -6.83 -4.19 7.37
C ASN A 75 -6.08 -3.67 8.58
N THR A 76 -6.74 -3.68 9.73
CA THR A 76 -6.13 -3.21 10.97
C THR A 76 -4.95 -4.08 11.37
N GLU A 77 -5.04 -5.37 11.04
CA GLU A 77 -3.98 -6.31 11.36
C GLU A 77 -2.75 -6.06 10.50
N LEU A 78 -2.97 -5.58 9.28
CA LEU A 78 -1.88 -5.30 8.36
C LEU A 78 -1.30 -3.90 8.61
N LYS A 79 -2.19 -2.94 8.88
CA LYS A 79 -1.76 -1.57 9.13
C LYS A 79 -0.76 -1.52 10.28
N GLU A 80 -1.06 -2.24 11.35
CA GLU A 80 -0.19 -2.27 12.53
C GLU A 80 1.17 -2.86 12.17
N LYS A 81 1.18 -3.78 11.20
CA LYS A 81 2.41 -4.43 10.78
C LYS A 81 3.30 -3.45 9.99
N ILE A 82 2.66 -2.59 9.20
CA ILE A 82 3.38 -1.62 8.39
C ILE A 82 4.03 -0.55 9.27
N GLN A 83 3.28 -0.08 10.27
CA GLN A 83 3.79 0.93 11.19
C GLN A 83 4.98 0.40 11.98
N ARG A 84 4.96 -0.89 12.28
CA ARG A 84 6.03 -1.52 13.04
C ARG A 84 7.27 -1.71 12.16
N TRP A 85 7.04 -2.10 10.90
CA TRP A 85 8.13 -2.32 9.96
C TRP A 85 8.74 -1.00 9.51
N LEU A 86 7.88 -0.07 9.12
CA LEU A 86 8.33 1.24 8.66
C LEU A 86 9.16 1.94 9.72
N ALA A 87 8.87 1.65 10.99
CA ALA A 87 9.60 2.26 12.09
C ALA A 87 10.84 1.44 12.44
N GLU A 88 10.78 0.14 12.18
CA GLU A 88 11.91 -0.75 12.46
C GLU A 88 12.96 -0.65 11.38
N ARG A 89 12.52 -0.58 10.12
CA ARG A 89 13.43 -0.47 8.99
C ARG A 89 14.27 0.79 9.08
N LYS A 90 13.70 1.83 9.67
CA LYS A 90 14.39 3.11 9.81
C LYS A 90 15.51 3.00 10.85
N GLN A 91 16.52 2.20 10.53
CA GLN A 91 17.65 2.02 11.44
C GLN A 91 18.84 2.88 11.02
N GLN A 92 19.92 2.80 11.77
CA GLN A 92 21.12 3.58 11.48
C GLN A 92 20.82 5.08 11.51
N SER A 93 19.86 5.46 12.36
CA SER A 93 19.48 6.86 12.48
C SER A 93 20.49 7.63 13.33
N GLY A 94 20.97 8.74 12.81
CA GLY A 94 21.94 9.55 13.52
C GLY A 94 21.41 10.04 14.86
N PRO A 95 22.30 10.31 15.83
CA PRO A 95 21.90 10.79 17.15
C PRO A 95 21.32 12.20 17.12
N SER A 96 20.01 12.29 16.97
CA SER A 96 19.33 13.58 16.92
C SER A 96 17.92 13.48 17.52
N SER A 97 17.77 13.95 18.75
CA SER A 97 16.49 13.92 19.43
C SER A 97 15.53 14.94 18.83
N GLY A 98 16.08 16.05 18.34
CA GLY A 98 15.26 17.08 17.73
C GLY A 98 15.24 17.00 16.22
N GLY A 1 6.53 12.84 6.32
CA GLY A 1 7.27 12.68 7.61
C GLY A 1 6.84 13.69 8.65
N SER A 2 7.36 14.90 8.53
CA SER A 2 7.03 15.98 9.48
C SER A 2 6.70 17.27 8.74
N SER A 3 7.60 17.67 7.85
CA SER A 3 7.41 18.90 7.07
C SER A 3 7.00 18.57 5.65
N GLY A 4 6.31 19.51 5.01
CA GLY A 4 5.87 19.30 3.63
C GLY A 4 4.42 18.85 3.56
N SER A 5 3.50 19.79 3.70
CA SER A 5 2.08 19.49 3.66
C SER A 5 1.45 20.02 2.37
N SER A 6 2.21 19.95 1.28
CA SER A 6 1.73 20.43 -0.02
C SER A 6 1.41 19.26 -0.94
N GLY A 7 0.34 19.40 -1.71
CA GLY A 7 -0.06 18.35 -2.63
C GLY A 7 -1.11 18.81 -3.63
N LEU A 8 -1.70 17.86 -4.34
CA LEU A 8 -2.73 18.17 -5.33
C LEU A 8 -2.17 19.08 -6.42
N GLN A 9 -0.96 18.76 -6.88
CA GLN A 9 -0.33 19.55 -7.93
C GLN A 9 0.52 18.66 -8.84
N GLN A 10 1.39 17.85 -8.24
CA GLN A 10 2.25 16.96 -9.00
C GLN A 10 2.12 15.53 -8.48
N GLN A 11 2.62 14.57 -9.27
CA GLN A 11 2.57 13.16 -8.90
C GLN A 11 3.85 12.75 -8.17
N GLU A 12 3.78 11.64 -7.45
CA GLU A 12 4.93 11.13 -6.71
C GLU A 12 4.74 9.66 -6.36
N GLU A 13 5.51 8.79 -7.02
CA GLU A 13 5.42 7.36 -6.77
C GLU A 13 6.46 6.92 -5.74
N GLU A 14 6.26 5.74 -5.16
CA GLU A 14 7.17 5.21 -4.16
C GLU A 14 8.26 4.37 -4.81
N THR A 15 9.13 3.79 -3.99
CA THR A 15 10.21 2.95 -4.49
C THR A 15 10.78 2.08 -3.37
N TYR A 16 9.90 1.58 -2.50
CA TYR A 16 10.31 0.74 -1.40
C TYR A 16 10.79 -0.62 -1.91
N ALA A 17 12.06 -0.68 -2.32
CA ALA A 17 12.64 -1.91 -2.83
C ALA A 17 12.99 -2.87 -1.69
N ASP A 18 13.19 -2.32 -0.49
CA ASP A 18 13.53 -3.13 0.67
C ASP A 18 12.30 -3.46 1.50
N ALA A 19 11.15 -3.59 0.82
CA ALA A 19 9.91 -3.91 1.50
C ALA A 19 9.49 -5.35 1.24
N CYS A 20 8.66 -5.89 2.12
CA CYS A 20 8.18 -7.26 1.98
C CYS A 20 6.94 -7.33 1.09
N ASP A 21 6.71 -8.50 0.51
CA ASP A 21 5.55 -8.70 -0.37
C ASP A 21 4.25 -8.43 0.39
N GLU A 22 4.25 -8.72 1.68
CA GLU A 22 3.07 -8.52 2.51
C GLU A 22 2.65 -7.05 2.50
N PHE A 23 3.62 -6.15 2.36
CA PHE A 23 3.35 -4.72 2.34
C PHE A 23 3.13 -4.24 0.91
N LEU A 24 3.80 -4.89 -0.04
CA LEU A 24 3.68 -4.53 -1.44
C LEU A 24 2.30 -4.88 -1.99
N ASP A 25 1.70 -3.96 -2.72
CA ASP A 25 0.38 -4.18 -3.30
C ASP A 25 0.44 -5.20 -4.43
N PRO A 26 -0.58 -6.07 -4.54
CA PRO A 26 -0.63 -7.10 -5.58
C PRO A 26 -0.74 -6.51 -6.98
N ILE A 27 -1.33 -5.31 -7.07
CA ILE A 27 -1.51 -4.64 -8.35
C ILE A 27 -0.53 -3.47 -8.50
N MET A 28 -0.56 -2.56 -7.54
CA MET A 28 0.31 -1.40 -7.56
C MET A 28 1.78 -1.81 -7.40
N SER A 29 2.00 -2.93 -6.73
CA SER A 29 3.36 -3.43 -6.51
C SER A 29 4.20 -2.41 -5.75
N THR A 30 3.54 -1.64 -4.88
CA THR A 30 4.23 -0.63 -4.08
C THR A 30 3.84 -0.74 -2.61
N LEU A 31 4.51 0.04 -1.77
CA LEU A 31 4.23 0.03 -0.34
C LEU A 31 2.79 0.40 -0.06
N MET A 32 2.14 -0.35 0.82
CA MET A 32 0.75 -0.11 1.18
C MET A 32 0.65 0.67 2.49
N CYS A 33 0.01 1.84 2.42
CA CYS A 33 -0.16 2.68 3.61
C CYS A 33 -1.44 2.34 4.34
N ASP A 34 -2.46 1.91 3.59
CA ASP A 34 -3.74 1.55 4.17
C ASP A 34 -4.41 0.44 3.36
N PRO A 35 -3.99 -0.82 3.59
CA PRO A 35 -4.55 -1.98 2.89
C PRO A 35 -5.98 -2.27 3.30
N VAL A 36 -6.84 -2.50 2.31
CA VAL A 36 -8.24 -2.79 2.57
C VAL A 36 -8.58 -4.23 2.17
N VAL A 37 -9.28 -4.93 3.06
CA VAL A 37 -9.67 -6.32 2.80
C VAL A 37 -10.94 -6.37 1.95
N LEU A 38 -10.86 -7.11 0.85
CA LEU A 38 -12.00 -7.25 -0.05
C LEU A 38 -12.89 -8.44 0.37
N PRO A 39 -14.16 -8.19 0.68
CA PRO A 39 -15.09 -9.25 1.10
C PRO A 39 -15.59 -10.10 -0.07
N SER A 40 -15.12 -9.80 -1.28
CA SER A 40 -15.53 -10.54 -2.46
C SER A 40 -14.39 -11.42 -2.98
N SER A 41 -13.24 -10.81 -3.21
CA SER A 41 -12.08 -11.54 -3.71
C SER A 41 -11.14 -11.95 -2.59
N ARG A 42 -11.28 -11.32 -1.43
CA ARG A 42 -10.43 -11.62 -0.28
C ARG A 42 -8.96 -11.34 -0.59
N VAL A 43 -8.73 -10.33 -1.42
CA VAL A 43 -7.37 -9.95 -1.80
C VAL A 43 -6.99 -8.61 -1.19
N THR A 44 -5.97 -8.63 -0.33
CA THR A 44 -5.51 -7.42 0.32
C THR A 44 -4.96 -6.41 -0.70
N VAL A 45 -5.65 -5.28 -0.83
CA VAL A 45 -5.24 -4.25 -1.77
C VAL A 45 -5.37 -2.86 -1.16
N ASP A 46 -4.58 -1.92 -1.65
CA ASP A 46 -4.61 -0.55 -1.15
C ASP A 46 -6.00 0.06 -1.32
N ARG A 47 -6.43 0.84 -0.34
CA ARG A 47 -7.74 1.49 -0.39
C ARG A 47 -7.86 2.37 -1.63
N SER A 48 -6.74 2.92 -2.08
CA SER A 48 -6.73 3.79 -3.24
C SER A 48 -6.66 2.96 -4.53
N THR A 49 -6.00 1.81 -4.45
CA THR A 49 -5.85 0.92 -5.60
C THR A 49 -7.21 0.36 -6.02
N ILE A 50 -8.05 0.05 -5.04
CA ILE A 50 -9.37 -0.49 -5.31
C ILE A 50 -10.35 0.61 -5.71
N ALA A 51 -10.14 1.80 -5.16
CA ALA A 51 -11.00 2.94 -5.46
C ALA A 51 -11.03 3.23 -6.96
N ARG A 52 -9.85 3.18 -7.58
CA ARG A 52 -9.74 3.44 -9.01
C ARG A 52 -10.53 2.42 -9.81
N HIS A 53 -10.57 1.19 -9.30
CA HIS A 53 -11.30 0.11 -9.96
C HIS A 53 -12.81 0.22 -9.70
N LEU A 54 -13.17 0.90 -8.61
CA LEU A 54 -14.56 1.07 -8.25
C LEU A 54 -15.10 2.41 -8.75
N LEU A 55 -14.55 2.89 -9.86
CA LEU A 55 -14.98 4.16 -10.44
C LEU A 55 -16.17 3.95 -11.38
N SER A 56 -15.91 3.36 -12.54
CA SER A 56 -16.95 3.11 -13.52
C SER A 56 -17.58 1.73 -13.30
N ASP A 57 -16.78 0.78 -12.84
CA ASP A 57 -17.26 -0.57 -12.58
C ASP A 57 -17.05 -0.95 -11.13
N GLN A 58 -18.07 -0.69 -10.30
CA GLN A 58 -18.00 -1.02 -8.88
C GLN A 58 -17.95 -2.52 -8.67
N THR A 59 -16.78 -3.11 -8.91
CA THR A 59 -16.60 -4.55 -8.74
C THR A 59 -15.16 -4.87 -8.30
N ASP A 60 -14.87 -6.15 -8.15
CA ASP A 60 -13.54 -6.58 -7.73
C ASP A 60 -12.65 -6.84 -8.94
N PRO A 61 -11.38 -6.41 -8.88
CA PRO A 61 -10.43 -6.59 -9.99
C PRO A 61 -9.97 -8.04 -10.14
N PHE A 62 -10.39 -8.90 -9.21
CA PHE A 62 -10.01 -10.31 -9.25
C PHE A 62 -11.22 -11.20 -9.52
N ASN A 63 -12.30 -10.98 -8.78
CA ASN A 63 -13.51 -11.78 -8.95
C ASN A 63 -14.50 -11.10 -9.88
N ARG A 64 -14.44 -9.77 -9.95
CA ARG A 64 -15.34 -9.01 -10.81
C ARG A 64 -16.77 -9.09 -10.30
N SER A 65 -16.92 -9.21 -8.99
CA SER A 65 -18.24 -9.30 -8.37
C SER A 65 -18.68 -7.94 -7.83
N PRO A 66 -19.97 -7.79 -7.50
CA PRO A 66 -20.51 -6.54 -6.97
C PRO A 66 -19.82 -6.11 -5.69
N LEU A 67 -18.97 -5.09 -5.79
CA LEU A 67 -18.24 -4.58 -4.63
C LEU A 67 -18.25 -3.06 -4.61
N THR A 68 -18.22 -2.49 -3.41
CA THR A 68 -18.23 -1.04 -3.27
C THR A 68 -17.21 -0.60 -2.21
N MET A 69 -17.13 0.71 -1.98
CA MET A 69 -16.19 1.26 -1.01
C MET A 69 -16.66 0.96 0.41
N ASP A 70 -17.98 0.89 0.59
CA ASP A 70 -18.55 0.61 1.90
C ASP A 70 -18.36 -0.85 2.29
N GLN A 71 -18.34 -1.72 1.29
CA GLN A 71 -18.17 -3.15 1.52
C GLN A 71 -16.76 -3.45 2.02
N ILE A 72 -15.77 -2.87 1.38
CA ILE A 72 -14.38 -3.08 1.76
C ILE A 72 -14.10 -2.52 3.15
N ARG A 73 -13.14 -3.13 3.85
CA ARG A 73 -12.78 -2.69 5.19
C ARG A 73 -11.27 -2.58 5.34
N PRO A 74 -10.80 -1.65 6.19
CA PRO A 74 -9.37 -1.43 6.42
C PRO A 74 -8.73 -2.59 7.20
N ASN A 75 -7.66 -3.14 6.64
CA ASN A 75 -6.96 -4.25 7.28
C ASN A 75 -6.07 -3.75 8.42
N THR A 76 -6.64 -3.67 9.62
CA THR A 76 -5.91 -3.21 10.78
C THR A 76 -4.77 -4.16 11.12
N GLU A 77 -5.00 -5.45 10.89
CA GLU A 77 -4.00 -6.47 11.17
C GLU A 77 -2.75 -6.26 10.33
N LEU A 78 -2.95 -5.76 9.10
CA LEU A 78 -1.84 -5.51 8.19
C LEU A 78 -1.32 -4.08 8.36
N LYS A 79 -2.25 -3.14 8.55
CA LYS A 79 -1.88 -1.74 8.72
C LYS A 79 -0.93 -1.56 9.90
N GLU A 80 -1.10 -2.40 10.92
CA GLU A 80 -0.26 -2.33 12.11
C GLU A 80 1.13 -2.89 11.83
N LYS A 81 1.18 -3.90 10.95
CA LYS A 81 2.44 -4.52 10.58
C LYS A 81 3.33 -3.55 9.79
N ILE A 82 2.69 -2.69 9.00
CA ILE A 82 3.41 -1.72 8.19
C ILE A 82 4.01 -0.62 9.06
N GLN A 83 3.29 -0.24 10.11
CA GLN A 83 3.74 0.79 11.02
C GLN A 83 4.92 0.31 11.85
N ARG A 84 4.88 -0.96 12.24
CA ARG A 84 5.96 -1.55 13.04
C ARG A 84 7.27 -1.58 12.25
N TRP A 85 7.16 -1.81 10.96
CA TRP A 85 8.34 -1.86 10.09
C TRP A 85 8.84 -0.46 9.78
N LEU A 86 7.93 0.42 9.36
CA LEU A 86 8.28 1.80 9.03
C LEU A 86 8.92 2.50 10.23
N ALA A 87 8.51 2.10 11.43
CA ALA A 87 9.05 2.69 12.64
C ALA A 87 10.39 2.05 13.03
N GLU A 88 10.55 0.78 12.67
CA GLU A 88 11.78 0.06 12.97
C GLU A 88 12.87 0.40 11.97
N ARG A 89 12.52 0.37 10.69
CA ARG A 89 13.47 0.69 9.62
C ARG A 89 13.95 2.13 9.73
N LYS A 90 13.11 2.99 10.30
CA LYS A 90 13.45 4.40 10.46
C LYS A 90 14.25 4.63 11.75
N GLN A 91 15.36 3.92 11.88
CA GLN A 91 16.21 4.05 13.06
C GLN A 91 17.60 4.56 12.68
N GLN A 92 18.34 5.01 13.68
CA GLN A 92 19.69 5.53 13.46
C GLN A 92 20.56 5.34 14.70
N SER A 93 21.76 4.81 14.49
CA SER A 93 22.70 4.59 15.58
C SER A 93 24.07 5.16 15.27
N GLY A 94 24.08 6.24 14.49
CA GLY A 94 25.33 6.88 14.12
C GLY A 94 25.91 7.73 15.24
N PRO A 95 27.06 7.34 15.81
CA PRO A 95 27.69 8.09 16.90
C PRO A 95 27.95 9.55 16.53
N SER A 96 28.39 9.77 15.30
CA SER A 96 28.66 11.12 14.82
C SER A 96 27.38 11.86 14.50
N SER A 97 26.42 11.15 13.91
CA SER A 97 25.13 11.74 13.56
C SER A 97 24.40 12.25 14.79
N GLY A 98 23.30 12.95 14.58
CA GLY A 98 22.53 13.48 15.69
C GLY A 98 23.14 14.74 16.27
#